data_3WIN
#
_entry.id   3WIN
#
_cell.length_a   324.726
_cell.length_b   324.726
_cell.length_c   117.588
_cell.angle_alpha   90.00
_cell.angle_beta   90.00
_cell.angle_gamma   120.00
#
_symmetry.space_group_name_H-M   'P 63 2 2'
#
loop_
_entity.id
_entity.type
_entity.pdbx_description
1 polymer HA3
2 polymer HA3
3 polymer '17 kD hemagglutinin component'
4 polymer HA1
5 water water
#
loop_
_entity_poly.entity_id
_entity_poly.type
_entity_poly.pdbx_seq_one_letter_code
_entity_poly.pdbx_strand_id
1 'polypeptide(L)'
;MASWSHPQFEKGALEVLFQGPGYQYSDTIDLADGNYVVSRGDGWILSRQNQILGGSVISNGSTGIVGDLRVNDNAIPYYY
PTPSFNEEYIKNNIQTVFANFTEANQIPIGFEFSKTAPSNKNLYMYLQYTYIRYEIIKVLQHEIIERAVLYVPSLGYVKS
IEFNPGEKINKDFYFLTNDKCILNEQFLYKKILE
;
D
2 'polypeptide(L)'
;NNIFNSKVSSTQRVLPYSNGLYVINKGDGYIRTNDKDLIGTLLIEAGSSGSIIQPRLRNTTRPLFTTSNDAKFSQQYTEE
RLKDAFNVQLFNTSTSLFKFVEEAPSNKNICIKAYNTYEKYELIDYQNGSIVNKAEYYLPSLGYCEVTNAPSPESEVVKT
QVAEDGFIQNGPEEEIVVGVIDPSENIQEINTAISDNYTYNIPGIVNNNPFYILFTVNTTGIYKINAQNNLPSLKIYEAI
GSGNRNFQSGNLCDDDIKAINYITGFDSPNAKSYLVVLLNKDKNYYIRVPQTSSNIENQIKFKREEGDLRNLMNSSVNII
DNLNSTGAHYYTRQSPDVHDYISYEFTIPGNFNNKDTSNIRLYTSYNQGIGTLFRVTETIDGYNLINIQQNLNLLNSTKS
IRLLNGAIYILKVEVTELNNYNIKLHIDITN
;
E
3 'polypeptide(L)'
;MGSSHHHHHHSSGLVPRGSHMASSAERTFLPNGNYNIKSIFSGSLYLSPVSGSLTFSNESSANNQKWNVEYMAENRCFKI
SNVAEPNKYLSYDNFGFISLDSLSNRCYWFPIKIAVNTYIMLSLNKVNELDYAWDIYDTNENILSQPLLLLPNFDIYNSN
QMFKLEKI
;
C
4 'polypeptide(L)'
;MASWSHPQFEKGALEVLFQGPGYPDDDDIQNSLNDKIVTISCKANTDLFFYQVPGNGNVSLFQQTRNYLERWRIIYDSNK
AAYKIKSMNIYNTNLVLTWNAPTHNISAQQDSNADNQYWLLLKDIGNNSFIIASYKNPNLVLYADTVARNLKLSTLNNSS
YIKFIIEDYVISDFKNFTCRISPILAGGKVVQQVSMTNLAVNLYIWNNDLNQKWTIIYNEEKAAYQFFNKILSNGVLTWI
FSDGNTVRVSSSAQNNDAQYWLINPVSDNYDRYTITNLRDKTKVLDLYGGQTADGTTIQVFNSNGGDNQIWTMSNP
;
A,B
#
# COMPACT_ATOMS: atom_id res chain seq x y z
N THR A 28 68.17 -52.45 -31.35
CA THR A 28 67.23 -52.29 -32.52
C THR A 28 65.88 -51.78 -32.02
N ILE A 29 65.61 -50.47 -32.13
CA ILE A 29 64.46 -49.87 -31.45
C ILE A 29 63.52 -49.18 -32.40
N ASP A 30 62.22 -49.39 -32.22
CA ASP A 30 61.21 -49.04 -33.24
C ASP A 30 60.89 -47.54 -33.32
N LEU A 31 61.79 -46.78 -33.94
CA LEU A 31 61.59 -45.35 -34.14
C LEU A 31 62.00 -44.87 -35.53
N ALA A 32 61.43 -43.73 -35.92
CA ALA A 32 61.70 -43.14 -37.22
C ALA A 32 63.12 -42.62 -37.27
N ASP A 33 63.78 -42.80 -38.40
CA ASP A 33 65.13 -42.26 -38.56
C ASP A 33 65.22 -40.85 -37.98
N GLY A 34 66.28 -40.61 -37.21
CA GLY A 34 66.51 -39.27 -36.68
C GLY A 34 67.08 -39.25 -35.27
N ASN A 35 67.18 -38.05 -34.70
CA ASN A 35 67.81 -37.86 -33.41
C ASN A 35 66.76 -37.73 -32.36
N TYR A 36 66.94 -38.47 -31.28
CA TYR A 36 65.99 -38.39 -30.18
C TYR A 36 66.70 -38.01 -28.91
N VAL A 37 65.96 -37.31 -28.05
CA VAL A 37 66.45 -36.92 -26.74
C VAL A 37 65.78 -37.89 -25.75
N VAL A 38 66.51 -38.37 -24.76
CA VAL A 38 65.99 -39.47 -23.94
C VAL A 38 66.35 -39.34 -22.48
N SER A 39 65.35 -39.55 -21.64
CA SER A 39 65.55 -39.63 -20.21
C SER A 39 65.39 -41.06 -19.86
N ARG A 40 66.42 -41.63 -19.25
CA ARG A 40 66.29 -42.89 -18.52
C ARG A 40 66.02 -42.40 -17.13
N GLY A 41 66.10 -43.24 -16.13
CA GLY A 41 65.64 -42.84 -14.79
C GLY A 41 66.27 -41.67 -14.03
N ASP A 42 65.64 -41.33 -12.92
CA ASP A 42 66.38 -40.86 -11.78
C ASP A 42 66.96 -42.16 -11.18
N GLY A 43 68.00 -42.05 -10.37
CA GLY A 43 68.44 -43.16 -9.52
C GLY A 43 69.65 -43.92 -10.03
N TRP A 44 70.32 -43.34 -11.02
CA TRP A 44 71.54 -43.91 -11.54
C TRP A 44 72.68 -43.72 -10.58
N ILE A 45 73.63 -44.65 -10.62
CA ILE A 45 74.85 -44.57 -9.82
C ILE A 45 75.99 -45.10 -10.64
N LEU A 46 77.21 -44.62 -10.38
CA LEU A 46 78.30 -44.80 -11.36
C LEU A 46 79.40 -45.78 -10.95
N SER A 47 79.94 -46.48 -11.95
CA SER A 47 80.99 -47.47 -11.75
C SER A 47 82.07 -46.86 -10.89
N ARG A 48 82.51 -47.64 -9.90
CA ARG A 48 83.66 -47.36 -9.02
C ARG A 48 83.46 -46.23 -7.99
N GLN A 49 82.32 -45.57 -8.02
CA GLN A 49 82.20 -44.35 -7.28
C GLN A 49 81.51 -44.54 -5.92
N ASN A 50 81.04 -45.73 -5.62
CA ASN A 50 80.64 -45.99 -4.23
C ASN A 50 81.85 -45.78 -3.29
N GLN A 51 81.61 -45.07 -2.20
CA GLN A 51 82.60 -44.84 -1.11
C GLN A 51 83.49 -43.60 -1.21
N ILE A 52 83.53 -42.95 -2.36
CA ILE A 52 84.24 -41.70 -2.50
C ILE A 52 83.93 -40.70 -1.36
N LEU A 53 82.67 -40.61 -0.97
CA LEU A 53 82.22 -39.59 -0.03
C LEU A 53 82.56 -39.96 1.40
N GLY A 54 82.85 -41.24 1.58
CA GLY A 54 83.16 -41.77 2.86
C GLY A 54 81.93 -42.50 3.27
N GLY A 55 81.98 -43.01 4.50
CA GLY A 55 80.91 -43.77 5.13
C GLY A 55 81.12 -43.78 6.64
N SER A 56 80.02 -43.87 7.38
CA SER A 56 80.15 -43.90 8.85
C SER A 56 79.80 -45.29 9.40
N VAL A 57 80.46 -45.66 10.50
CA VAL A 57 80.23 -46.95 11.10
C VAL A 57 79.65 -46.70 12.47
N ILE A 58 78.51 -47.33 12.76
CA ILE A 58 77.79 -47.08 14.02
C ILE A 58 77.47 -48.40 14.64
N SER A 59 77.46 -48.43 15.97
CA SER A 59 77.40 -49.68 16.73
C SER A 59 76.28 -49.75 17.75
N ASN A 60 75.78 -50.96 18.00
CA ASN A 60 74.89 -51.29 19.13
C ASN A 60 73.71 -50.36 19.36
N GLY A 61 72.80 -50.30 18.39
CA GLY A 61 71.54 -49.61 18.58
C GLY A 61 71.62 -48.13 18.89
N SER A 62 72.71 -47.49 18.46
CA SER A 62 72.73 -46.05 18.29
C SER A 62 72.29 -45.82 16.87
N THR A 63 72.13 -44.55 16.52
CA THR A 63 71.59 -44.23 15.23
C THR A 63 72.51 -43.33 14.46
N GLY A 64 72.64 -43.63 13.18
CA GLY A 64 73.52 -42.85 12.31
C GLY A 64 72.68 -42.08 11.33
N ILE A 65 73.13 -40.87 11.02
CA ILE A 65 72.42 -40.04 10.08
C ILE A 65 73.45 -39.39 9.18
N VAL A 66 73.57 -39.88 7.95
CA VAL A 66 74.48 -39.22 7.02
C VAL A 66 73.60 -38.52 6.00
N GLY A 67 74.13 -37.42 5.49
CA GLY A 67 73.42 -36.60 4.54
C GLY A 67 74.31 -35.62 3.82
N ASP A 68 73.71 -34.84 2.94
CA ASP A 68 74.49 -34.00 2.07
C ASP A 68 73.73 -32.74 1.65
N LEU A 69 74.40 -31.95 0.83
CA LEU A 69 73.83 -30.71 0.39
C LEU A 69 73.99 -30.53 -1.09
N ARG A 70 74.62 -29.45 -1.51
CA ARG A 70 74.76 -29.26 -2.93
C ARG A 70 75.14 -27.86 -3.33
N VAL A 71 76.41 -27.55 -3.25
CA VAL A 71 76.91 -26.27 -3.73
C VAL A 71 77.08 -26.39 -5.23
N ASN A 72 78.33 -26.43 -5.67
CA ASN A 72 78.58 -26.66 -7.07
C ASN A 72 79.75 -27.59 -7.23
N ASP A 73 79.62 -28.68 -6.50
CA ASP A 73 80.43 -29.88 -6.62
C ASP A 73 79.46 -31.00 -6.98
N ASN A 74 78.61 -31.40 -6.02
CA ASN A 74 77.50 -32.35 -6.23
C ASN A 74 76.89 -31.94 -7.57
N ALA A 75 76.88 -30.62 -7.80
CA ALA A 75 76.20 -29.97 -8.91
C ALA A 75 76.71 -30.33 -10.28
N ILE A 76 77.95 -30.79 -10.36
CA ILE A 76 78.59 -31.05 -11.64
C ILE A 76 77.88 -32.19 -12.39
N PRO A 77 77.60 -31.98 -13.67
CA PRO A 77 77.11 -33.06 -14.48
C PRO A 77 78.25 -33.63 -15.32
N TYR A 78 78.10 -34.90 -15.65
CA TYR A 78 79.15 -35.61 -16.35
C TYR A 78 78.62 -35.82 -17.76
N TYR A 79 79.42 -35.38 -18.74
CA TYR A 79 79.09 -35.47 -20.17
C TYR A 79 79.97 -36.50 -20.89
N TYR A 80 79.33 -37.32 -21.70
CA TYR A 80 79.97 -38.30 -22.52
C TYR A 80 79.44 -38.04 -23.93
N PRO A 81 80.15 -37.18 -24.66
CA PRO A 81 79.63 -36.70 -25.92
C PRO A 81 80.13 -37.58 -26.99
N THR A 82 79.55 -37.45 -28.19
CA THR A 82 80.03 -38.07 -29.41
C THR A 82 80.27 -37.00 -30.46
N PRO A 83 81.08 -37.33 -31.48
CA PRO A 83 81.05 -36.57 -32.72
C PRO A 83 79.60 -36.41 -33.15
N SER A 84 79.21 -35.19 -33.53
CA SER A 84 77.82 -34.87 -33.87
C SER A 84 76.93 -34.50 -32.64
N PHE A 85 77.31 -34.94 -31.44
CA PHE A 85 76.57 -34.57 -30.23
C PHE A 85 77.49 -33.95 -29.18
N ASN A 86 77.84 -32.68 -29.40
CA ASN A 86 78.78 -31.97 -28.55
C ASN A 86 78.12 -31.53 -27.24
N GLU A 87 78.92 -31.13 -26.25
CA GLU A 87 78.41 -30.89 -24.90
C GLU A 87 77.17 -29.96 -24.96
N GLU A 88 77.40 -28.73 -25.40
CA GLU A 88 76.35 -27.76 -25.72
C GLU A 88 75.08 -28.40 -26.34
N TYR A 89 75.21 -29.03 -27.51
CA TYR A 89 74.08 -29.71 -28.13
C TYR A 89 73.29 -30.49 -27.09
N ILE A 90 73.99 -31.31 -26.31
CA ILE A 90 73.35 -32.19 -25.34
C ILE A 90 72.63 -31.32 -24.33
N LYS A 91 73.39 -30.44 -23.67
CA LYS A 91 72.83 -29.58 -22.62
C LYS A 91 71.56 -28.92 -23.11
N ASN A 92 71.68 -28.16 -24.18
CA ASN A 92 70.57 -27.37 -24.68
C ASN A 92 69.40 -28.29 -24.88
N ASN A 93 69.63 -29.36 -25.62
CA ASN A 93 68.54 -30.20 -26.07
C ASN A 93 67.77 -30.93 -25.02
N ILE A 94 68.38 -31.24 -23.88
CA ILE A 94 67.62 -31.92 -22.82
C ILE A 94 67.03 -30.92 -21.85
N GLN A 95 67.63 -29.75 -21.74
CA GLN A 95 67.04 -28.70 -20.90
C GLN A 95 65.78 -28.09 -21.52
N THR A 96 65.61 -28.25 -22.84
CA THR A 96 64.40 -27.76 -23.50
C THR A 96 63.20 -28.64 -23.22
N VAL A 97 63.47 -29.92 -22.99
CA VAL A 97 62.42 -30.90 -22.79
C VAL A 97 62.19 -31.17 -21.32
N PHE A 98 63.29 -31.38 -20.60
CA PHE A 98 63.27 -31.86 -19.23
C PHE A 98 63.76 -30.83 -18.22
N ALA A 99 63.72 -31.25 -16.97
CA ALA A 99 64.32 -30.53 -15.87
C ALA A 99 65.51 -29.73 -16.30
N ASN A 100 65.40 -28.42 -16.26
CA ASN A 100 66.54 -27.58 -16.53
C ASN A 100 67.45 -27.56 -15.32
N PHE A 101 68.67 -28.07 -15.45
CA PHE A 101 69.54 -28.28 -14.30
C PHE A 101 70.47 -27.11 -13.97
N THR A 102 71.13 -26.53 -14.97
CA THR A 102 72.06 -25.43 -14.69
C THR A 102 71.39 -24.37 -13.83
N GLU A 103 70.17 -23.98 -14.22
CA GLU A 103 69.30 -23.11 -13.39
C GLU A 103 69.04 -23.68 -12.02
N ALA A 104 68.58 -24.93 -11.97
CA ALA A 104 68.03 -25.51 -10.73
C ALA A 104 69.08 -25.81 -9.66
N ASN A 105 70.25 -26.33 -10.06
CA ASN A 105 71.31 -26.69 -9.10
C ASN A 105 72.18 -25.53 -8.68
N GLN A 106 71.62 -24.33 -8.74
CA GLN A 106 72.23 -23.19 -8.11
C GLN A 106 71.61 -23.03 -6.73
N ILE A 107 70.36 -23.45 -6.53
CA ILE A 107 69.75 -23.31 -5.21
C ILE A 107 70.01 -24.59 -4.43
N PRO A 108 70.55 -24.48 -3.23
CA PRO A 108 70.89 -25.72 -2.60
C PRO A 108 69.66 -26.43 -2.14
N ILE A 109 69.77 -27.76 -2.17
CA ILE A 109 68.79 -28.72 -1.72
C ILE A 109 69.52 -29.75 -0.91
N GLY A 110 68.89 -30.25 0.14
CA GLY A 110 69.52 -31.25 1.00
C GLY A 110 68.84 -32.61 0.94
N PHE A 111 69.52 -33.61 1.48
CA PHE A 111 68.95 -34.93 1.68
C PHE A 111 69.77 -35.68 2.71
N GLU A 112 69.12 -36.54 3.48
CA GLU A 112 69.79 -37.33 4.50
C GLU A 112 69.08 -38.65 4.82
N PHE A 113 69.78 -39.58 5.43
CA PHE A 113 69.26 -40.88 5.78
C PHE A 113 69.56 -41.22 7.23
N SER A 114 68.68 -41.99 7.89
CA SER A 114 68.84 -42.25 9.31
C SER A 114 68.72 -43.72 9.63
N LYS A 115 69.86 -44.41 9.71
CA LYS A 115 69.88 -45.86 10.00
C LYS A 115 70.24 -46.18 11.44
N THR A 116 69.38 -46.96 12.12
CA THR A 116 69.68 -47.39 13.49
C THR A 116 70.18 -48.81 13.47
N ALA A 117 71.18 -49.10 14.29
CA ALA A 117 71.83 -50.40 14.27
C ALA A 117 71.09 -51.39 15.15
N PRO A 118 71.21 -52.69 14.84
CA PRO A 118 70.72 -53.67 15.81
C PRO A 118 71.55 -53.58 17.09
N SER A 119 71.18 -54.36 18.12
CA SER A 119 71.86 -54.25 19.43
C SER A 119 72.96 -55.29 19.65
N ASN A 120 72.83 -56.44 18.99
CA ASN A 120 73.86 -57.47 19.06
C ASN A 120 75.16 -57.01 18.40
N LYS A 121 75.09 -56.62 17.13
CA LYS A 121 76.28 -56.34 16.31
C LYS A 121 76.22 -54.90 15.80
N ASN A 122 77.26 -54.49 15.08
CA ASN A 122 77.39 -53.11 14.61
C ASN A 122 77.38 -53.02 13.09
N LEU A 123 77.17 -51.81 12.55
CA LEU A 123 76.95 -51.70 11.11
C LEU A 123 77.61 -50.51 10.43
N TYR A 124 77.77 -50.68 9.11
CA TYR A 124 78.47 -49.74 8.23
C TYR A 124 77.58 -49.23 7.12
N MET A 125 77.51 -47.91 7.00
CA MET A 125 76.69 -47.28 5.99
C MET A 125 77.50 -46.22 5.28
N TYR A 126 77.41 -46.24 3.94
CA TYR A 126 78.13 -45.27 3.12
C TYR A 126 77.27 -44.58 2.04
N LEU A 127 77.64 -43.34 1.72
CA LEU A 127 76.84 -42.47 0.91
C LEU A 127 77.31 -42.50 -0.54
N GLN A 128 76.34 -42.56 -1.45
CA GLN A 128 76.58 -42.55 -2.89
C GLN A 128 75.61 -41.63 -3.66
N TYR A 129 76.16 -40.80 -4.55
CA TYR A 129 75.32 -39.82 -5.23
C TYR A 129 74.52 -40.48 -6.34
N THR A 130 73.19 -40.26 -6.35
CA THR A 130 72.39 -40.64 -7.51
C THR A 130 72.30 -39.56 -8.59
N TYR A 131 72.09 -40.03 -9.80
CA TYR A 131 72.02 -39.19 -10.98
C TYR A 131 70.82 -39.54 -11.85
N ILE A 132 70.38 -38.54 -12.61
CA ILE A 132 69.50 -38.79 -13.75
C ILE A 132 70.39 -39.11 -14.94
N ARG A 133 69.96 -40.08 -15.74
CA ARG A 133 70.66 -40.43 -16.98
C ARG A 133 69.88 -39.88 -18.17
N TYR A 134 70.37 -38.80 -18.75
CA TYR A 134 69.87 -38.35 -20.04
C TYR A 134 70.81 -38.93 -21.09
N GLU A 135 70.29 -39.20 -22.29
CA GLU A 135 71.14 -39.57 -23.43
C GLU A 135 70.47 -39.07 -24.69
N ILE A 136 71.25 -38.87 -25.75
CA ILE A 136 70.65 -38.47 -27.03
C ILE A 136 71.18 -39.31 -28.17
N ILE A 137 70.26 -39.78 -29.03
CA ILE A 137 70.50 -40.96 -29.85
C ILE A 137 70.19 -40.74 -31.33
N LYS A 138 71.10 -41.20 -32.21
CA LYS A 138 70.82 -41.19 -33.64
C LYS A 138 70.26 -42.54 -34.00
N VAL A 139 69.08 -42.54 -34.62
CA VAL A 139 68.41 -43.75 -35.07
C VAL A 139 68.39 -43.75 -36.59
N LEU A 140 68.67 -44.91 -37.15
CA LEU A 140 68.68 -45.09 -38.61
C LEU A 140 68.36 -46.55 -38.86
N GLN A 141 67.21 -46.81 -39.48
CA GLN A 141 66.84 -48.17 -39.88
C GLN A 141 66.34 -48.94 -38.66
N HIS A 142 65.49 -48.29 -37.87
CA HIS A 142 64.96 -48.89 -36.64
C HIS A 142 66.14 -49.44 -35.76
N GLU A 143 67.34 -48.87 -35.94
CA GLU A 143 68.58 -49.24 -35.22
C GLU A 143 69.29 -47.98 -34.65
N ILE A 144 69.88 -48.10 -33.46
CA ILE A 144 70.64 -47.01 -32.83
C ILE A 144 72.12 -46.99 -33.25
N ILE A 145 72.47 -46.09 -34.13
CA ILE A 145 73.84 -45.96 -34.60
C ILE A 145 74.75 -45.14 -33.64
N GLU A 146 74.19 -44.29 -32.78
CA GLU A 146 75.01 -43.37 -31.98
C GLU A 146 74.30 -42.82 -30.74
N ARG A 147 75.07 -42.70 -29.67
CA ARG A 147 74.52 -42.31 -28.40
C ARG A 147 75.51 -41.52 -27.56
N ALA A 148 75.09 -40.32 -27.16
CA ALA A 148 75.82 -39.49 -26.24
C ALA A 148 75.02 -39.48 -24.94
N VAL A 149 75.71 -39.22 -23.83
CA VAL A 149 75.14 -39.44 -22.53
C VAL A 149 75.47 -38.34 -21.57
N LEU A 150 74.49 -37.93 -20.79
CA LEU A 150 74.72 -36.97 -19.73
C LEU A 150 74.16 -37.50 -18.40
N TYR A 151 75.00 -37.48 -17.36
CA TYR A 151 74.55 -37.78 -16.00
C TYR A 151 74.50 -36.45 -15.25
N VAL A 152 73.31 -36.00 -14.91
CA VAL A 152 73.20 -34.82 -14.08
C VAL A 152 72.72 -35.32 -12.74
N PRO A 153 73.33 -34.84 -11.66
CA PRO A 153 73.15 -35.32 -10.31
C PRO A 153 71.79 -35.00 -9.78
N SER A 154 71.14 -36.00 -9.14
CA SER A 154 69.84 -35.78 -8.49
C SER A 154 70.13 -35.64 -7.01
N LEU A 155 69.83 -36.66 -6.20
CA LEU A 155 70.16 -36.66 -4.76
C LEU A 155 71.17 -37.79 -4.43
N GLY A 156 70.97 -38.53 -3.34
CA GLY A 156 71.85 -39.66 -3.00
C GLY A 156 71.21 -40.98 -2.60
N TYR A 157 72.02 -41.82 -1.99
CA TYR A 157 71.61 -43.16 -1.64
C TYR A 157 72.62 -43.75 -0.66
N VAL A 158 72.15 -44.35 0.43
CA VAL A 158 73.07 -45.02 1.34
C VAL A 158 72.81 -46.52 1.41
N LYS A 159 73.89 -47.27 1.61
CA LYS A 159 73.89 -48.71 1.71
C LYS A 159 74.35 -49.15 3.09
N SER A 160 73.53 -49.94 3.77
CA SER A 160 73.83 -50.36 5.13
C SER A 160 74.39 -51.76 5.03
N ILE A 161 75.23 -52.15 5.99
CA ILE A 161 75.56 -53.59 6.15
C ILE A 161 76.05 -53.90 7.56
N GLU A 162 75.59 -55.04 8.09
CA GLU A 162 75.88 -55.41 9.48
C GLU A 162 77.04 -56.37 9.45
N PHE A 163 77.94 -56.26 10.42
CA PHE A 163 79.17 -57.02 10.34
C PHE A 163 79.77 -57.27 11.71
N ASN A 164 80.37 -58.45 11.88
CA ASN A 164 81.25 -58.69 13.02
C ASN A 164 82.64 -58.51 12.44
N PRO A 165 83.63 -58.16 13.28
CA PRO A 165 84.93 -57.89 12.68
C PRO A 165 85.54 -59.23 12.25
N GLY A 166 86.21 -59.25 11.11
CA GLY A 166 86.68 -60.51 10.52
C GLY A 166 85.68 -61.03 9.49
N GLU A 167 84.38 -60.87 9.75
CA GLU A 167 83.35 -61.28 8.78
C GLU A 167 83.73 -60.72 7.42
N LYS A 168 83.99 -61.62 6.47
CA LYS A 168 84.32 -61.27 5.09
C LYS A 168 83.06 -60.67 4.44
N ILE A 169 83.21 -59.59 3.68
CA ILE A 169 82.08 -58.98 2.97
C ILE A 169 82.19 -59.21 1.48
N ASN A 170 81.03 -59.36 0.86
CA ASN A 170 80.89 -59.45 -0.57
C ASN A 170 81.51 -58.24 -1.32
N LYS A 171 82.49 -58.47 -2.20
CA LYS A 171 83.13 -57.35 -2.93
C LYS A 171 82.07 -56.52 -3.67
N ASP A 172 81.03 -57.19 -4.16
CA ASP A 172 79.87 -56.53 -4.79
C ASP A 172 79.27 -55.42 -3.95
N PHE A 173 79.35 -55.54 -2.63
CA PHE A 173 78.79 -54.49 -1.74
C PHE A 173 79.53 -53.16 -1.81
N TYR A 174 80.85 -53.19 -1.91
CA TYR A 174 81.66 -51.95 -1.94
C TYR A 174 82.01 -51.45 -3.34
N PHE A 175 81.73 -52.25 -4.36
CA PHE A 175 82.20 -51.92 -5.71
C PHE A 175 81.15 -52.09 -6.81
N LEU A 176 80.69 -50.98 -7.36
CA LEU A 176 79.78 -51.03 -8.47
C LEU A 176 80.66 -51.12 -9.69
N THR A 177 80.55 -52.23 -10.39
CA THR A 177 81.48 -52.53 -11.45
C THR A 177 81.05 -51.92 -12.80
N ASN A 178 79.74 -51.73 -13.00
CA ASN A 178 79.13 -51.10 -14.20
C ASN A 178 77.94 -50.20 -13.86
N ASP A 179 77.89 -48.99 -14.43
CA ASP A 179 76.77 -48.04 -14.12
C ASP A 179 75.45 -48.76 -14.06
N LYS A 180 74.55 -48.30 -13.21
CA LYS A 180 73.22 -48.90 -13.12
C LYS A 180 72.24 -47.94 -12.49
N CYS A 181 70.95 -48.27 -12.62
CA CYS A 181 69.89 -47.55 -11.92
C CYS A 181 69.43 -48.37 -10.73
N ILE A 182 69.40 -47.75 -9.55
CA ILE A 182 68.98 -48.45 -8.31
C ILE A 182 67.48 -48.42 -8.17
N LEU A 183 66.85 -47.57 -8.97
CA LEU A 183 65.43 -47.63 -9.24
C LEU A 183 65.27 -48.30 -10.58
N ASN A 184 64.03 -48.47 -11.03
CA ASN A 184 63.79 -49.07 -12.34
C ASN A 184 64.13 -48.03 -13.36
N GLU A 185 64.48 -48.47 -14.55
CA GLU A 185 64.92 -47.54 -15.56
C GLU A 185 63.67 -46.90 -16.09
N GLN A 186 63.83 -46.01 -17.05
CA GLN A 186 62.74 -45.73 -17.97
C GLN A 186 63.29 -45.28 -19.30
N PHE A 187 62.40 -44.99 -20.25
CA PHE A 187 62.82 -44.52 -21.55
C PHE A 187 61.83 -43.46 -22.05
N LEU A 188 62.03 -42.22 -21.61
CA LEU A 188 61.16 -41.10 -21.98
C LEU A 188 61.80 -40.33 -23.13
N TYR A 189 61.10 -40.16 -24.25
CA TYR A 189 61.77 -39.63 -25.45
C TYR A 189 61.00 -38.56 -26.23
N LYS A 190 61.77 -37.75 -26.97
CA LYS A 190 61.23 -36.70 -27.82
C LYS A 190 62.11 -36.65 -29.04
N LYS A 191 61.51 -36.46 -30.20
CA LYS A 191 62.29 -36.27 -31.43
C LYS A 191 62.91 -34.87 -31.46
N ILE A 192 64.16 -34.78 -31.90
CA ILE A 192 64.86 -33.50 -32.02
C ILE A 192 64.51 -32.90 -33.39
N LEU A 193 63.97 -31.69 -33.40
CA LEU A 193 63.22 -31.20 -34.57
C LEU A 193 64.03 -30.55 -35.68
N GLU A 194 63.40 -30.51 -36.86
CA GLU A 194 63.88 -29.81 -38.06
C GLU A 194 62.77 -28.95 -38.68
N ARG B 13 28.03 -21.81 -15.32
CA ARG B 13 28.67 -21.56 -16.61
C ARG B 13 28.46 -20.12 -17.06
N VAL B 14 27.35 -19.52 -16.63
CA VAL B 14 27.03 -18.16 -17.01
C VAL B 14 28.05 -17.15 -16.49
N LEU B 15 28.49 -17.35 -15.26
CA LEU B 15 29.57 -16.53 -14.70
C LEU B 15 29.36 -15.02 -14.78
N PRO B 16 28.12 -14.53 -14.28
CA PRO B 16 28.02 -13.07 -14.35
C PRO B 16 29.03 -12.42 -13.42
N TYR B 17 29.67 -11.34 -13.87
CA TYR B 17 30.68 -10.65 -13.09
C TYR B 17 30.75 -9.22 -13.61
N SER B 18 30.56 -8.24 -12.74
CA SER B 18 30.36 -6.85 -13.24
C SER B 18 31.68 -6.30 -13.73
N ASN B 19 31.74 -6.13 -15.04
CA ASN B 19 32.99 -6.21 -15.74
C ASN B 19 34.15 -5.39 -15.20
N GLY B 20 35.33 -5.97 -15.30
CA GLY B 20 36.53 -5.35 -14.83
C GLY B 20 37.62 -6.35 -14.57
N LEU B 21 38.39 -6.11 -13.51
CA LEU B 21 39.58 -6.87 -13.21
C LEU B 21 39.28 -7.84 -12.11
N TYR B 22 39.75 -9.08 -12.28
CA TYR B 22 39.61 -10.13 -11.29
C TYR B 22 40.86 -11.00 -11.25
N VAL B 23 41.39 -11.23 -10.06
CA VAL B 23 42.46 -12.23 -9.91
C VAL B 23 41.90 -13.41 -9.10
N ILE B 24 42.04 -14.59 -9.70
CA ILE B 24 41.62 -15.87 -9.15
C ILE B 24 42.78 -16.73 -8.65
N ASN B 25 42.52 -17.51 -7.61
CA ASN B 25 43.49 -18.47 -7.12
C ASN B 25 43.04 -19.84 -7.53
N LYS B 26 43.58 -20.32 -8.65
CA LYS B 26 43.16 -21.60 -9.22
C LYS B 26 43.76 -22.81 -8.52
N GLY B 27 44.57 -22.60 -7.49
CA GLY B 27 44.93 -23.70 -6.56
C GLY B 27 46.39 -23.88 -6.25
N ASP B 28 46.70 -24.83 -5.37
CA ASP B 28 48.08 -25.08 -4.97
C ASP B 28 48.62 -26.37 -5.63
N GLY B 29 49.86 -26.72 -5.28
CA GLY B 29 50.44 -28.00 -5.62
C GLY B 29 50.59 -28.26 -7.10
N TYR B 30 50.68 -27.20 -7.91
CA TYR B 30 50.86 -27.39 -9.36
C TYR B 30 52.28 -27.76 -9.68
N ILE B 31 52.42 -28.71 -10.60
CA ILE B 31 53.72 -29.01 -11.13
C ILE B 31 53.67 -29.09 -12.63
N ARG B 32 54.83 -28.95 -13.24
CA ARG B 32 54.95 -29.11 -14.66
C ARG B 32 55.22 -30.57 -15.06
N THR B 33 54.76 -30.86 -16.28
CA THR B 33 54.83 -32.18 -16.86
C THR B 33 56.27 -32.56 -17.09
N ASN B 34 56.52 -33.85 -17.28
CA ASN B 34 57.89 -34.35 -17.53
C ASN B 34 58.90 -34.02 -16.44
N ASP B 35 58.42 -33.92 -15.20
CA ASP B 35 59.30 -33.79 -14.08
C ASP B 35 60.23 -32.62 -14.38
N LYS B 36 59.74 -31.52 -14.92
CA LYS B 36 60.60 -30.35 -15.07
C LYS B 36 60.84 -29.83 -13.68
N ASP B 37 59.98 -30.23 -12.76
CA ASP B 37 59.98 -29.66 -11.42
C ASP B 37 60.33 -30.65 -10.31
N LEU B 38 60.90 -31.79 -10.65
CA LEU B 38 61.20 -32.73 -9.59
C LEU B 38 62.52 -32.36 -8.96
N ILE B 39 62.56 -32.40 -7.63
CA ILE B 39 63.78 -32.15 -6.89
C ILE B 39 64.61 -33.41 -7.01
N GLY B 40 63.96 -34.56 -6.83
CA GLY B 40 64.64 -35.86 -6.94
C GLY B 40 64.00 -36.97 -6.11
N THR B 41 64.16 -38.21 -6.53
CA THR B 41 63.70 -39.35 -5.78
C THR B 41 64.85 -39.92 -5.06
N LEU B 42 64.65 -40.27 -3.80
CA LEU B 42 65.68 -41.03 -3.08
C LEU B 42 65.04 -42.29 -2.54
N LEU B 43 65.81 -43.38 -2.39
CA LEU B 43 65.22 -44.69 -2.06
C LEU B 43 65.71 -45.26 -0.74
N ILE B 44 64.73 -45.64 0.10
CA ILE B 44 64.96 -45.84 1.52
C ILE B 44 64.98 -47.31 1.84
N GLU B 45 66.12 -47.84 2.21
CA GLU B 45 66.25 -49.28 2.47
C GLU B 45 65.41 -49.62 3.68
N ALA B 46 64.69 -50.74 3.62
CA ALA B 46 63.73 -51.12 4.68
C ALA B 46 64.38 -50.90 6.02
N GLY B 47 63.65 -50.28 6.94
CA GLY B 47 64.15 -50.01 8.27
C GLY B 47 65.11 -48.83 8.41
N SER B 48 65.39 -48.09 7.35
CA SER B 48 66.02 -46.78 7.51
C SER B 48 64.93 -45.75 7.32
N SER B 49 65.29 -44.48 7.47
CA SER B 49 64.39 -43.34 7.20
C SER B 49 65.16 -42.34 6.39
N GLY B 50 64.47 -41.56 5.58
CA GLY B 50 65.16 -40.57 4.74
C GLY B 50 64.33 -39.37 4.35
N SER B 51 64.90 -38.19 4.48
CA SER B 51 64.20 -36.97 4.12
C SER B 51 64.80 -36.25 2.91
N ILE B 52 64.03 -35.33 2.34
CA ILE B 52 64.52 -34.39 1.32
C ILE B 52 64.20 -32.97 1.78
N ILE B 53 65.21 -32.13 1.86
CA ILE B 53 65.06 -30.85 2.49
C ILE B 53 65.27 -29.71 1.53
N GLN B 54 64.39 -28.71 1.61
CA GLN B 54 64.63 -27.40 1.01
C GLN B 54 64.96 -26.50 2.16
N PRO B 55 66.25 -26.20 2.37
CA PRO B 55 66.61 -25.51 3.60
C PRO B 55 66.53 -24.01 3.50
N ARG B 56 66.43 -23.50 2.28
CA ARG B 56 66.58 -22.06 2.02
C ARG B 56 67.95 -21.52 2.41
N LEU B 57 68.99 -22.29 2.14
CA LEU B 57 70.35 -21.76 2.22
C LEU B 57 70.40 -20.52 1.34
N ARG B 58 69.80 -20.63 0.16
CA ARG B 58 69.68 -19.51 -0.75
C ARG B 58 68.21 -19.24 -1.02
N ASN B 59 67.79 -18.00 -0.83
CA ASN B 59 66.41 -17.60 -0.96
C ASN B 59 65.78 -17.71 -2.34
N THR B 60 66.53 -17.38 -3.38
CA THR B 60 65.94 -17.09 -4.68
C THR B 60 65.14 -18.25 -5.23
N THR B 61 63.99 -17.92 -5.81
CA THR B 61 63.08 -18.88 -6.40
C THR B 61 62.54 -18.34 -7.70
N ARG B 62 62.09 -19.21 -8.58
CA ARG B 62 61.59 -18.78 -9.87
C ARG B 62 60.10 -19.05 -10.05
N PRO B 63 59.33 -17.99 -10.25
CA PRO B 63 57.94 -18.10 -10.70
C PRO B 63 57.90 -18.15 -12.19
N LEU B 64 56.76 -18.60 -12.70
CA LEU B 64 56.55 -18.83 -14.10
C LEU B 64 55.37 -17.96 -14.48
N PHE B 65 55.43 -17.31 -15.64
CA PHE B 65 54.39 -16.33 -16.01
C PHE B 65 54.18 -16.22 -17.51
N THR B 66 52.92 -16.18 -17.90
CA THR B 66 52.50 -16.20 -19.30
C THR B 66 51.25 -15.33 -19.43
N THR B 67 51.19 -14.53 -20.49
CA THR B 67 50.12 -13.54 -20.62
C THR B 67 49.67 -13.35 -22.06
N SER B 68 48.38 -13.06 -22.22
CA SER B 68 47.84 -12.70 -23.53
C SER B 68 48.41 -11.38 -24.02
N ASN B 69 48.53 -10.40 -23.12
CA ASN B 69 49.11 -9.11 -23.48
C ASN B 69 50.26 -8.72 -22.57
N ASP B 70 51.45 -8.57 -23.15
CA ASP B 70 52.58 -8.02 -22.43
C ASP B 70 52.37 -6.55 -22.10
N ALA B 71 51.82 -5.83 -23.06
CA ALA B 71 51.64 -4.39 -22.96
C ALA B 71 50.68 -4.00 -21.82
N LYS B 72 49.61 -4.77 -21.64
CA LYS B 72 48.64 -4.47 -20.58
C LYS B 72 48.97 -5.29 -19.34
N PHE B 73 49.09 -6.60 -19.53
CA PHE B 73 49.26 -7.54 -18.42
C PHE B 73 50.70 -8.03 -18.22
N SER B 74 51.59 -7.06 -18.04
CA SER B 74 53.02 -7.29 -17.81
C SER B 74 53.24 -7.95 -16.49
N GLN B 75 54.28 -8.77 -16.41
CA GLN B 75 54.55 -9.46 -15.17
C GLN B 75 54.57 -8.52 -13.96
N GLN B 76 55.17 -7.35 -14.10
CA GLN B 76 55.26 -6.42 -12.98
C GLN B 76 53.82 -6.14 -12.50
N TYR B 77 52.95 -5.86 -13.46
CA TYR B 77 51.56 -5.48 -13.23
C TYR B 77 50.81 -6.65 -12.61
N THR B 78 50.84 -7.79 -13.29
CA THR B 78 50.14 -8.96 -12.80
C THR B 78 50.70 -9.41 -11.45
N GLU B 79 51.91 -8.99 -11.13
CA GLU B 79 52.39 -9.15 -9.76
C GLU B 79 51.64 -8.15 -8.92
N GLU B 80 51.67 -6.88 -9.28
CA GLU B 80 50.99 -5.92 -8.42
C GLU B 80 49.52 -6.33 -8.13
N ARG B 81 48.80 -6.86 -9.12
CA ARG B 81 47.41 -7.31 -8.87
C ARG B 81 47.26 -8.38 -7.78
N LEU B 82 48.29 -9.22 -7.60
CA LEU B 82 48.30 -10.16 -6.47
C LEU B 82 48.52 -9.41 -5.14
N LYS B 83 49.36 -8.37 -5.17
CA LYS B 83 49.46 -7.53 -4.02
C LYS B 83 48.06 -7.00 -3.77
N ASP B 84 47.38 -6.50 -4.79
CA ASP B 84 46.08 -5.88 -4.57
C ASP B 84 45.13 -6.92 -4.01
N ALA B 85 45.16 -8.12 -4.55
CA ALA B 85 44.14 -9.13 -4.21
C ALA B 85 44.38 -9.81 -2.90
N PHE B 86 45.60 -10.29 -2.66
CA PHE B 86 45.90 -11.07 -1.46
C PHE B 86 47.01 -10.46 -0.60
N ASN B 87 47.44 -9.24 -0.91
CA ASN B 87 48.60 -8.62 -0.27
C ASN B 87 49.77 -9.59 -0.21
N VAL B 88 50.04 -10.24 -1.34
CA VAL B 88 51.21 -11.10 -1.50
C VAL B 88 52.48 -10.29 -1.31
N GLN B 89 53.41 -10.72 -0.46
CA GLN B 89 54.61 -9.89 -0.20
C GLN B 89 55.75 -10.20 -1.17
N LEU B 90 56.15 -11.47 -1.25
CA LEU B 90 57.34 -11.87 -1.98
C LEU B 90 56.98 -12.69 -3.20
N PHE B 91 57.68 -12.43 -4.31
CA PHE B 91 57.46 -13.15 -5.58
C PHE B 91 58.56 -14.08 -6.10
N ASN B 92 59.79 -13.90 -5.65
CA ASN B 92 60.91 -14.73 -6.09
C ASN B 92 62.03 -14.78 -5.05
N THR B 93 61.63 -15.31 -3.89
CA THR B 93 62.41 -15.31 -2.66
C THR B 93 61.39 -15.83 -1.64
N SER B 94 61.66 -16.99 -1.05
CA SER B 94 60.91 -17.39 0.14
C SER B 94 61.93 -17.77 1.20
N THR B 95 61.63 -17.45 2.45
CA THR B 95 62.45 -17.80 3.61
C THR B 95 61.77 -19.00 4.29
N SER B 96 60.48 -19.17 3.98
CA SER B 96 59.69 -20.34 4.37
C SER B 96 60.15 -21.62 3.67
N LEU B 97 60.29 -22.66 4.47
CA LEU B 97 61.01 -23.84 4.03
C LEU B 97 60.21 -25.11 4.21
N PHE B 98 60.63 -26.17 3.52
CA PHE B 98 59.92 -27.43 3.58
C PHE B 98 60.82 -28.60 3.45
N LYS B 99 60.45 -29.69 4.11
CA LYS B 99 61.07 -31.02 3.94
C LYS B 99 60.02 -32.11 4.01
N PHE B 100 60.33 -33.24 3.37
CA PHE B 100 59.54 -34.47 3.46
C PHE B 100 60.40 -35.60 3.99
N VAL B 101 59.85 -36.31 4.96
CA VAL B 101 60.56 -37.41 5.56
C VAL B 101 59.70 -38.65 5.54
N GLU B 102 60.35 -39.81 5.41
CA GLU B 102 59.70 -41.13 5.44
C GLU B 102 60.57 -42.24 6.03
N GLU B 103 59.93 -43.09 6.83
CA GLU B 103 60.52 -44.34 7.29
C GLU B 103 60.00 -45.51 6.45
N ALA B 104 60.88 -46.43 6.08
CA ALA B 104 60.44 -47.64 5.41
C ALA B 104 60.09 -48.70 6.44
N PRO B 105 59.04 -49.49 6.16
CA PRO B 105 58.74 -50.67 6.97
C PRO B 105 59.91 -51.61 6.93
N SER B 106 59.93 -52.61 7.83
CA SER B 106 61.06 -53.57 7.88
C SER B 106 60.97 -54.67 6.83
N ASN B 107 59.78 -54.97 6.32
CA ASN B 107 59.59 -55.94 5.24
C ASN B 107 60.14 -55.46 3.88
N LYS B 108 59.65 -54.33 3.38
CA LYS B 108 59.99 -53.81 2.03
C LYS B 108 60.62 -52.42 2.04
N ASN B 109 61.45 -52.14 1.03
CA ASN B 109 61.96 -50.81 0.78
C ASN B 109 60.87 -49.85 0.35
N ILE B 110 61.10 -48.58 0.57
CA ILE B 110 60.13 -47.57 0.20
C ILE B 110 60.94 -46.60 -0.62
N CYS B 111 60.28 -45.76 -1.41
CA CYS B 111 60.99 -44.68 -2.02
C CYS B 111 60.14 -43.44 -2.25
N ILE B 112 60.66 -42.32 -1.72
CA ILE B 112 60.01 -41.02 -1.71
C ILE B 112 60.65 -40.07 -2.71
N LYS B 113 59.81 -39.48 -3.57
CA LYS B 113 60.24 -38.46 -4.51
C LYS B 113 59.44 -37.22 -4.29
N ALA B 114 60.09 -36.10 -4.60
CA ALA B 114 59.66 -34.77 -4.21
C ALA B 114 59.68 -33.86 -5.43
N TYR B 115 58.61 -33.09 -5.61
CA TYR B 115 58.53 -32.09 -6.67
C TYR B 115 58.35 -30.73 -6.05
N ASN B 116 59.00 -29.73 -6.63
CA ASN B 116 58.65 -28.33 -6.35
C ASN B 116 57.25 -28.06 -6.85
N THR B 117 56.58 -27.06 -6.27
CA THR B 117 55.23 -26.75 -6.75
C THR B 117 54.98 -25.28 -6.95
N TYR B 118 53.78 -25.00 -7.44
CA TYR B 118 53.29 -23.65 -7.59
C TYR B 118 51.82 -23.54 -7.20
N GLU B 119 51.48 -22.41 -6.56
CA GLU B 119 50.10 -21.92 -6.57
C GLU B 119 49.89 -21.32 -7.95
N LYS B 120 48.70 -21.47 -8.50
CA LYS B 120 48.41 -20.94 -9.84
C LYS B 120 47.39 -19.82 -9.74
N TYR B 121 47.85 -18.60 -9.98
CA TYR B 121 46.98 -17.44 -10.00
C TYR B 121 46.58 -17.13 -11.45
N GLU B 122 45.34 -16.68 -11.63
CA GLU B 122 44.83 -16.21 -12.93
C GLU B 122 44.50 -14.74 -12.77
N LEU B 123 44.89 -13.91 -13.73
CA LEU B 123 44.50 -12.50 -13.75
C LEU B 123 43.65 -12.27 -14.99
N ILE B 124 42.53 -11.58 -14.83
CA ILE B 124 41.53 -11.46 -15.91
C ILE B 124 40.94 -10.06 -16.10
N ASP B 125 40.93 -9.58 -17.35
CA ASP B 125 40.09 -8.44 -17.76
C ASP B 125 38.83 -9.11 -18.27
N TYR B 126 37.71 -8.99 -17.56
CA TYR B 126 36.47 -9.64 -17.98
C TYR B 126 35.54 -8.55 -18.35
N GLN B 127 35.64 -8.07 -19.58
CA GLN B 127 34.82 -6.95 -20.03
C GLN B 127 33.64 -7.50 -20.79
N ASN B 128 32.51 -7.52 -20.10
CA ASN B 128 31.24 -7.44 -20.76
C ASN B 128 30.85 -8.74 -21.43
N GLY B 129 30.95 -9.83 -20.67
CA GLY B 129 30.57 -11.14 -21.12
C GLY B 129 31.74 -12.07 -21.38
N SER B 130 32.89 -11.51 -21.73
CA SER B 130 34.07 -12.35 -22.05
C SER B 130 35.41 -11.84 -21.47
N ILE B 131 36.33 -12.78 -21.25
CA ILE B 131 37.67 -12.44 -20.80
C ILE B 131 38.39 -11.85 -22.00
N VAL B 132 38.65 -10.55 -21.96
CA VAL B 132 39.40 -9.92 -23.03
C VAL B 132 40.91 -9.92 -22.80
N ASN B 133 41.36 -10.29 -21.60
CA ASN B 133 42.79 -10.42 -21.29
C ASN B 133 43.02 -11.32 -20.10
N LYS B 134 44.10 -12.06 -20.15
CA LYS B 134 44.34 -13.08 -19.15
C LYS B 134 45.80 -13.31 -18.96
N ALA B 135 46.23 -13.30 -17.71
CA ALA B 135 47.58 -13.74 -17.40
C ALA B 135 47.53 -14.91 -16.43
N GLU B 136 48.51 -15.79 -16.51
CA GLU B 136 48.59 -16.88 -15.57
C GLU B 136 49.90 -16.72 -14.80
N TYR B 137 49.82 -16.59 -13.48
CA TYR B 137 51.02 -16.38 -12.68
C TYR B 137 51.20 -17.58 -11.76
N TYR B 138 52.26 -18.34 -11.97
CA TYR B 138 52.56 -19.53 -11.16
C TYR B 138 53.53 -19.17 -10.04
N LEU B 139 53.00 -19.01 -8.83
CA LEU B 139 53.78 -18.56 -7.69
C LEU B 139 54.39 -19.74 -7.00
N PRO B 140 55.71 -19.69 -6.80
CA PRO B 140 56.44 -20.82 -6.27
C PRO B 140 55.92 -21.19 -4.93
N SER B 141 55.54 -22.46 -4.75
CA SER B 141 54.98 -22.91 -3.46
C SER B 141 55.97 -23.79 -2.68
N LEU B 142 55.46 -24.73 -1.87
CA LEU B 142 56.28 -25.43 -0.85
C LEU B 142 56.28 -26.95 -0.92
N GLY B 143 55.97 -27.51 -2.07
CA GLY B 143 56.31 -28.91 -2.29
C GLY B 143 55.16 -29.84 -2.60
N TYR B 144 55.52 -30.95 -3.23
CA TYR B 144 54.67 -32.10 -3.35
C TYR B 144 55.54 -33.34 -3.27
N CYS B 145 55.13 -34.32 -2.50
CA CYS B 145 55.91 -35.54 -2.45
C CYS B 145 55.07 -36.83 -2.54
N GLU B 146 55.58 -37.79 -3.32
CA GLU B 146 54.94 -39.09 -3.53
C GLU B 146 55.73 -40.15 -2.82
N VAL B 147 55.04 -41.01 -2.08
CA VAL B 147 55.69 -42.19 -1.51
C VAL B 147 55.11 -43.42 -2.15
N THR B 148 55.98 -44.31 -2.61
CA THR B 148 55.58 -45.49 -3.33
C THR B 148 56.45 -46.65 -2.85
N ASN B 149 55.98 -47.87 -3.03
CA ASN B 149 56.85 -49.04 -2.81
C ASN B 149 58.04 -49.02 -3.74
N ALA B 150 59.20 -49.46 -3.28
CA ALA B 150 60.40 -49.44 -4.13
C ALA B 150 60.11 -50.28 -5.35
N PRO B 151 60.39 -49.75 -6.56
CA PRO B 151 60.08 -50.56 -7.72
C PRO B 151 61.18 -51.61 -7.93
N SER B 152 60.77 -52.76 -8.44
CA SER B 152 61.68 -53.84 -8.79
C SER B 152 62.56 -53.36 -9.95
N PRO B 153 63.92 -53.38 -9.75
CA PRO B 153 64.81 -52.78 -10.75
C PRO B 153 64.87 -53.57 -12.06
N GLU B 154 64.41 -54.82 -12.04
CA GLU B 154 64.36 -55.68 -13.22
C GLU B 154 63.12 -55.41 -14.08
N SER B 155 62.11 -54.74 -13.52
CA SER B 155 60.87 -54.42 -14.26
C SER B 155 61.14 -53.87 -15.66
N GLU B 156 60.42 -54.38 -16.66
CA GLU B 156 60.72 -54.07 -18.07
C GLU B 156 60.47 -52.59 -18.40
N VAL B 157 61.14 -52.11 -19.45
CA VAL B 157 61.17 -50.67 -19.80
C VAL B 157 60.37 -50.32 -21.06
N VAL B 158 59.32 -49.56 -20.87
CA VAL B 158 58.41 -49.18 -21.93
C VAL B 158 58.89 -47.90 -22.62
N LYS B 159 59.26 -48.03 -23.90
CA LYS B 159 59.59 -46.87 -24.74
C LYS B 159 58.41 -45.94 -24.69
N THR B 160 58.54 -44.79 -24.06
CA THR B 160 57.38 -43.95 -23.74
C THR B 160 57.60 -42.46 -24.08
N GLN B 161 56.74 -41.93 -24.92
CA GLN B 161 56.92 -40.59 -25.49
C GLN B 161 56.54 -39.50 -24.48
N VAL B 162 57.35 -38.43 -24.41
CA VAL B 162 57.12 -37.36 -23.41
C VAL B 162 55.84 -36.65 -23.71
N ALA B 163 55.32 -35.90 -22.74
CA ALA B 163 54.02 -35.23 -22.90
C ALA B 163 54.13 -33.77 -23.32
N GLU B 164 53.02 -33.25 -23.84
CA GLU B 164 52.93 -31.86 -24.20
C GLU B 164 53.27 -31.03 -22.96
N ASP B 165 54.01 -29.94 -23.14
CA ASP B 165 54.31 -29.05 -22.01
C ASP B 165 53.03 -28.61 -21.33
N GLY B 166 53.06 -28.49 -20.01
CA GLY B 166 51.87 -28.10 -19.27
C GLY B 166 51.95 -28.31 -17.78
N PHE B 167 50.80 -28.55 -17.16
CA PHE B 167 50.70 -28.54 -15.72
C PHE B 167 49.72 -29.59 -15.17
N ILE B 168 50.05 -30.09 -13.99
CA ILE B 168 49.23 -31.01 -13.25
C ILE B 168 49.01 -30.36 -11.88
N GLN B 169 47.78 -30.38 -11.38
CA GLN B 169 47.55 -29.89 -10.02
C GLN B 169 47.59 -31.06 -9.08
N ASN B 170 48.35 -31.01 -8.00
CA ASN B 170 48.29 -32.05 -6.98
C ASN B 170 47.63 -31.61 -5.71
N GLY B 171 47.48 -30.31 -5.55
CA GLY B 171 46.73 -29.75 -4.46
C GLY B 171 45.24 -29.95 -4.65
N PRO B 172 44.46 -29.71 -3.59
CA PRO B 172 43.03 -29.87 -3.66
C PRO B 172 42.45 -28.81 -4.55
N GLU B 173 41.28 -29.14 -5.11
CA GLU B 173 40.55 -28.28 -6.02
C GLU B 173 40.27 -26.96 -5.38
N GLU B 174 40.58 -25.89 -6.08
CA GLU B 174 40.39 -24.54 -5.54
C GLU B 174 40.23 -23.56 -6.66
N GLU B 175 39.35 -22.58 -6.46
CA GLU B 175 39.15 -21.47 -7.39
C GLU B 175 38.50 -20.43 -6.57
N ILE B 176 39.25 -19.41 -6.17
CA ILE B 176 38.64 -18.34 -5.38
C ILE B 176 39.01 -17.01 -6.02
N VAL B 177 37.97 -16.22 -6.32
CA VAL B 177 38.10 -15.02 -7.16
C VAL B 177 38.14 -13.78 -6.30
N VAL B 178 38.91 -12.79 -6.70
CA VAL B 178 38.96 -11.54 -5.95
C VAL B 178 38.99 -10.38 -6.93
N GLY B 179 37.98 -9.52 -6.81
CA GLY B 179 37.98 -8.30 -7.58
C GLY B 179 39.06 -7.33 -7.13
N VAL B 180 39.61 -6.61 -8.09
CA VAL B 180 40.60 -5.61 -7.75
C VAL B 180 40.40 -4.29 -8.45
N ILE B 181 40.71 -3.24 -7.70
CA ILE B 181 40.67 -1.89 -8.19
C ILE B 181 41.53 -1.83 -9.43
N ASP B 182 41.00 -1.20 -10.47
CA ASP B 182 41.73 -1.03 -11.71
C ASP B 182 42.68 0.10 -11.53
N PRO B 183 43.98 -0.18 -11.57
CA PRO B 183 44.93 0.86 -11.19
C PRO B 183 44.90 2.06 -12.13
N SER B 184 44.31 1.88 -13.31
CA SER B 184 44.17 2.93 -14.29
C SER B 184 42.96 3.82 -14.05
N GLU B 185 42.07 3.38 -13.18
CA GLU B 185 40.95 4.18 -12.72
C GLU B 185 41.42 4.82 -11.43
N ASN B 186 41.40 6.15 -11.37
CA ASN B 186 41.78 6.86 -10.14
C ASN B 186 40.88 6.59 -8.93
N ILE B 187 41.39 6.83 -7.73
CA ILE B 187 40.56 6.82 -6.54
C ILE B 187 40.47 8.20 -5.93
N GLN B 188 39.22 8.65 -5.73
CA GLN B 188 38.89 9.87 -5.00
C GLN B 188 38.22 9.47 -3.70
N GLU B 189 38.41 10.25 -2.64
CA GLU B 189 37.84 9.83 -1.35
C GLU B 189 36.99 10.87 -0.64
N ILE B 190 35.98 10.40 0.08
CA ILE B 190 35.18 11.30 0.90
C ILE B 190 35.63 11.12 2.33
N ASN B 191 36.36 12.10 2.85
CA ASN B 191 36.93 12.00 4.17
C ASN B 191 35.88 11.92 5.26
N THR B 192 34.82 12.70 5.12
CA THR B 192 33.72 12.67 6.07
C THR B 192 32.80 11.50 5.79
N ALA B 193 32.43 10.77 6.83
CA ALA B 193 31.50 9.67 6.68
C ALA B 193 30.15 10.23 6.29
N ILE B 194 29.43 9.56 5.39
CA ILE B 194 28.13 10.06 5.00
C ILE B 194 27.14 9.77 6.13
N SER B 195 26.31 10.75 6.47
CA SER B 195 25.33 10.58 7.54
C SER B 195 23.95 10.27 7.00
N ASP B 196 23.10 11.30 6.89
CA ASP B 196 21.73 11.16 6.38
C ASP B 196 21.67 11.62 4.92
N ASN B 197 22.16 12.81 4.61
CA ASN B 197 22.31 13.19 3.19
C ASN B 197 23.71 13.59 2.86
N TYR B 198 24.02 13.61 1.57
CA TYR B 198 25.31 14.11 1.13
C TYR B 198 25.36 14.18 -0.38
N THR B 199 25.85 15.31 -0.86
CA THR B 199 25.92 15.56 -2.27
C THR B 199 27.38 15.75 -2.62
N TYR B 200 27.88 15.01 -3.60
CA TYR B 200 29.32 14.99 -3.93
C TYR B 200 29.54 15.51 -5.34
N ASN B 201 30.48 16.43 -5.52
CA ASN B 201 30.73 16.97 -6.85
C ASN B 201 31.86 16.21 -7.50
N ILE B 202 31.67 15.73 -8.72
CA ILE B 202 32.78 15.13 -9.47
C ILE B 202 33.85 16.23 -9.67
N PRO B 203 35.05 16.03 -9.10
CA PRO B 203 36.08 17.06 -9.22
C PRO B 203 36.54 17.32 -10.64
N GLY B 204 37.44 18.29 -10.79
CA GLY B 204 38.03 18.58 -12.09
C GLY B 204 38.89 17.42 -12.55
N ILE B 205 39.86 17.09 -11.71
CA ILE B 205 40.96 16.20 -12.11
C ILE B 205 40.56 14.87 -12.73
N VAL B 206 39.35 14.37 -12.46
CA VAL B 206 38.89 13.12 -13.10
C VAL B 206 38.67 13.23 -14.61
N ASN B 207 38.48 14.45 -15.09
CA ASN B 207 38.54 14.71 -16.53
C ASN B 207 37.58 13.82 -17.29
N ASN B 208 36.40 13.61 -16.72
CA ASN B 208 35.36 12.77 -17.33
C ASN B 208 35.77 11.31 -17.62
N ASN B 209 36.92 10.89 -17.07
CA ASN B 209 37.28 9.49 -17.11
C ASN B 209 36.53 8.74 -16.03
N PRO B 210 36.63 7.40 -16.07
CA PRO B 210 36.17 6.62 -14.95
C PRO B 210 37.07 6.83 -13.75
N PHE B 211 36.49 6.67 -12.56
CA PHE B 211 37.23 6.75 -11.31
C PHE B 211 36.40 6.14 -10.21
N TYR B 212 36.95 6.08 -9.00
CA TYR B 212 36.29 5.42 -7.89
C TYR B 212 36.10 6.43 -6.79
N ILE B 213 35.01 6.30 -6.03
CA ILE B 213 34.83 7.11 -4.84
C ILE B 213 34.84 6.21 -3.62
N LEU B 214 35.79 6.44 -2.73
CA LEU B 214 35.83 5.68 -1.50
C LEU B 214 35.05 6.51 -0.51
N PHE B 215 34.23 5.84 0.29
CA PHE B 215 33.53 6.53 1.40
C PHE B 215 33.09 5.57 2.47
N THR B 216 32.60 6.09 3.58
CA THR B 216 31.91 5.24 4.54
C THR B 216 30.64 5.92 5.04
N VAL B 217 29.94 5.27 5.95
CA VAL B 217 28.75 5.85 6.54
C VAL B 217 28.84 5.78 8.05
N ASN B 218 28.05 6.61 8.73
CA ASN B 218 28.14 6.72 10.18
C ASN B 218 27.31 5.72 10.90
N THR B 219 26.00 5.73 10.60
CA THR B 219 25.07 4.77 11.13
C THR B 219 24.59 3.93 9.97
N THR B 220 24.47 2.64 10.24
CA THR B 220 24.31 1.66 9.19
C THR B 220 22.87 1.60 8.69
N GLY B 221 22.69 1.46 7.38
CA GLY B 221 21.35 1.52 6.80
C GLY B 221 21.21 1.35 5.28
N ILE B 222 20.04 1.72 4.77
CA ILE B 222 19.76 1.65 3.35
C ILE B 222 19.90 3.02 2.74
N TYR B 223 20.60 3.10 1.63
CA TYR B 223 20.88 4.36 0.98
C TYR B 223 20.52 4.28 -0.51
N LYS B 224 19.96 5.38 -0.98
CA LYS B 224 19.76 5.58 -2.38
C LYS B 224 20.95 6.42 -2.78
N ILE B 225 21.66 5.94 -3.79
CA ILE B 225 22.73 6.70 -4.40
C ILE B 225 22.46 6.82 -5.88
N ASN B 226 22.40 8.05 -6.40
CA ASN B 226 22.28 8.23 -7.84
C ASN B 226 23.29 9.23 -8.29
N ALA B 227 23.40 9.42 -9.60
CA ALA B 227 24.10 10.59 -10.12
C ALA B 227 23.05 11.61 -10.51
N GLN B 228 23.49 12.81 -10.86
CA GLN B 228 22.59 13.83 -11.42
C GLN B 228 21.69 13.24 -12.48
N ASN B 229 20.39 13.40 -12.31
CA ASN B 229 19.44 12.87 -13.25
C ASN B 229 19.56 11.35 -13.50
N ASN B 230 19.96 10.61 -12.47
CA ASN B 230 20.09 9.14 -12.53
C ASN B 230 20.94 8.74 -13.73
N LEU B 231 21.89 9.60 -14.09
CA LEU B 231 22.74 9.35 -15.23
C LEU B 231 24.08 10.06 -15.01
N PRO B 232 25.21 9.32 -15.09
CA PRO B 232 25.43 7.95 -15.54
C PRO B 232 24.99 6.88 -14.56
N SER B 233 25.11 5.63 -14.98
CA SER B 233 24.72 4.52 -14.15
C SER B 233 25.96 4.10 -13.37
N LEU B 234 25.75 3.78 -12.10
CA LEU B 234 26.86 3.54 -11.16
C LEU B 234 26.89 2.09 -10.69
N LYS B 235 28.06 1.72 -10.15
CA LYS B 235 28.21 0.48 -9.38
C LYS B 235 28.81 0.84 -8.05
N ILE B 236 28.49 0.01 -7.06
CA ILE B 236 29.05 0.13 -5.74
C ILE B 236 29.66 -1.21 -5.39
N TYR B 237 30.73 -1.14 -4.60
CA TYR B 237 31.59 -2.29 -4.26
C TYR B 237 31.93 -2.18 -2.77
N GLU B 238 31.76 -3.28 -2.02
CA GLU B 238 32.27 -3.37 -0.65
C GLU B 238 33.77 -3.68 -0.72
N ALA B 239 34.54 -3.11 0.21
CA ALA B 239 35.96 -3.42 0.25
C ALA B 239 36.15 -4.58 1.19
N ILE B 240 36.85 -5.65 0.77
CA ILE B 240 36.87 -6.88 1.61
C ILE B 240 37.66 -6.67 2.92
N GLY B 241 36.99 -6.94 4.03
CA GLY B 241 37.67 -6.96 5.34
C GLY B 241 37.91 -5.59 5.95
N SER B 242 37.16 -4.63 5.41
CA SER B 242 37.25 -3.27 5.83
C SER B 242 36.74 -3.16 7.24
N GLY B 243 37.29 -2.21 7.99
CA GLY B 243 36.64 -1.70 9.17
C GLY B 243 36.69 -2.62 10.35
N ASN B 244 37.64 -3.56 10.31
CA ASN B 244 38.35 -3.98 11.50
C ASN B 244 39.54 -3.03 11.35
N ARG B 245 40.51 -3.07 12.25
CA ARG B 245 41.68 -2.16 12.13
C ARG B 245 41.31 -0.72 12.49
N ASN B 246 41.74 0.28 11.71
CA ASN B 246 41.66 1.68 12.23
C ASN B 246 40.34 2.31 11.98
N PHE B 247 39.91 3.17 12.90
CA PHE B 247 38.72 3.99 12.67
C PHE B 247 38.71 5.22 13.55
N GLN B 248 38.18 6.29 12.97
CA GLN B 248 38.05 7.57 13.64
C GLN B 248 36.59 7.93 13.47
N SER B 249 35.92 8.20 14.59
CA SER B 249 34.48 8.41 14.54
C SER B 249 34.18 9.59 13.67
N GLY B 250 33.16 9.45 12.82
CA GLY B 250 32.72 10.54 11.96
C GLY B 250 33.41 10.56 10.60
N ASN B 251 34.64 10.05 10.52
CA ASN B 251 35.45 10.07 9.28
C ASN B 251 35.75 8.66 8.80
N LEU B 252 36.44 8.53 7.67
CA LEU B 252 36.91 7.21 7.23
C LEU B 252 38.38 7.07 7.50
N CYS B 253 38.86 5.84 7.40
CA CYS B 253 40.29 5.54 7.54
C CYS B 253 40.63 4.69 6.36
N ASP B 254 41.90 4.69 5.93
CA ASP B 254 42.24 4.06 4.64
C ASP B 254 42.22 2.55 4.66
N ASP B 255 42.59 1.93 5.77
CA ASP B 255 42.41 0.48 5.92
C ASP B 255 43.44 -0.28 5.06
N ASP B 256 43.69 0.22 3.84
CA ASP B 256 44.69 -0.29 2.91
C ASP B 256 44.19 -1.52 2.17
N ILE B 257 43.09 -1.36 1.44
CA ILE B 257 42.41 -2.49 0.81
C ILE B 257 41.87 -2.12 -0.57
N LYS B 258 42.43 -2.74 -1.61
CA LYS B 258 42.02 -2.52 -3.00
C LYS B 258 41.43 -3.81 -3.59
N ALA B 259 41.08 -4.73 -2.71
CA ALA B 259 40.36 -5.94 -3.08
C ALA B 259 38.88 -5.67 -2.86
N ILE B 260 38.08 -5.81 -3.91
CA ILE B 260 36.69 -5.35 -3.82
C ILE B 260 35.62 -6.34 -4.32
N ASN B 261 34.43 -6.16 -3.79
CA ASN B 261 33.35 -7.12 -3.96
C ASN B 261 32.14 -6.36 -4.47
N TYR B 262 31.66 -6.76 -5.64
CA TYR B 262 30.58 -6.06 -6.31
C TYR B 262 29.29 -6.23 -5.56
N ILE B 263 28.70 -5.11 -5.18
CA ILE B 263 27.39 -5.13 -4.56
C ILE B 263 26.32 -5.10 -5.66
N THR B 264 26.21 -4.03 -6.44
CA THR B 264 25.24 -3.91 -7.56
C THR B 264 25.59 -2.82 -8.52
N GLY B 265 24.95 -2.83 -9.68
CA GLY B 265 25.07 -1.74 -10.65
C GLY B 265 25.36 -2.16 -12.08
N PHE B 266 24.87 -1.36 -13.02
CA PHE B 266 25.02 -1.69 -14.43
C PHE B 266 26.33 -1.18 -15.00
N ASP B 267 26.76 -1.83 -16.06
CA ASP B 267 27.95 -1.45 -16.80
C ASP B 267 27.54 -0.68 -18.04
N SER B 268 26.24 -0.58 -18.28
CA SER B 268 25.74 -0.03 -19.53
C SER B 268 25.99 1.45 -19.67
N PRO B 269 26.47 1.84 -20.94
CA PRO B 269 26.56 3.30 -21.09
C PRO B 269 25.17 3.88 -21.27
N ASN B 270 24.93 5.03 -20.66
CA ASN B 270 23.71 5.80 -20.87
C ASN B 270 22.41 5.05 -20.65
N ALA B 271 22.41 4.17 -19.66
CA ALA B 271 21.20 3.70 -19.05
C ALA B 271 20.99 4.57 -17.81
N LYS B 272 19.74 4.89 -17.50
CA LYS B 272 19.42 5.71 -16.34
C LYS B 272 19.19 4.80 -15.15
N SER B 273 19.86 5.05 -14.03
CA SER B 273 19.71 4.19 -12.87
C SER B 273 20.00 4.89 -11.56
N TYR B 274 19.37 4.40 -10.49
CA TYR B 274 19.81 4.72 -9.15
C TYR B 274 19.99 3.50 -8.32
N LEU B 275 20.99 3.52 -7.44
CA LEU B 275 21.29 2.38 -6.60
C LEU B 275 20.56 2.50 -5.28
N VAL B 276 20.10 1.36 -4.78
CA VAL B 276 19.53 1.30 -3.45
C VAL B 276 20.23 0.19 -2.72
N VAL B 277 21.09 0.54 -1.77
CA VAL B 277 21.91 -0.49 -1.14
C VAL B 277 21.92 -0.42 0.37
N LEU B 278 22.11 -1.55 1.00
CA LEU B 278 22.36 -1.56 2.42
C LEU B 278 23.84 -1.20 2.64
N LEU B 279 24.15 -0.43 3.67
CA LEU B 279 25.52 -0.03 3.94
C LEU B 279 25.79 -0.13 5.42
N ASN B 280 26.91 -0.75 5.77
CA ASN B 280 27.26 -1.05 7.15
C ASN B 280 28.38 -0.13 7.59
N LYS B 281 28.25 0.38 8.82
CA LYS B 281 29.15 1.38 9.39
C LYS B 281 30.57 0.88 9.52
N ASP B 282 30.74 -0.44 9.65
CA ASP B 282 32.05 -1.03 9.87
C ASP B 282 32.63 -1.58 8.57
N LYS B 283 32.32 -0.93 7.46
CA LYS B 283 32.86 -1.31 6.18
C LYS B 283 33.11 -0.08 5.32
N ASN B 284 34.00 -0.21 4.37
CA ASN B 284 34.26 0.86 3.45
C ASN B 284 33.82 0.38 2.07
N TYR B 285 33.25 1.32 1.31
CA TYR B 285 32.76 1.04 -0.02
C TYR B 285 33.41 1.95 -1.08
N TYR B 286 33.61 1.39 -2.27
CA TYR B 286 34.04 2.16 -3.44
C TYR B 286 32.85 2.24 -4.38
N ILE B 287 32.64 3.41 -4.97
CA ILE B 287 31.70 3.57 -6.07
C ILE B 287 32.48 3.72 -7.36
N ARG B 288 31.93 3.25 -8.47
CA ARG B 288 32.63 3.39 -9.74
C ARG B 288 31.84 4.16 -10.78
N VAL B 289 32.05 5.46 -10.78
CA VAL B 289 31.54 6.33 -11.84
C VAL B 289 32.31 6.04 -13.14
N PRO B 290 31.61 5.80 -14.24
CA PRO B 290 32.18 5.44 -15.53
C PRO B 290 32.61 6.63 -16.35
N GLN B 291 32.95 6.46 -17.62
CA GLN B 291 33.40 7.64 -18.35
C GLN B 291 32.23 8.60 -18.43
N THR B 292 32.45 9.83 -17.98
CA THR B 292 31.42 10.85 -18.00
C THR B 292 31.01 11.30 -19.40
N SER B 293 32.00 11.50 -20.26
CA SER B 293 31.72 11.95 -21.62
C SER B 293 31.25 13.40 -21.66
N SER B 294 30.18 13.69 -20.95
CA SER B 294 29.58 15.01 -20.95
C SER B 294 30.46 16.06 -20.30
N ASN B 295 30.45 17.26 -20.87
CA ASN B 295 31.22 18.37 -20.32
C ASN B 295 30.46 19.17 -19.26
N ILE B 296 29.18 18.86 -19.08
CA ILE B 296 28.42 19.50 -17.99
C ILE B 296 28.96 18.98 -16.64
N GLU B 297 28.71 19.67 -15.54
CA GLU B 297 29.09 19.19 -14.20
C GLU B 297 28.05 18.21 -13.64
N ASN B 298 28.52 17.12 -13.05
CA ASN B 298 27.63 16.06 -12.52
C ASN B 298 27.79 16.02 -11.02
N GLN B 299 26.96 15.23 -10.35
CA GLN B 299 27.04 15.07 -8.90
C GLN B 299 26.55 13.69 -8.46
N ILE B 300 27.08 13.21 -7.35
CA ILE B 300 26.62 11.97 -6.73
C ILE B 300 25.89 12.30 -5.42
N LYS B 301 24.57 12.10 -5.42
CA LYS B 301 23.78 12.31 -4.23
C LYS B 301 23.68 11.02 -3.46
N PHE B 302 24.16 11.02 -2.21
CA PHE B 302 23.86 9.95 -1.26
C PHE B 302 22.72 10.35 -0.35
N LYS B 303 21.59 9.65 -0.43
CA LYS B 303 20.52 9.87 0.56
C LYS B 303 20.26 8.61 1.35
N ARG B 304 20.03 8.77 2.65
CA ARG B 304 19.73 7.65 3.53
C ARG B 304 18.27 7.50 3.41
N GLU B 305 17.80 6.31 3.08
CA GLU B 305 16.39 6.12 2.87
C GLU B 305 15.82 5.33 4.08
N GLU B 306 14.95 6.00 4.85
CA GLU B 306 14.25 5.40 5.99
C GLU B 306 12.81 5.02 5.69
N GLY B 307 12.41 5.04 4.40
CA GLY B 307 11.01 4.90 3.96
C GLY B 307 10.60 3.56 3.37
N ASP B 308 9.68 3.56 2.43
CA ASP B 308 9.29 2.32 1.75
C ASP B 308 10.36 1.76 0.78
N LEU B 309 11.35 2.57 0.43
CA LEU B 309 12.23 2.23 -0.66
C LEU B 309 13.26 1.18 -0.26
N ARG B 310 13.39 0.97 1.04
CA ARG B 310 14.17 -0.14 1.57
C ARG B 310 13.72 -1.47 0.98
N ASN B 311 12.46 -1.55 0.59
CA ASN B 311 12.00 -2.73 -0.15
C ASN B 311 12.85 -3.08 -1.34
N LEU B 312 13.49 -2.09 -1.97
CA LEU B 312 14.34 -2.37 -3.12
C LEU B 312 15.78 -2.74 -2.74
N MET B 313 16.05 -2.80 -1.44
CA MET B 313 17.39 -3.10 -0.90
C MET B 313 18.29 -3.99 -1.76
N ASN B 314 19.54 -3.52 -1.92
CA ASN B 314 20.56 -4.11 -2.81
C ASN B 314 19.99 -4.44 -4.17
N SER B 315 19.44 -3.39 -4.75
CA SER B 315 19.04 -3.39 -6.11
C SER B 315 19.52 -2.13 -6.76
N SER B 316 19.68 -2.24 -8.07
CA SER B 316 19.89 -1.10 -8.92
C SER B 316 18.55 -0.91 -9.59
N VAL B 317 17.97 0.29 -9.47
CA VAL B 317 16.63 0.60 -9.98
C VAL B 317 16.72 1.20 -11.38
N ASN B 318 16.37 0.40 -12.38
CA ASN B 318 16.51 0.77 -13.79
C ASN B 318 15.36 1.65 -14.28
N ILE B 319 15.67 2.69 -15.04
CA ILE B 319 14.63 3.66 -15.39
C ILE B 319 14.18 3.66 -16.87
N ILE B 320 12.86 3.57 -17.03
CA ILE B 320 12.22 3.42 -18.30
C ILE B 320 11.27 4.59 -18.36
N ASP B 321 11.68 5.63 -19.08
CA ASP B 321 10.84 6.84 -19.20
C ASP B 321 10.00 6.80 -20.47
N ASN B 322 10.31 5.87 -21.36
CA ASN B 322 10.09 6.04 -22.80
C ASN B 322 9.07 5.12 -23.44
N LEU B 323 8.02 4.76 -22.71
CA LEU B 323 7.06 3.83 -23.31
C LEU B 323 6.24 4.52 -24.40
N ASN B 324 6.02 3.79 -25.50
CA ASN B 324 5.09 4.20 -26.58
C ASN B 324 3.68 3.83 -26.18
N SER B 325 2.71 4.59 -26.67
CA SER B 325 1.32 4.43 -26.21
C SER B 325 0.86 2.97 -26.19
N THR B 326 1.23 2.20 -27.22
CA THR B 326 1.13 0.74 -27.21
C THR B 326 2.27 0.12 -28.04
N GLY B 327 2.46 -1.19 -27.92
CA GLY B 327 3.51 -1.86 -28.66
C GLY B 327 4.42 -2.67 -27.74
N ALA B 328 5.40 -3.34 -28.33
CA ALA B 328 6.40 -4.10 -27.59
C ALA B 328 7.58 -3.23 -27.17
N HIS B 329 8.02 -3.42 -25.93
CA HIS B 329 9.24 -2.80 -25.48
C HIS B 329 10.10 -3.84 -24.82
N TYR B 330 11.42 -3.67 -24.92
CA TYR B 330 12.32 -4.52 -24.13
C TYR B 330 13.54 -3.76 -23.63
N TYR B 331 14.10 -4.29 -22.55
CA TYR B 331 15.16 -3.67 -21.78
C TYR B 331 16.15 -4.74 -21.28
N THR B 332 17.25 -4.82 -22.04
CA THR B 332 18.36 -5.76 -21.83
C THR B 332 19.43 -5.16 -20.94
N ARG B 333 19.83 -5.89 -19.90
CA ARG B 333 20.72 -5.39 -18.87
C ARG B 333 21.57 -6.52 -18.32
N GLN B 334 22.70 -6.22 -17.71
CA GLN B 334 23.48 -7.32 -17.15
C GLN B 334 22.63 -8.04 -16.10
N SER B 335 22.48 -9.36 -16.22
CA SER B 335 21.66 -10.08 -15.24
C SER B 335 22.40 -10.18 -13.93
N PRO B 336 21.68 -9.94 -12.85
CA PRO B 336 22.20 -10.31 -11.56
C PRO B 336 22.24 -11.84 -11.39
N ASP B 337 22.99 -12.28 -10.38
CA ASP B 337 23.18 -13.68 -10.05
C ASP B 337 22.03 -14.18 -9.20
N VAL B 338 21.89 -15.50 -9.18
CA VAL B 338 20.79 -16.15 -8.52
C VAL B 338 20.58 -15.58 -7.13
N HIS B 339 19.38 -15.10 -6.86
CA HIS B 339 18.98 -14.60 -5.55
C HIS B 339 19.41 -13.16 -5.29
N ASP B 340 19.91 -12.49 -6.33
CA ASP B 340 20.09 -11.04 -6.28
C ASP B 340 18.98 -10.33 -7.08
N TYR B 341 19.01 -9.01 -7.09
CA TYR B 341 17.90 -8.26 -7.64
C TYR B 341 18.30 -7.24 -8.69
N ILE B 342 17.42 -7.10 -9.68
CA ILE B 342 17.37 -5.97 -10.57
C ILE B 342 15.96 -5.41 -10.40
N SER B 343 15.83 -4.08 -10.49
CA SER B 343 14.54 -3.40 -10.32
C SER B 343 14.30 -2.46 -11.49
N TYR B 344 13.06 -2.01 -11.63
CA TYR B 344 12.64 -1.29 -12.82
C TYR B 344 11.49 -0.31 -12.52
N GLU B 345 11.76 0.99 -12.68
CA GLU B 345 10.82 2.06 -12.37
C GLU B 345 10.33 2.59 -13.68
N PHE B 346 9.06 2.35 -13.96
CA PHE B 346 8.51 2.71 -15.27
C PHE B 346 7.19 3.42 -15.07
N THR B 347 6.93 4.38 -15.95
CA THR B 347 5.72 5.16 -15.85
C THR B 347 4.99 5.02 -17.17
N ILE B 348 3.68 4.79 -17.07
CA ILE B 348 2.95 4.18 -18.19
C ILE B 348 2.32 5.17 -19.12
N PRO B 349 2.45 4.89 -20.41
CA PRO B 349 2.16 5.91 -21.34
C PRO B 349 0.71 6.30 -21.21
N GLY B 350 0.46 7.60 -21.27
CA GLY B 350 -0.88 8.12 -21.26
C GLY B 350 -1.06 9.06 -20.11
N ASN B 351 -2.02 9.97 -20.25
CA ASN B 351 -2.31 10.97 -19.22
C ASN B 351 -3.08 10.32 -18.08
N PHE B 352 -2.97 10.87 -16.88
CA PHE B 352 -3.55 10.24 -15.71
C PHE B 352 -5.01 10.62 -15.43
N ASN B 353 -5.94 9.90 -16.04
CA ASN B 353 -7.35 10.03 -15.74
C ASN B 353 -7.71 9.61 -14.33
N ASN B 354 -7.05 8.55 -13.90
CA ASN B 354 -7.35 7.84 -12.66
C ASN B 354 -8.46 6.84 -12.88
N LYS B 355 -8.98 6.81 -14.11
CA LYS B 355 -9.89 5.75 -14.52
C LYS B 355 -9.35 5.03 -15.75
N ASP B 356 -8.53 5.73 -16.52
CA ASP B 356 -7.96 5.16 -17.74
C ASP B 356 -6.97 4.07 -17.41
N THR B 357 -6.85 3.08 -18.27
CA THR B 357 -5.87 2.04 -18.04
C THR B 357 -5.24 1.55 -19.33
N SER B 358 -4.04 1.01 -19.20
CA SER B 358 -3.38 0.30 -20.29
C SER B 358 -2.96 -1.11 -19.80
N ASN B 359 -2.96 -2.08 -20.70
CA ASN B 359 -2.75 -3.47 -20.30
C ASN B 359 -1.27 -3.80 -20.44
N ILE B 360 -0.72 -4.41 -19.40
CA ILE B 360 0.72 -4.57 -19.27
C ILE B 360 1.10 -6.00 -18.94
N ARG B 361 1.76 -6.68 -19.87
CA ARG B 361 2.33 -7.99 -19.58
C ARG B 361 3.81 -7.78 -19.42
N LEU B 362 4.35 -8.39 -18.37
CA LEU B 362 5.78 -8.35 -18.06
C LEU B 362 6.42 -9.77 -18.18
N TYR B 363 7.10 -10.01 -19.31
CA TYR B 363 7.80 -11.26 -19.60
C TYR B 363 9.28 -11.10 -19.24
N THR B 364 9.99 -12.21 -19.27
CA THR B 364 11.43 -12.21 -19.38
C THR B 364 11.80 -13.41 -20.25
N SER B 365 12.72 -13.22 -21.20
CA SER B 365 13.02 -14.23 -22.22
C SER B 365 13.87 -15.36 -21.70
N TYR B 366 14.85 -15.07 -20.84
CA TYR B 366 15.90 -16.07 -20.59
C TYR B 366 16.05 -16.64 -19.16
N ASN B 367 15.97 -15.80 -18.13
CA ASN B 367 16.13 -16.29 -16.75
C ASN B 367 14.82 -16.17 -16.02
N GLN B 368 14.63 -16.99 -14.99
CA GLN B 368 13.40 -16.96 -14.21
C GLN B 368 13.58 -15.95 -13.07
N GLY B 369 12.47 -15.33 -12.65
CA GLY B 369 12.50 -14.43 -11.49
C GLY B 369 11.18 -14.29 -10.75
N ILE B 370 11.26 -13.88 -9.48
CA ILE B 370 10.06 -13.54 -8.73
C ILE B 370 9.92 -12.02 -8.85
N GLY B 371 8.88 -11.59 -9.54
CA GLY B 371 8.62 -10.17 -9.73
C GLY B 371 7.71 -9.62 -8.68
N THR B 372 8.01 -8.43 -8.18
CA THR B 372 7.17 -7.76 -7.19
C THR B 372 6.78 -6.38 -7.71
N LEU B 373 5.46 -6.11 -7.78
CA LEU B 373 4.98 -4.90 -8.46
C LEU B 373 4.42 -3.89 -7.49
N PHE B 374 4.89 -2.65 -7.61
CA PHE B 374 4.43 -1.58 -6.74
C PHE B 374 3.98 -0.36 -7.52
N ARG B 375 2.94 0.31 -6.98
CA ARG B 375 2.62 1.67 -7.42
C ARG B 375 3.45 2.58 -6.57
N VAL B 376 3.93 3.65 -7.18
CA VAL B 376 4.72 4.67 -6.53
C VAL B 376 3.94 5.94 -6.28
N THR B 377 3.84 6.34 -5.01
CA THR B 377 3.38 7.69 -4.68
C THR B 377 4.60 8.35 -4.08
N GLU B 378 4.78 9.64 -4.38
CA GLU B 378 5.90 10.42 -3.85
C GLU B 378 5.42 11.60 -3.00
N THR B 379 6.06 11.74 -1.86
CA THR B 379 5.78 12.81 -0.96
C THR B 379 7.11 13.56 -0.74
N ILE B 380 7.09 14.70 -0.05
CA ILE B 380 8.32 15.45 0.18
C ILE B 380 9.38 14.61 0.93
N ASP B 381 8.98 13.62 1.70
CA ASP B 381 9.93 12.79 2.42
C ASP B 381 10.57 11.76 1.48
N GLY B 382 9.76 11.01 0.75
CA GLY B 382 10.31 10.02 -0.18
C GLY B 382 9.24 9.21 -0.92
N TYR B 383 9.68 8.18 -1.65
CA TYR B 383 8.73 7.34 -2.34
C TYR B 383 7.89 6.62 -1.32
N ASN B 384 6.73 6.18 -1.78
CA ASN B 384 5.85 5.28 -1.07
C ASN B 384 5.47 4.24 -2.07
N LEU B 385 5.74 2.98 -1.73
CA LEU B 385 5.41 1.86 -2.58
C LEU B 385 4.17 1.22 -2.04
N ILE B 386 3.11 1.25 -2.85
CA ILE B 386 1.90 0.55 -2.56
C ILE B 386 2.04 -0.76 -3.29
N ASN B 387 1.57 -1.83 -2.64
CA ASN B 387 1.82 -3.18 -3.11
C ASN B 387 0.75 -3.66 -4.06
N ILE B 388 1.12 -4.01 -5.29
CA ILE B 388 0.13 -4.30 -6.35
C ILE B 388 -0.02 -5.79 -6.61
N GLN B 389 1.10 -6.47 -6.86
CA GLN B 389 1.14 -7.89 -7.18
C GLN B 389 2.42 -8.47 -6.65
N GLN B 390 2.32 -9.65 -6.03
CA GLN B 390 3.49 -10.39 -5.55
C GLN B 390 3.69 -11.66 -6.35
N ASN B 391 4.79 -12.35 -6.05
CA ASN B 391 5.06 -13.71 -6.52
C ASN B 391 4.98 -13.96 -8.03
N LEU B 392 4.92 -12.89 -8.81
CA LEU B 392 4.80 -12.95 -10.27
C LEU B 392 5.95 -13.78 -10.82
N ASN B 393 5.64 -14.73 -11.71
CA ASN B 393 6.68 -15.59 -12.35
C ASN B 393 6.93 -15.16 -13.77
N LEU B 394 8.08 -14.55 -14.02
CA LEU B 394 8.27 -13.75 -15.22
C LEU B 394 8.57 -14.55 -16.49
N LEU B 395 9.40 -15.59 -16.37
CA LEU B 395 9.94 -16.27 -17.56
C LEU B 395 8.84 -16.62 -18.56
N ASN B 396 8.85 -15.91 -19.68
CA ASN B 396 7.85 -16.07 -20.73
C ASN B 396 6.39 -16.07 -20.25
N SER B 397 6.09 -15.19 -19.29
CA SER B 397 4.79 -15.11 -18.63
C SER B 397 3.64 -14.77 -19.57
N THR B 398 2.72 -15.71 -19.70
CA THR B 398 1.45 -15.43 -20.33
C THR B 398 0.80 -14.16 -19.72
N LYS B 399 0.81 -14.05 -18.39
CA LYS B 399 0.00 -13.09 -17.59
C LYS B 399 0.09 -11.59 -17.96
N SER B 400 -0.99 -10.85 -17.66
CA SER B 400 -1.09 -9.36 -17.82
C SER B 400 -1.73 -8.66 -16.63
N ILE B 401 -1.47 -7.36 -16.45
CA ILE B 401 -2.30 -6.56 -15.53
C ILE B 401 -2.70 -5.18 -16.10
N ARG B 402 -3.92 -4.74 -15.75
CA ARG B 402 -4.38 -3.38 -16.05
C ARG B 402 -3.74 -2.48 -15.03
N LEU B 403 -2.92 -1.56 -15.52
CA LEU B 403 -2.33 -0.53 -14.70
C LEU B 403 -2.94 0.79 -15.11
N LEU B 404 -2.76 1.80 -14.26
CA LEU B 404 -3.37 3.14 -14.46
C LEU B 404 -2.52 4.03 -15.31
N ASN B 405 -3.09 4.57 -16.36
CA ASN B 405 -2.36 5.46 -17.24
C ASN B 405 -1.81 6.64 -16.50
N GLY B 406 -0.54 6.93 -16.79
CA GLY B 406 0.16 8.04 -16.21
C GLY B 406 0.68 7.80 -14.82
N ALA B 407 0.30 6.68 -14.22
CA ALA B 407 0.84 6.36 -12.93
C ALA B 407 2.19 5.70 -13.10
N ILE B 408 2.91 5.71 -11.98
CA ILE B 408 4.30 5.30 -11.93
C ILE B 408 4.44 4.03 -11.10
N TYR B 409 5.12 3.03 -11.65
CA TYR B 409 5.26 1.76 -10.96
C TYR B 409 6.72 1.31 -10.88
N ILE B 410 6.99 0.42 -9.93
CA ILE B 410 8.29 -0.27 -9.87
C ILE B 410 8.11 -1.80 -9.80
N LEU B 411 8.88 -2.52 -10.65
CA LEU B 411 8.99 -3.98 -10.62
C LEU B 411 10.31 -4.38 -10.01
N LYS B 412 10.28 -5.21 -8.97
CA LYS B 412 11.50 -5.69 -8.34
C LYS B 412 11.64 -7.15 -8.67
N VAL B 413 12.73 -7.51 -9.30
CA VAL B 413 12.92 -8.86 -9.78
C VAL B 413 14.02 -9.56 -9.01
N GLU B 414 13.68 -10.69 -8.40
CA GLU B 414 14.64 -11.60 -7.79
C GLU B 414 14.92 -12.64 -8.84
N VAL B 415 16.17 -12.79 -9.23
CA VAL B 415 16.55 -13.85 -10.14
C VAL B 415 16.45 -15.21 -9.42
N THR B 416 15.75 -16.18 -10.04
CA THR B 416 15.64 -17.54 -9.47
C THR B 416 16.51 -18.59 -10.21
N GLU B 417 16.42 -18.65 -11.53
CA GLU B 417 17.31 -19.53 -12.30
C GLU B 417 18.06 -18.62 -13.26
N LEU B 418 19.37 -18.81 -13.37
CA LEU B 418 20.21 -17.91 -14.19
C LEU B 418 20.63 -18.60 -15.44
N ASN B 419 20.01 -18.28 -16.56
CA ASN B 419 20.28 -18.99 -17.78
C ASN B 419 21.04 -18.18 -18.84
N ASN B 420 21.31 -16.90 -18.58
CA ASN B 420 21.99 -16.05 -19.56
C ASN B 420 22.52 -14.73 -18.99
N TYR B 421 23.77 -14.37 -19.34
CA TYR B 421 24.49 -13.15 -18.85
C TYR B 421 23.68 -11.89 -18.77
N ASN B 422 22.78 -11.70 -19.73
CA ASN B 422 21.86 -10.56 -19.73
C ASN B 422 20.44 -10.95 -19.34
N ILE B 423 19.76 -10.07 -18.59
CA ILE B 423 18.32 -10.22 -18.35
C ILE B 423 17.56 -9.22 -19.24
N LYS B 424 16.78 -9.76 -20.17
CA LYS B 424 15.99 -8.96 -21.11
C LYS B 424 14.57 -8.86 -20.60
N LEU B 425 14.13 -7.68 -20.15
CA LEU B 425 12.74 -7.54 -19.66
C LEU B 425 11.84 -6.95 -20.74
N HIS B 426 10.68 -7.55 -20.98
CA HIS B 426 9.73 -6.98 -21.93
C HIS B 426 8.57 -6.22 -21.25
N ILE B 427 8.24 -5.06 -21.77
CA ILE B 427 6.99 -4.45 -21.40
C ILE B 427 6.19 -4.35 -22.68
N ASP B 428 5.23 -5.23 -22.80
CA ASP B 428 4.47 -5.28 -24.00
C ASP B 428 3.15 -4.64 -23.61
N ILE B 429 2.86 -3.48 -24.19
CA ILE B 429 1.63 -2.76 -23.83
C ILE B 429 0.53 -2.93 -24.87
N THR B 430 -0.67 -3.22 -24.38
CA THR B 430 -1.88 -3.22 -25.21
C THR B 430 -2.83 -2.23 -24.56
N ASN B 431 -3.95 -1.96 -25.22
CA ASN B 431 -4.95 -1.09 -24.66
C ASN B 431 -6.21 -1.82 -24.31
N ARG C 27 14.21 19.60 -5.69
CA ARG C 27 14.31 19.46 -7.15
C ARG C 27 13.67 18.16 -7.61
N THR C 28 13.43 18.06 -8.91
CA THR C 28 12.81 16.86 -9.46
C THR C 28 11.36 16.85 -9.05
N PHE C 29 11.15 16.91 -7.75
CA PHE C 29 9.80 16.85 -7.19
C PHE C 29 9.32 18.26 -6.93
N LEU C 30 8.25 18.64 -7.63
CA LEU C 30 7.64 19.95 -7.50
C LEU C 30 8.65 21.06 -7.28
N PRO C 31 9.45 21.36 -8.31
CA PRO C 31 10.44 22.43 -8.19
C PRO C 31 9.76 23.79 -8.16
N ASN C 32 10.26 24.70 -7.32
CA ASN C 32 9.67 26.02 -7.17
C ASN C 32 9.37 26.64 -8.53
N GLY C 33 8.28 27.38 -8.62
CA GLY C 33 7.98 28.10 -9.86
C GLY C 33 6.52 28.47 -10.09
N ASN C 34 6.19 28.64 -11.36
CA ASN C 34 4.89 29.14 -11.77
C ASN C 34 4.09 28.04 -12.47
N TYR C 35 3.03 27.59 -11.81
CA TYR C 35 2.26 26.47 -12.32
C TYR C 35 0.82 26.84 -12.66
N ASN C 36 0.23 26.05 -13.57
CA ASN C 36 -1.22 25.99 -13.74
C ASN C 36 -1.80 24.88 -12.87
N ILE C 37 -3.07 24.97 -12.52
CA ILE C 37 -3.65 23.97 -11.60
C ILE C 37 -5.02 23.51 -12.09
N LYS C 38 -5.13 22.24 -12.47
CA LYS C 38 -6.41 21.73 -12.96
C LYS C 38 -6.96 20.58 -12.12
N SER C 39 -8.22 20.25 -12.41
CA SER C 39 -8.81 18.99 -11.98
C SER C 39 -8.52 17.97 -13.04
N ILE C 40 -8.40 16.71 -12.62
CA ILE C 40 -8.18 15.62 -13.58
C ILE C 40 -9.46 15.38 -14.38
N PHE C 41 -10.55 16.01 -13.94
CA PHE C 41 -11.85 15.86 -14.54
C PHE C 41 -11.97 16.56 -15.87
N SER C 42 -11.02 17.44 -16.19
CA SER C 42 -11.00 18.18 -17.45
C SER C 42 -9.75 19.01 -17.59
N GLY C 43 -9.00 18.76 -18.67
CA GLY C 43 -8.00 19.72 -19.21
C GLY C 43 -8.90 20.77 -19.80
N SER C 44 -8.37 21.94 -20.13
CA SER C 44 -9.21 22.99 -20.69
C SER C 44 -9.92 23.79 -19.60
N LEU C 45 -9.60 23.52 -18.35
CA LEU C 45 -10.07 24.33 -17.24
C LEU C 45 -8.94 24.58 -16.27
N TYR C 46 -8.87 25.78 -15.70
CA TYR C 46 -7.77 26.14 -14.82
C TYR C 46 -8.25 26.73 -13.52
N LEU C 47 -7.43 26.64 -12.47
CA LEU C 47 -7.83 27.14 -11.18
C LEU C 47 -7.75 28.63 -11.25
N SER C 48 -8.81 29.29 -10.81
CA SER C 48 -8.88 30.75 -10.83
C SER C 48 -9.77 31.22 -9.68
N PRO C 49 -9.52 32.45 -9.18
CA PRO C 49 -10.31 33.03 -8.11
C PRO C 49 -11.37 33.94 -8.68
N VAL C 50 -12.58 33.86 -8.15
CA VAL C 50 -13.70 34.63 -8.67
C VAL C 50 -14.67 34.95 -7.55
N SER C 51 -15.10 36.20 -7.46
CA SER C 51 -15.84 36.69 -6.31
C SER C 51 -15.37 36.04 -4.99
N GLY C 52 -14.04 35.86 -4.89
CA GLY C 52 -13.40 35.36 -3.67
C GLY C 52 -13.65 33.91 -3.35
N SER C 53 -13.90 33.11 -4.37
CA SER C 53 -13.85 31.65 -4.21
C SER C 53 -12.87 31.18 -5.21
N LEU C 54 -12.45 29.94 -5.05
CA LEU C 54 -11.58 29.34 -6.03
C LEU C 54 -12.37 28.34 -6.87
N THR C 55 -12.29 28.46 -8.19
CA THR C 55 -13.10 27.64 -9.07
C THR C 55 -12.30 27.36 -10.31
N PHE C 56 -12.68 26.34 -11.06
CA PHE C 56 -11.98 26.02 -12.30
C PHE C 56 -12.72 26.70 -13.42
N SER C 57 -11.97 27.39 -14.31
CA SER C 57 -12.55 28.25 -15.37
C SER C 57 -11.81 28.15 -16.70
N ASN C 58 -12.33 28.78 -17.75
CA ASN C 58 -11.78 28.65 -19.12
C ASN C 58 -10.42 29.31 -19.29
N GLU C 59 -9.50 28.66 -19.99
CA GLU C 59 -8.12 29.19 -20.08
C GLU C 59 -8.15 30.64 -20.59
N SER C 60 -7.60 31.55 -19.78
CA SER C 60 -7.54 33.01 -20.08
C SER C 60 -6.10 33.51 -20.35
N SER C 61 -5.14 32.60 -20.31
CA SER C 61 -3.75 32.91 -20.67
C SER C 61 -3.18 34.10 -19.89
N ALA C 62 -3.87 34.47 -18.82
CA ALA C 62 -3.54 35.66 -18.05
C ALA C 62 -2.91 35.24 -16.72
N ASN C 63 -2.43 36.23 -15.98
CA ASN C 63 -1.73 36.01 -14.72
C ASN C 63 -2.68 35.69 -13.57
N ASN C 64 -3.98 35.83 -13.82
CA ASN C 64 -4.92 35.50 -12.80
C ASN C 64 -4.91 34.01 -12.46
N GLN C 65 -4.56 33.20 -13.47
CA GLN C 65 -4.58 31.71 -13.42
C GLN C 65 -3.24 31.03 -13.13
N LYS C 66 -2.18 31.81 -12.87
CA LYS C 66 -0.84 31.28 -12.69
C LYS C 66 -0.46 31.30 -11.24
N TRP C 67 -0.20 30.13 -10.67
CA TRP C 67 0.17 29.99 -9.28
C TRP C 67 1.67 29.76 -9.07
N ASN C 68 2.22 30.56 -8.14
CA ASN C 68 3.63 30.48 -7.78
C ASN C 68 3.75 29.61 -6.52
N VAL C 69 4.42 28.47 -6.67
CA VAL C 69 4.49 27.46 -5.60
C VAL C 69 5.90 27.38 -5.02
N GLU C 70 6.01 27.48 -3.70
CA GLU C 70 7.30 27.67 -3.06
C GLU C 70 7.57 26.76 -1.87
N TYR C 71 8.42 25.75 -2.07
CA TYR C 71 8.83 24.89 -0.99
C TYR C 71 9.40 25.74 0.13
N MET C 72 8.89 25.57 1.35
CA MET C 72 9.47 26.27 2.48
C MET C 72 10.07 25.24 3.41
N ALA C 73 11.40 25.14 3.38
CA ALA C 73 12.12 24.02 3.99
C ALA C 73 12.02 23.97 5.50
N GLU C 74 11.55 25.06 6.09
CA GLU C 74 11.44 25.21 7.52
C GLU C 74 10.26 24.41 8.07
N ASN C 75 9.24 24.17 7.23
CA ASN C 75 8.05 23.39 7.59
C ASN C 75 7.86 22.13 6.74
N ARG C 76 8.89 21.81 5.96
CA ARG C 76 8.81 20.79 4.91
C ARG C 76 7.41 20.69 4.32
N CYS C 77 7.03 21.77 3.67
CA CYS C 77 5.75 21.90 3.00
C CYS C 77 5.85 23.04 2.01
N PHE C 78 4.80 23.23 1.22
CA PHE C 78 4.79 24.24 0.17
C PHE C 78 3.69 25.22 0.42
N LYS C 79 3.94 26.47 0.02
CA LYS C 79 2.96 27.57 0.02
C LYS C 79 2.72 27.98 -1.42
N ILE C 80 1.49 28.40 -1.73
CA ILE C 80 1.14 28.72 -3.11
C ILE C 80 0.46 30.07 -3.25
N SER C 81 1.16 31.01 -3.89
CA SER C 81 0.70 32.39 -4.07
C SER C 81 0.11 32.57 -5.44
N ASN C 82 -0.79 33.55 -5.60
CA ASN C 82 -1.39 33.88 -6.91
C ASN C 82 -0.61 34.95 -7.63
N VAL C 83 -0.03 34.61 -8.78
CA VAL C 83 0.98 35.48 -9.36
C VAL C 83 0.49 36.91 -9.59
N ALA C 84 -0.79 37.07 -9.90
CA ALA C 84 -1.30 38.41 -10.21
C ALA C 84 -1.57 39.23 -8.95
N GLU C 85 -1.73 38.55 -7.81
CA GLU C 85 -1.85 39.21 -6.48
C GLU C 85 -0.89 38.55 -5.46
N PRO C 86 0.42 38.59 -5.72
CA PRO C 86 1.33 37.62 -5.12
C PRO C 86 1.63 37.80 -3.63
N ASN C 87 0.89 38.67 -2.95
CA ASN C 87 0.89 38.70 -1.48
C ASN C 87 -0.26 37.93 -0.88
N LYS C 88 -1.04 37.28 -1.75
CA LYS C 88 -2.17 36.44 -1.39
C LYS C 88 -1.90 34.99 -1.77
N TYR C 89 -2.10 34.11 -0.79
CA TYR C 89 -1.78 32.70 -0.88
C TYR C 89 -3.05 31.86 -0.75
N LEU C 90 -2.97 30.61 -1.24
CA LEU C 90 -4.09 29.67 -1.15
C LEU C 90 -4.19 29.16 0.27
N SER C 91 -5.40 29.16 0.80
CA SER C 91 -5.66 28.88 2.20
C SER C 91 -7.05 28.27 2.39
N TYR C 92 -7.64 28.38 3.57
CA TYR C 92 -9.03 27.96 3.75
C TYR C 92 -9.74 28.66 4.92
N ASP C 93 -11.07 28.67 4.91
CA ASP C 93 -11.83 29.41 5.93
C ASP C 93 -12.54 28.46 6.87
N ASN C 94 -13.31 28.97 7.83
CA ASN C 94 -14.06 28.12 8.76
C ASN C 94 -15.43 27.71 8.25
N PHE C 95 -15.64 27.94 6.96
CA PHE C 95 -16.70 27.31 6.21
C PHE C 95 -15.86 26.43 5.31
N GLY C 96 -16.42 25.59 4.48
CA GLY C 96 -15.58 24.56 3.85
C GLY C 96 -14.50 24.98 2.85
N PHE C 97 -14.52 26.23 2.41
CA PHE C 97 -13.90 26.63 1.13
C PHE C 97 -12.39 26.83 1.22
N ILE C 98 -11.72 26.51 0.12
CA ILE C 98 -10.35 26.96 -0.08
C ILE C 98 -10.44 28.46 -0.43
N SER C 99 -9.44 29.22 0.01
CA SER C 99 -9.46 30.69 -0.04
C SER C 99 -8.14 31.32 -0.52
N LEU C 100 -8.22 32.53 -1.08
CA LEU C 100 -7.06 33.40 -1.23
C LEU C 100 -6.93 34.36 -0.04
N ASP C 101 -5.83 34.29 0.73
CA ASP C 101 -5.67 35.09 1.97
C ASP C 101 -4.22 35.49 2.19
N SER C 102 -3.98 36.48 3.05
CA SER C 102 -2.60 36.81 3.39
C SER C 102 -2.05 35.67 4.22
N LEU C 103 -0.74 35.60 4.33
CA LEU C 103 -0.06 34.38 4.77
C LEU C 103 -0.48 33.96 6.17
N SER C 104 -0.60 32.64 6.35
CA SER C 104 -1.09 32.04 7.58
C SER C 104 -0.62 30.58 7.58
N ASN C 105 -0.54 29.94 8.76
CA ASN C 105 -0.14 28.51 8.80
C ASN C 105 -1.07 27.62 7.97
N ARG C 106 -2.31 28.06 7.80
CA ARG C 106 -3.28 27.41 6.92
C ARG C 106 -2.85 27.39 5.46
N CYS C 107 -2.11 28.42 5.05
CA CYS C 107 -1.63 28.55 3.67
C CYS C 107 -0.53 27.54 3.32
N TYR C 108 -0.12 26.71 4.30
CA TYR C 108 0.84 25.59 4.11
C TYR C 108 0.17 24.30 3.64
N TRP C 109 0.80 23.64 2.68
CA TRP C 109 0.24 22.47 2.01
C TRP C 109 1.30 21.42 1.84
N PHE C 110 0.90 20.16 1.94
CA PHE C 110 1.79 19.00 1.89
C PHE C 110 1.38 18.08 0.75
N PRO C 111 1.93 18.30 -0.46
CA PRO C 111 1.49 17.63 -1.69
C PRO C 111 1.91 16.19 -1.76
N ILE C 112 1.02 15.33 -2.28
CA ILE C 112 1.34 13.93 -2.59
C ILE C 112 1.17 13.68 -4.09
N LYS C 113 2.28 13.36 -4.76
CA LYS C 113 2.27 13.06 -6.19
C LYS C 113 1.84 11.61 -6.33
N ILE C 114 0.93 11.35 -7.27
CA ILE C 114 0.43 9.99 -7.46
C ILE C 114 0.45 9.57 -8.92
N ALA C 115 1.01 10.44 -9.76
CA ALA C 115 1.18 10.18 -11.19
C ALA C 115 1.73 11.42 -11.81
N VAL C 116 2.29 11.32 -13.01
CA VAL C 116 2.87 12.51 -13.66
C VAL C 116 1.96 13.71 -13.41
N ASN C 117 2.55 14.73 -12.82
CA ASN C 117 1.89 16.00 -12.65
C ASN C 117 0.62 16.04 -11.83
N THR C 118 0.15 14.91 -11.29
CA THR C 118 -1.05 15.00 -10.47
C THR C 118 -0.73 14.84 -9.00
N TYR C 119 -1.46 15.57 -8.16
CA TYR C 119 -1.14 15.64 -6.73
C TYR C 119 -2.42 15.64 -5.92
N ILE C 120 -2.30 15.26 -4.66
CA ILE C 120 -3.42 15.33 -3.73
C ILE C 120 -2.95 16.21 -2.61
N MET C 121 -3.43 17.45 -2.61
CA MET C 121 -2.95 18.48 -1.69
C MET C 121 -3.58 18.32 -0.33
N LEU C 122 -2.76 17.99 0.65
CA LEU C 122 -3.23 17.86 2.01
C LEU C 122 -2.85 19.11 2.75
N SER C 123 -3.66 19.54 3.71
CA SER C 123 -3.22 20.64 4.59
C SER C 123 -2.25 20.03 5.58
N LEU C 124 -1.11 20.70 5.76
CA LEU C 124 -0.04 20.20 6.63
C LEU C 124 -0.54 19.88 8.02
N ASN C 125 -1.24 20.84 8.61
CA ASN C 125 -1.76 20.67 9.95
C ASN C 125 -3.13 19.99 9.92
N LYS C 126 -3.25 18.90 10.69
CA LYS C 126 -4.35 17.96 10.56
C LYS C 126 -5.56 18.58 11.24
N VAL C 127 -6.76 18.27 10.78
CA VAL C 127 -7.99 18.91 11.31
C VAL C 127 -8.39 18.38 12.70
N ASN C 128 -8.94 17.17 12.83
CA ASN C 128 -8.95 16.53 14.15
C ASN C 128 -7.79 15.55 14.20
N GLU C 129 -8.04 14.27 14.00
CA GLU C 129 -6.93 13.35 13.82
C GLU C 129 -6.77 13.03 12.34
N LEU C 130 -7.64 13.59 11.50
CA LEU C 130 -7.60 13.22 10.08
C LEU C 130 -7.29 14.37 9.16
N ASP C 131 -6.77 13.99 7.99
CA ASP C 131 -6.19 14.92 7.04
C ASP C 131 -7.31 15.55 6.28
N TYR C 132 -7.07 16.73 5.72
CA TYR C 132 -8.02 17.29 4.76
C TYR C 132 -7.33 17.60 3.44
N ALA C 133 -8.13 17.78 2.41
CA ALA C 133 -7.54 18.01 1.11
C ALA C 133 -8.36 18.93 0.30
N TRP C 134 -7.76 19.38 -0.79
CA TRP C 134 -8.49 20.14 -1.75
C TRP C 134 -9.35 19.08 -2.32
N ASP C 135 -10.62 19.42 -2.57
CA ASP C 135 -11.58 18.47 -3.15
C ASP C 135 -12.45 19.32 -4.05
N ILE C 136 -13.06 18.73 -5.06
CA ILE C 136 -14.01 19.47 -5.89
C ILE C 136 -15.13 18.61 -6.45
N TYR C 137 -16.38 19.05 -6.27
CA TYR C 137 -17.55 18.20 -6.54
C TYR C 137 -17.79 18.08 -8.06
N ASP C 138 -18.38 16.98 -8.49
CA ASP C 138 -18.69 16.78 -9.90
C ASP C 138 -20.09 16.24 -10.05
N THR C 139 -20.95 16.92 -10.80
CA THR C 139 -22.26 16.37 -11.04
C THR C 139 -22.12 15.10 -11.86
N ASN C 140 -21.32 15.17 -12.91
CA ASN C 140 -20.98 14.00 -13.70
C ASN C 140 -19.64 14.20 -14.37
N GLU C 141 -18.58 14.30 -13.58
CA GLU C 141 -17.28 14.60 -14.15
C GLU C 141 -17.32 16.02 -14.70
N ASN C 142 -18.31 16.79 -14.27
CA ASN C 142 -18.45 18.17 -14.67
C ASN C 142 -18.32 19.04 -13.45
N ILE C 143 -17.48 20.06 -13.53
CA ILE C 143 -17.19 20.86 -12.35
C ILE C 143 -17.48 22.35 -12.54
N LEU C 144 -18.27 22.67 -13.56
CA LEU C 144 -18.21 23.99 -14.13
C LEU C 144 -18.34 25.05 -13.12
N SER C 145 -19.42 25.12 -12.38
CA SER C 145 -19.49 26.29 -11.50
C SER C 145 -18.97 26.04 -10.06
N GLN C 146 -18.24 24.94 -9.86
CA GLN C 146 -17.97 24.44 -8.51
C GLN C 146 -16.79 25.08 -7.81
N PRO C 147 -17.00 25.49 -6.55
CA PRO C 147 -15.97 25.97 -5.64
C PRO C 147 -15.08 24.87 -5.15
N LEU C 148 -13.80 25.17 -4.98
CA LEU C 148 -12.83 24.23 -4.42
C LEU C 148 -12.94 24.31 -2.91
N LEU C 149 -13.05 23.16 -2.25
CA LEU C 149 -13.26 23.09 -0.83
C LEU C 149 -12.19 22.23 -0.22
N LEU C 150 -12.21 22.22 1.10
CA LEU C 150 -11.30 21.42 1.90
C LEU C 150 -12.07 20.32 2.62
N LEU C 151 -11.80 19.07 2.28
CA LEU C 151 -12.61 17.96 2.84
C LEU C 151 -11.77 16.77 3.23
N PRO C 152 -12.31 15.92 4.11
CA PRO C 152 -11.42 14.92 4.68
C PRO C 152 -10.87 14.05 3.60
N ASN C 153 -9.63 13.63 3.78
CA ASN C 153 -8.98 12.66 2.90
C ASN C 153 -8.80 11.30 3.57
N PHE C 154 -8.70 10.26 2.76
CA PHE C 154 -8.51 8.93 3.29
C PHE C 154 -7.39 8.12 2.61
N ASP C 155 -7.41 8.09 1.28
CA ASP C 155 -6.51 7.27 0.47
C ASP C 155 -6.08 8.07 -0.77
N ILE C 156 -5.38 7.45 -1.72
CA ILE C 156 -5.05 8.11 -2.99
C ILE C 156 -6.05 7.82 -4.13
N TYR C 157 -7.20 7.30 -3.76
CA TYR C 157 -8.05 6.76 -4.76
C TYR C 157 -9.29 7.64 -4.99
N ASN C 158 -9.34 8.81 -4.38
CA ASN C 158 -10.46 9.73 -4.64
C ASN C 158 -10.20 10.67 -5.83
N SER C 159 -10.95 10.45 -6.91
CA SER C 159 -10.86 11.26 -8.10
C SER C 159 -10.94 12.76 -7.79
N ASN C 160 -11.81 13.17 -6.88
CA ASN C 160 -12.07 14.61 -6.69
C ASN C 160 -10.91 15.37 -6.01
N GLN C 161 -10.31 14.68 -5.04
CA GLN C 161 -9.08 15.08 -4.35
C GLN C 161 -7.82 15.26 -5.25
N MET C 162 -7.82 14.59 -6.39
CA MET C 162 -6.76 14.66 -7.42
C MET C 162 -6.71 15.97 -8.23
N PHE C 163 -5.54 16.63 -8.24
CA PHE C 163 -5.35 17.86 -9.05
C PHE C 163 -4.04 17.86 -9.75
N LYS C 164 -3.96 18.49 -10.93
CA LYS C 164 -2.71 18.41 -11.66
C LYS C 164 -2.08 19.77 -11.77
N LEU C 165 -0.75 19.82 -11.54
CA LEU C 165 0.02 21.08 -11.58
C LEU C 165 1.11 20.98 -12.63
N GLU C 166 1.04 21.86 -13.63
CA GLU C 166 1.91 21.82 -14.81
C GLU C 166 2.86 23.04 -14.85
N LYS C 167 3.80 23.06 -15.80
CA LYS C 167 4.94 23.99 -15.83
C LYS C 167 5.39 24.40 -14.42
N ASN D 31 -42.09 16.14 -0.39
CA ASN D 31 -43.40 16.40 -0.94
C ASN D 31 -44.46 16.44 0.15
N SER D 32 -44.07 16.11 1.37
CA SER D 32 -45.01 16.08 2.48
C SER D 32 -45.57 17.47 2.71
N LEU D 33 -44.71 18.47 2.62
CA LEU D 33 -45.13 19.87 2.75
C LEU D 33 -45.12 20.59 1.40
N ASN D 34 -45.04 19.84 0.31
CA ASN D 34 -44.84 20.44 -0.99
C ASN D 34 -45.96 21.40 -1.39
N ASP D 35 -45.56 22.54 -1.96
CA ASP D 35 -46.49 23.55 -2.42
C ASP D 35 -46.99 24.42 -1.28
N LYS D 36 -46.44 24.17 -0.09
CA LYS D 36 -46.79 24.94 1.10
C LYS D 36 -46.20 26.34 1.09
N ILE D 37 -46.80 27.23 1.86
CA ILE D 37 -46.32 28.59 2.00
C ILE D 37 -45.74 28.75 3.40
N VAL D 38 -44.55 29.31 3.51
CA VAL D 38 -43.73 29.10 4.70
C VAL D 38 -42.78 30.24 5.10
N THR D 39 -42.52 30.35 6.41
CA THR D 39 -41.45 31.21 6.92
C THR D 39 -40.29 30.39 7.46
N ILE D 40 -39.11 30.66 6.91
CA ILE D 40 -37.88 30.09 7.39
C ILE D 40 -37.24 31.10 8.33
N SER D 41 -36.99 30.67 9.57
CA SER D 41 -36.21 31.48 10.51
C SER D 41 -34.92 30.78 10.93
N CYS D 42 -33.99 31.54 11.48
CA CYS D 42 -32.70 30.99 11.91
C CYS D 42 -32.78 30.38 13.30
N LYS D 43 -32.14 29.23 13.47
CA LYS D 43 -32.14 28.53 14.75
C LYS D 43 -31.20 29.26 15.73
N ALA D 44 -30.23 30.01 15.22
CA ALA D 44 -29.32 30.77 16.07
C ALA D 44 -29.92 32.12 16.46
N ASN D 45 -31.07 32.47 15.89
CA ASN D 45 -31.80 33.65 16.29
C ASN D 45 -33.26 33.56 15.92
N THR D 46 -34.09 33.11 16.86
CA THR D 46 -35.52 32.89 16.64
C THR D 46 -36.26 34.07 16.02
N ASP D 47 -35.74 35.29 16.19
CA ASP D 47 -36.41 36.52 15.73
C ASP D 47 -36.07 36.90 14.28
N LEU D 48 -35.13 36.16 13.67
CA LEU D 48 -34.65 36.44 12.31
C LEU D 48 -35.27 35.53 11.26
N PHE D 49 -35.74 36.13 10.19
CA PHE D 49 -36.41 35.42 9.14
C PHE D 49 -35.74 35.62 7.79
N PHE D 50 -35.86 34.61 6.94
CA PHE D 50 -35.45 34.72 5.57
C PHE D 50 -36.41 35.69 4.96
N TYR D 51 -35.91 36.81 4.45
CA TYR D 51 -36.76 37.89 3.93
C TYR D 51 -36.10 38.54 2.71
N GLN D 52 -36.88 38.76 1.65
CA GLN D 52 -36.35 39.14 0.34
C GLN D 52 -36.41 40.66 0.17
N VAL D 53 -35.28 41.30 -0.20
CA VAL D 53 -35.23 42.78 -0.16
C VAL D 53 -35.69 43.45 -1.45
N PRO D 54 -36.76 44.23 -1.34
CA PRO D 54 -37.54 44.75 -2.46
C PRO D 54 -36.83 45.31 -3.69
N GLY D 55 -35.75 46.07 -3.51
CA GLY D 55 -35.17 46.82 -4.66
C GLY D 55 -34.54 45.99 -5.77
N ASN D 56 -34.20 44.75 -5.41
CA ASN D 56 -33.37 43.88 -6.21
C ASN D 56 -33.51 42.47 -5.66
N GLY D 57 -32.43 41.70 -5.59
CA GLY D 57 -32.52 40.27 -5.40
C GLY D 57 -31.75 39.77 -4.21
N ASN D 58 -31.53 40.62 -3.23
CA ASN D 58 -30.89 40.16 -2.03
C ASN D 58 -31.93 39.44 -1.18
N VAL D 59 -31.45 38.38 -0.53
CA VAL D 59 -32.16 37.77 0.57
C VAL D 59 -31.38 38.14 1.81
N SER D 60 -32.12 38.41 2.87
CA SER D 60 -31.56 38.87 4.11
C SER D 60 -32.31 38.33 5.30
N LEU D 61 -31.58 38.22 6.40
CA LEU D 61 -32.12 37.77 7.66
C LEU D 61 -32.71 39.00 8.32
N PHE D 62 -34.01 38.99 8.58
CA PHE D 62 -34.72 40.20 9.00
C PHE D 62 -35.68 39.90 10.13
N GLN D 63 -35.98 40.92 10.92
CA GLN D 63 -36.96 40.84 11.99
C GLN D 63 -38.28 40.29 11.47
N GLN D 64 -39.12 39.80 12.38
CA GLN D 64 -40.44 39.31 11.97
C GLN D 64 -41.21 40.45 11.29
N THR D 65 -42.08 40.10 10.35
CA THR D 65 -42.67 41.08 9.44
C THR D 65 -44.13 40.84 8.98
N ARG D 66 -44.73 39.68 9.27
CA ARG D 66 -46.10 39.31 8.83
C ARG D 66 -46.37 39.76 7.40
N ASN D 67 -45.43 39.49 6.50
CA ASN D 67 -45.51 40.06 5.18
C ASN D 67 -45.15 39.09 4.09
N TYR D 68 -45.71 39.30 2.91
CA TYR D 68 -45.38 38.43 1.77
C TYR D 68 -43.85 38.25 1.60
N LEU D 69 -43.08 39.31 1.80
CA LEU D 69 -41.60 39.24 1.71
C LEU D 69 -40.91 38.23 2.64
N GLU D 70 -41.59 37.91 3.73
CA GLU D 70 -41.13 36.98 4.74
C GLU D 70 -41.39 35.52 4.29
N ARG D 71 -42.23 35.38 3.26
CA ARG D 71 -42.81 34.10 2.89
C ARG D 71 -42.18 33.49 1.68
N TRP D 72 -42.20 32.15 1.68
CA TRP D 72 -41.60 31.33 0.64
C TRP D 72 -42.42 30.06 0.45
N ARG D 73 -42.85 29.75 -0.78
CA ARG D 73 -43.47 28.46 -1.05
C ARG D 73 -42.43 27.49 -1.57
N ILE D 74 -42.62 26.24 -1.15
CA ILE D 74 -41.73 25.15 -1.41
C ILE D 74 -42.25 24.30 -2.55
N ILE D 75 -41.38 23.99 -3.49
CA ILE D 75 -41.77 23.26 -4.68
C ILE D 75 -40.92 22.00 -4.77
N TYR D 76 -41.56 20.83 -4.82
CA TYR D 76 -40.82 19.58 -4.98
C TYR D 76 -40.66 19.24 -6.42
N ASP D 77 -39.58 18.55 -6.75
CA ASP D 77 -39.37 18.00 -8.09
C ASP D 77 -39.04 16.53 -7.97
N SER D 78 -39.93 15.71 -8.51
CA SER D 78 -39.86 14.27 -8.34
C SER D 78 -38.60 13.70 -8.92
N ASN D 79 -38.14 14.28 -10.04
CA ASN D 79 -36.96 13.77 -10.74
C ASN D 79 -35.65 14.21 -10.14
N LYS D 80 -35.62 15.44 -9.61
CA LYS D 80 -34.44 15.97 -8.93
C LYS D 80 -34.50 15.61 -7.46
N ALA D 81 -35.66 15.13 -7.01
CA ALA D 81 -35.76 14.57 -5.67
C ALA D 81 -35.46 15.60 -4.61
N ALA D 82 -35.71 16.85 -4.98
CA ALA D 82 -35.30 17.98 -4.17
C ALA D 82 -36.22 19.16 -4.40
N TYR D 83 -36.16 20.09 -3.46
CA TYR D 83 -37.06 21.23 -3.41
C TYR D 83 -36.42 22.52 -3.94
N LYS D 84 -37.23 23.41 -4.49
CA LYS D 84 -36.80 24.80 -4.61
C LYS D 84 -37.64 25.70 -3.74
N ILE D 85 -37.14 26.91 -3.46
CA ILE D 85 -37.79 27.83 -2.51
C ILE D 85 -38.15 29.19 -3.17
N LYS D 86 -39.45 29.44 -3.35
CA LYS D 86 -39.94 30.60 -4.14
C LYS D 86 -40.54 31.72 -3.29
N SER D 87 -40.07 32.95 -3.50
CA SER D 87 -40.58 34.11 -2.77
C SER D 87 -41.91 34.59 -3.30
N MET D 88 -42.80 34.85 -2.35
CA MET D 88 -44.14 35.31 -2.64
C MET D 88 -44.22 36.83 -2.80
N ASN D 89 -43.08 37.47 -2.99
CA ASN D 89 -43.05 38.85 -3.45
C ASN D 89 -44.09 39.04 -4.56
N ILE D 90 -45.12 39.83 -4.28
CA ILE D 90 -46.24 39.93 -5.21
C ILE D 90 -45.90 40.79 -6.46
N TYR D 91 -45.08 41.81 -6.32
CA TYR D 91 -44.65 42.61 -7.48
C TYR D 91 -43.34 42.04 -8.09
N ASN D 92 -42.92 40.88 -7.59
CA ASN D 92 -41.85 40.13 -8.20
C ASN D 92 -42.04 38.63 -8.08
N THR D 93 -43.02 38.10 -8.80
CA THR D 93 -43.33 36.69 -8.75
C THR D 93 -42.26 35.89 -9.48
N ASN D 94 -42.23 34.59 -9.26
CA ASN D 94 -41.26 33.73 -9.91
C ASN D 94 -39.82 34.08 -9.58
N LEU D 95 -39.58 34.41 -8.32
CA LEU D 95 -38.22 34.60 -7.82
C LEU D 95 -37.95 33.55 -6.75
N VAL D 96 -36.79 32.90 -6.85
CA VAL D 96 -36.48 31.72 -6.03
C VAL D 96 -35.04 31.75 -5.49
N LEU D 97 -34.84 31.12 -4.32
CA LEU D 97 -33.56 31.13 -3.60
C LEU D 97 -32.49 30.38 -4.38
N THR D 98 -31.30 30.97 -4.48
CA THR D 98 -30.34 30.62 -5.52
C THR D 98 -28.86 30.83 -5.16
N TRP D 99 -28.15 29.75 -4.91
CA TRP D 99 -26.72 29.84 -4.66
C TRP D 99 -25.99 30.20 -5.93
N ASN D 100 -25.20 31.28 -5.86
CA ASN D 100 -24.56 31.84 -7.04
C ASN D 100 -23.28 31.12 -7.43
N ALA D 101 -23.42 30.24 -8.43
CA ALA D 101 -22.29 29.61 -9.08
C ALA D 101 -21.21 29.41 -8.03
N PRO D 102 -19.96 29.93 -8.20
CA PRO D 102 -18.99 29.45 -7.19
C PRO D 102 -18.87 30.28 -5.92
N THR D 103 -19.51 31.44 -5.85
CA THR D 103 -19.32 32.30 -4.68
C THR D 103 -19.90 31.69 -3.39
N HIS D 104 -19.92 32.49 -2.33
CA HIS D 104 -20.51 32.09 -1.07
C HIS D 104 -21.92 32.62 -0.96
N ASN D 105 -22.45 33.23 -2.02
CA ASN D 105 -23.64 34.07 -1.85
C ASN D 105 -24.99 33.47 -2.23
N ILE D 106 -25.92 33.56 -1.28
CA ILE D 106 -27.29 33.16 -1.54
C ILE D 106 -28.03 34.43 -1.88
N SER D 107 -28.72 34.38 -3.00
CA SER D 107 -29.55 35.49 -3.45
C SER D 107 -30.87 34.94 -3.98
N ALA D 108 -31.79 35.84 -4.31
CA ALA D 108 -33.03 35.47 -5.00
C ALA D 108 -32.89 35.68 -6.51
N GLN D 109 -33.39 34.74 -7.29
CA GLN D 109 -33.23 34.81 -8.74
C GLN D 109 -34.45 34.42 -9.55
N GLN D 110 -34.46 34.99 -10.74
CA GLN D 110 -35.28 34.53 -11.82
C GLN D 110 -35.14 32.99 -11.94
N ASP D 111 -36.27 32.30 -11.99
CA ASP D 111 -36.31 30.83 -11.99
C ASP D 111 -35.94 30.14 -13.31
N SER D 112 -34.65 30.11 -13.63
CA SER D 112 -34.13 29.29 -14.74
C SER D 112 -34.56 27.85 -14.55
N ASN D 113 -34.71 27.46 -13.29
CA ASN D 113 -35.11 26.13 -12.88
C ASN D 113 -33.93 25.21 -12.96
N ALA D 114 -32.80 25.73 -12.51
CA ALA D 114 -31.52 25.07 -12.65
C ALA D 114 -31.04 24.47 -11.31
N ASP D 115 -29.93 23.74 -11.39
CA ASP D 115 -29.41 22.99 -10.25
C ASP D 115 -29.06 23.88 -9.06
N ASN D 116 -28.44 25.03 -9.32
CA ASN D 116 -28.21 26.03 -8.24
C ASN D 116 -29.47 26.50 -7.55
N GLN D 117 -30.64 26.26 -8.15
CA GLN D 117 -31.89 26.78 -7.60
C GLN D 117 -32.65 25.74 -6.75
N TYR D 118 -32.15 24.50 -6.75
CA TYR D 118 -32.68 23.43 -5.88
C TYR D 118 -31.86 23.15 -4.61
N TRP D 119 -32.57 22.52 -3.67
CA TRP D 119 -32.15 22.31 -2.28
C TRP D 119 -32.75 21.03 -1.71
N LEU D 120 -31.96 20.29 -0.94
CA LEU D 120 -32.47 19.18 -0.18
C LEU D 120 -32.89 19.71 1.20
N LEU D 121 -34.13 19.44 1.60
CA LEU D 121 -34.58 19.78 2.94
C LEU D 121 -34.35 18.62 3.88
N LEU D 122 -33.60 18.85 4.95
CA LEU D 122 -33.19 17.78 5.84
C LEU D 122 -33.60 18.09 7.29
N LYS D 123 -34.70 17.49 7.73
CA LYS D 123 -35.12 17.50 9.13
C LYS D 123 -34.10 16.78 10.07
N ASP D 124 -33.78 17.41 11.20
CA ASP D 124 -32.73 16.95 12.09
C ASP D 124 -33.27 15.99 13.08
N ILE D 125 -34.57 15.99 13.32
CA ILE D 125 -35.17 14.90 14.12
C ILE D 125 -34.80 15.03 15.60
N GLY D 126 -33.51 15.25 15.92
CA GLY D 126 -33.11 15.71 17.25
C GLY D 126 -33.79 17.02 17.63
N ASN D 127 -33.26 18.14 17.13
CA ASN D 127 -33.84 19.44 17.45
C ASN D 127 -35.04 19.84 16.57
N ASN D 128 -35.44 18.97 15.66
CA ASN D 128 -36.62 19.20 14.82
C ASN D 128 -36.54 20.42 13.86
N SER D 129 -35.34 20.78 13.44
CA SER D 129 -35.11 21.87 12.49
C SER D 129 -34.47 21.34 11.22
N PHE D 130 -34.18 22.20 10.27
CA PHE D 130 -33.74 21.71 8.97
C PHE D 130 -32.37 22.19 8.62
N ILE D 131 -31.62 21.32 7.99
CA ILE D 131 -30.42 21.70 7.29
C ILE D 131 -30.84 21.82 5.82
N ILE D 132 -30.42 22.90 5.17
CA ILE D 132 -30.80 23.10 3.79
C ILE D 132 -29.53 23.06 2.95
N ALA D 133 -29.44 22.08 2.04
CA ALA D 133 -28.19 21.76 1.36
C ALA D 133 -28.38 21.85 -0.13
N SER D 134 -27.40 22.38 -0.85
CA SER D 134 -27.62 22.69 -2.26
C SER D 134 -27.47 21.52 -3.17
N TYR D 135 -28.58 21.18 -3.81
CA TYR D 135 -28.61 20.15 -4.85
C TYR D 135 -27.39 20.22 -5.75
N LYS D 136 -26.90 21.46 -5.97
CA LYS D 136 -25.84 21.72 -6.93
C LYS D 136 -24.63 21.01 -6.47
N ASN D 137 -24.33 21.25 -5.20
CA ASN D 137 -23.28 20.56 -4.49
C ASN D 137 -23.69 20.40 -3.03
N PRO D 138 -24.28 19.25 -2.68
CA PRO D 138 -24.92 19.12 -1.39
C PRO D 138 -23.95 18.85 -0.26
N ASN D 139 -22.66 19.07 -0.50
CA ASN D 139 -21.70 19.21 0.58
C ASN D 139 -21.82 20.55 1.32
N LEU D 140 -22.39 21.53 0.62
CA LEU D 140 -22.54 22.89 1.12
C LEU D 140 -23.98 23.17 1.51
N VAL D 141 -24.13 23.93 2.57
CA VAL D 141 -25.38 24.10 3.21
C VAL D 141 -25.60 25.58 3.52
N LEU D 142 -26.87 25.97 3.65
CA LEU D 142 -27.20 27.35 4.00
C LEU D 142 -26.64 27.61 5.35
N TYR D 143 -26.07 28.82 5.51
CA TYR D 143 -25.46 29.30 6.75
C TYR D 143 -25.90 30.72 7.08
N ALA D 144 -26.34 30.92 8.31
CA ALA D 144 -26.87 32.23 8.73
C ALA D 144 -25.75 33.15 9.17
N ASP D 145 -25.44 34.16 8.36
CA ASP D 145 -24.48 35.18 8.79
C ASP D 145 -25.21 36.22 9.60
N THR D 146 -25.24 36.02 10.91
CA THR D 146 -25.98 36.88 11.78
C THR D 146 -25.36 38.27 11.82
N VAL D 147 -24.03 38.37 11.80
CA VAL D 147 -23.43 39.68 11.96
C VAL D 147 -23.93 40.63 10.88
N ALA D 148 -23.81 40.21 9.62
CA ALA D 148 -24.11 41.07 8.48
C ALA D 148 -25.42 40.67 7.79
N ARG D 149 -26.22 39.88 8.49
CA ARG D 149 -27.64 39.71 8.19
C ARG D 149 -28.03 39.23 6.78
N ASN D 150 -27.17 38.43 6.16
CA ASN D 150 -27.50 37.80 4.89
C ASN D 150 -27.28 36.29 5.00
N LEU D 151 -27.51 35.56 3.91
CA LEU D 151 -27.32 34.11 3.90
C LEU D 151 -26.07 33.70 3.16
N LYS D 152 -25.39 32.69 3.70
CA LYS D 152 -24.14 32.22 3.14
C LYS D 152 -24.15 30.69 3.06
N LEU D 153 -23.05 30.13 2.59
CA LEU D 153 -22.87 28.67 2.56
C LEU D 153 -21.78 28.25 3.50
N SER D 154 -22.00 27.10 4.13
CA SER D 154 -20.95 26.43 4.85
C SER D 154 -21.11 24.94 4.75
N THR D 155 -19.98 24.26 4.95
CA THR D 155 -19.94 22.82 4.97
C THR D 155 -20.60 22.29 6.28
N LEU D 156 -20.93 20.99 6.35
CA LEU D 156 -21.73 20.45 7.48
C LEU D 156 -21.01 20.47 8.82
N ASN D 157 -21.75 20.79 9.87
CA ASN D 157 -21.21 20.88 11.22
C ASN D 157 -22.39 21.02 12.18
N ASN D 158 -22.12 21.05 13.47
CA ASN D 158 -23.21 21.00 14.41
C ASN D 158 -23.79 22.36 14.80
N SER D 159 -23.13 23.45 14.40
CA SER D 159 -23.58 24.77 14.79
C SER D 159 -25.00 25.05 14.32
N SER D 160 -25.55 26.11 14.89
CA SER D 160 -26.93 26.50 14.69
C SER D 160 -27.04 27.48 13.55
N TYR D 161 -25.89 27.82 12.99
CA TYR D 161 -25.88 28.70 11.83
C TYR D 161 -26.36 27.95 10.59
N ILE D 162 -26.17 26.63 10.54
CA ILE D 162 -26.66 25.83 9.41
C ILE D 162 -28.04 25.18 9.62
N LYS D 163 -28.56 25.26 10.85
CA LYS D 163 -29.89 24.70 11.20
C LYS D 163 -30.98 25.79 11.19
N PHE D 164 -32.18 25.46 10.72
CA PHE D 164 -33.27 26.43 10.41
C PHE D 164 -34.70 25.99 10.74
N ILE D 165 -35.53 26.90 11.22
CA ILE D 165 -36.92 26.56 11.50
C ILE D 165 -37.82 26.88 10.33
N ILE D 166 -38.46 25.84 9.79
CA ILE D 166 -39.45 25.97 8.70
C ILE D 166 -40.85 25.72 9.23
N GLU D 167 -41.81 26.59 8.87
CA GLU D 167 -43.13 26.68 9.55
C GLU D 167 -44.24 27.38 8.76
N ASP D 168 -45.48 26.96 9.02
CA ASP D 168 -46.66 27.42 8.24
C ASP D 168 -46.83 28.93 8.41
N TYR D 169 -46.78 29.67 7.30
CA TYR D 169 -46.83 31.13 7.37
C TYR D 169 -47.86 31.61 8.35
N VAL D 170 -49.03 30.98 8.37
CA VAL D 170 -50.08 31.38 9.29
C VAL D 170 -49.68 31.11 10.75
N ILE D 171 -49.28 29.90 11.06
CA ILE D 171 -49.01 29.63 12.45
C ILE D 171 -47.78 30.45 12.89
N SER D 172 -46.89 30.79 11.96
CA SER D 172 -45.77 31.72 12.26
C SER D 172 -46.29 33.16 12.53
N ASP D 173 -47.14 33.65 11.65
CA ASP D 173 -47.70 34.98 11.81
C ASP D 173 -48.62 35.07 13.03
N PHE D 174 -49.14 33.96 13.53
CA PHE D 174 -50.11 34.00 14.64
C PHE D 174 -49.70 33.26 15.92
N LYS D 175 -48.50 32.68 15.97
CA LYS D 175 -48.12 31.89 17.15
C LYS D 175 -48.13 32.74 18.41
N ASN D 176 -47.74 34.01 18.26
CA ASN D 176 -47.79 35.01 19.33
C ASN D 176 -47.80 36.43 18.75
N PHE D 177 -49.00 36.92 18.44
CA PHE D 177 -49.16 38.19 17.70
C PHE D 177 -50.12 39.01 18.53
N THR D 178 -49.69 40.16 19.02
CA THR D 178 -50.65 41.03 19.74
C THR D 178 -51.10 42.11 18.74
N CYS D 179 -52.41 42.27 18.58
CA CYS D 179 -52.98 42.92 17.39
C CYS D 179 -54.39 43.47 17.57
N ARG D 180 -54.91 44.09 16.51
CA ARG D 180 -56.32 44.53 16.42
C ARG D 180 -56.99 43.78 15.32
N ILE D 181 -58.29 43.51 15.44
CA ILE D 181 -59.02 42.82 14.37
C ILE D 181 -60.09 43.71 13.76
N SER D 182 -60.07 43.82 12.43
CA SER D 182 -61.03 44.66 11.70
C SER D 182 -61.77 43.85 10.62
N PRO D 183 -63.06 44.09 10.46
CA PRO D 183 -63.87 43.37 9.49
C PRO D 183 -63.44 43.73 8.07
N ILE D 184 -63.75 42.86 7.12
CA ILE D 184 -63.41 43.11 5.73
C ILE D 184 -64.13 44.39 5.34
N LEU D 185 -65.33 44.55 5.88
CA LEU D 185 -66.10 45.78 5.70
C LEU D 185 -65.31 46.87 6.38
N ALA D 186 -65.54 48.12 5.97
CA ALA D 186 -64.55 49.16 6.08
C ALA D 186 -64.00 49.33 7.48
N GLY D 187 -62.69 49.55 7.53
CA GLY D 187 -61.92 49.63 8.75
C GLY D 187 -61.13 50.93 8.78
N GLY D 188 -60.70 51.38 9.95
CA GLY D 188 -60.67 50.55 11.14
C GLY D 188 -61.84 50.81 12.06
N LYS D 189 -62.63 49.76 12.25
CA LYS D 189 -63.50 49.60 13.41
C LYS D 189 -63.00 48.27 13.90
N VAL D 190 -62.76 48.12 15.19
CA VAL D 190 -62.03 46.98 15.66
C VAL D 190 -62.87 46.16 16.62
N VAL D 191 -62.76 44.84 16.54
CA VAL D 191 -63.46 43.99 17.51
C VAL D 191 -62.80 44.01 18.92
N GLN D 192 -63.61 44.43 19.91
CA GLN D 192 -63.17 44.74 21.28
C GLN D 192 -64.11 44.16 22.33
N GLN D 193 -63.61 44.01 23.57
CA GLN D 193 -64.46 43.78 24.74
C GLN D 193 -64.82 45.17 25.32
N VAL D 194 -66.03 45.33 25.84
CA VAL D 194 -66.53 46.63 26.25
C VAL D 194 -65.75 47.31 27.37
N SER D 195 -65.38 46.55 28.40
CA SER D 195 -64.69 47.15 29.53
C SER D 195 -63.84 46.14 30.30
N MET D 196 -62.91 46.64 31.09
CA MET D 196 -62.19 45.76 31.99
C MET D 196 -63.21 45.20 32.96
N THR D 197 -64.07 46.07 33.46
CA THR D 197 -65.15 45.67 34.36
C THR D 197 -66.18 44.77 33.69
N ASN D 198 -66.55 45.13 32.46
CA ASN D 198 -67.59 44.39 31.73
C ASN D 198 -67.06 43.88 30.41
N LEU D 199 -67.32 42.61 30.13
CA LEU D 199 -66.75 41.97 28.97
C LEU D 199 -67.70 42.05 27.79
N ALA D 200 -68.27 40.91 27.41
CA ALA D 200 -69.09 40.88 26.22
C ALA D 200 -68.13 41.12 25.07
N VAL D 201 -68.65 41.60 23.94
CA VAL D 201 -67.77 41.88 22.80
C VAL D 201 -68.53 42.67 21.74
N ASN D 202 -68.01 43.84 21.41
CA ASN D 202 -68.67 44.76 20.48
C ASN D 202 -67.73 45.22 19.36
N LEU D 203 -68.30 45.89 18.36
CA LEU D 203 -67.54 46.55 17.32
C LEU D 203 -67.52 48.06 17.63
N TYR D 204 -66.40 48.73 17.32
CA TYR D 204 -66.24 50.16 17.63
C TYR D 204 -65.25 50.81 16.66
N ILE D 205 -65.13 52.13 16.71
CA ILE D 205 -64.11 52.87 15.97
C ILE D 205 -62.81 52.76 16.79
N TRP D 206 -61.65 52.81 16.14
CA TRP D 206 -60.40 52.58 16.86
C TRP D 206 -59.95 53.77 17.68
N ASN D 207 -60.43 53.83 18.92
CA ASN D 207 -59.73 54.50 20.00
C ASN D 207 -58.72 53.47 20.51
N ASN D 208 -57.54 53.92 20.96
CA ASN D 208 -56.44 52.97 21.23
C ASN D 208 -56.55 52.14 22.51
N ASP D 209 -57.53 52.46 23.37
CA ASP D 209 -57.74 51.76 24.65
C ASP D 209 -57.48 50.27 24.49
N LEU D 210 -56.67 49.73 25.39
CA LEU D 210 -56.15 48.37 25.24
C LEU D 210 -57.23 47.27 25.29
N ASN D 211 -58.43 47.59 25.76
CA ASN D 211 -59.56 46.67 25.58
C ASN D 211 -59.87 46.37 24.10
N GLN D 212 -59.30 47.16 23.18
CA GLN D 212 -59.35 46.92 21.71
C GLN D 212 -58.10 46.20 21.16
N LYS D 213 -57.09 46.05 22.02
CA LYS D 213 -55.85 45.35 21.70
C LYS D 213 -55.93 43.91 22.22
N TRP D 214 -55.53 42.97 21.37
CA TRP D 214 -56.06 41.62 21.40
C TRP D 214 -54.88 40.68 21.09
N THR D 215 -54.46 39.84 22.06
CA THR D 215 -53.24 39.00 21.92
C THR D 215 -53.51 37.54 21.53
N ILE D 216 -53.10 37.17 20.31
CA ILE D 216 -53.44 35.86 19.79
C ILE D 216 -52.20 34.94 19.77
N ILE D 217 -52.37 33.76 20.37
CA ILE D 217 -51.27 32.85 20.75
C ILE D 217 -51.68 31.39 20.46
N TYR D 218 -50.80 30.67 19.76
CA TYR D 218 -51.11 29.31 19.23
C TYR D 218 -50.89 28.19 20.23
N ASN D 219 -51.70 27.15 20.13
CA ASN D 219 -51.54 25.97 20.94
C ASN D 219 -51.32 24.72 20.07
N GLU D 220 -50.07 24.28 19.98
CA GLU D 220 -49.73 23.12 19.15
C GLU D 220 -50.59 21.92 19.49
N GLU D 221 -50.73 21.60 20.78
CA GLU D 221 -51.50 20.42 21.19
C GLU D 221 -52.93 20.42 20.61
N LYS D 222 -53.73 21.42 20.95
CA LYS D 222 -55.11 21.52 20.44
C LYS D 222 -55.13 21.69 18.92
N ALA D 223 -54.09 22.35 18.39
CA ALA D 223 -53.97 22.69 16.95
C ALA D 223 -54.77 23.94 16.59
N ALA D 224 -54.91 24.85 17.56
CA ALA D 224 -55.74 26.05 17.42
C ALA D 224 -55.19 27.23 18.23
N TYR D 225 -55.75 28.42 17.98
CA TYR D 225 -55.26 29.65 18.58
C TYR D 225 -56.31 30.25 19.53
N GLN D 226 -55.90 30.71 20.69
CA GLN D 226 -56.79 31.47 21.58
C GLN D 226 -56.62 32.97 21.31
N PHE D 227 -57.67 33.76 21.52
CA PHE D 227 -57.61 35.22 21.37
C PHE D 227 -57.71 35.89 22.76
N PHE D 228 -56.57 36.19 23.37
CA PHE D 228 -56.57 36.86 24.69
C PHE D 228 -56.96 38.34 24.56
N ASN D 229 -57.59 38.89 25.59
CA ASN D 229 -57.61 40.35 25.70
C ASN D 229 -56.43 40.82 26.53
N LYS D 230 -56.03 42.06 26.27
CA LYS D 230 -54.97 42.72 27.02
C LYS D 230 -55.50 43.32 28.33
N ILE D 231 -56.60 44.06 28.25
CA ILE D 231 -57.13 44.83 29.40
C ILE D 231 -57.07 44.02 30.71
N LEU D 232 -57.19 42.70 30.61
CA LEU D 232 -56.88 41.80 31.71
C LEU D 232 -56.50 40.43 31.15
N SER D 233 -55.22 40.06 31.29
CA SER D 233 -54.75 38.77 30.75
C SER D 233 -55.26 37.61 31.61
N ASN D 234 -55.27 36.42 31.01
CA ASN D 234 -56.05 35.22 31.44
C ASN D 234 -57.49 35.21 30.88
N GLY D 235 -57.94 36.36 30.38
CA GLY D 235 -59.29 36.55 29.81
C GLY D 235 -59.28 36.44 28.29
N VAL D 236 -59.96 35.41 27.78
CA VAL D 236 -59.87 34.97 26.37
C VAL D 236 -61.22 34.97 25.67
N LEU D 237 -61.18 35.08 24.34
CA LEU D 237 -62.38 35.20 23.55
C LEU D 237 -63.01 33.84 23.40
N THR D 238 -64.30 33.79 23.72
CA THR D 238 -65.07 32.54 23.81
C THR D 238 -66.46 32.68 23.18
N TRP D 239 -66.91 31.60 22.54
CA TRP D 239 -68.32 31.39 22.24
C TRP D 239 -68.97 31.02 23.60
N ILE D 240 -70.20 30.53 23.53
CA ILE D 240 -70.96 30.22 24.72
C ILE D 240 -71.85 29.01 24.46
N PHE D 241 -72.26 28.36 25.53
CA PHE D 241 -73.13 27.21 25.42
C PHE D 241 -74.45 27.53 26.11
N SER D 242 -75.53 27.21 25.41
CA SER D 242 -76.90 27.59 25.77
C SER D 242 -77.24 28.93 25.15
N ASP D 243 -76.21 29.58 24.58
CA ASP D 243 -76.38 30.65 23.62
C ASP D 243 -75.48 30.27 22.46
N GLY D 244 -76.02 30.24 21.24
CA GLY D 244 -75.21 29.83 20.12
C GLY D 244 -74.60 30.97 19.34
N ASN D 245 -75.42 31.93 18.96
CA ASN D 245 -74.94 33.10 18.24
C ASN D 245 -74.04 33.99 19.07
N THR D 246 -74.38 34.15 20.34
CA THR D 246 -73.69 35.08 21.22
C THR D 246 -72.25 34.68 21.49
N VAL D 247 -71.38 35.68 21.57
CA VAL D 247 -69.98 35.49 21.87
C VAL D 247 -69.54 36.48 22.94
N ARG D 248 -68.53 36.11 23.73
CA ARG D 248 -68.08 36.95 24.85
C ARG D 248 -66.63 36.60 25.27
N VAL D 249 -66.16 37.09 26.41
CA VAL D 249 -64.83 36.68 26.92
C VAL D 249 -64.92 35.94 28.27
N SER D 250 -64.00 35.03 28.52
CA SER D 250 -64.00 34.28 29.77
C SER D 250 -62.62 33.76 30.12
N SER D 251 -62.44 33.45 31.40
CA SER D 251 -61.17 32.89 31.86
C SER D 251 -60.97 31.52 31.23
N SER D 252 -59.72 31.19 30.94
CA SER D 252 -59.40 29.93 30.29
C SER D 252 -59.79 28.75 31.18
N ALA D 253 -60.36 27.73 30.56
CA ALA D 253 -60.77 26.53 31.29
C ALA D 253 -60.56 25.27 30.47
N GLN D 254 -60.43 24.14 31.16
CA GLN D 254 -60.35 22.86 30.47
C GLN D 254 -61.71 22.54 29.83
N ASN D 255 -61.71 22.03 28.59
CA ASN D 255 -60.49 21.85 27.81
C ASN D 255 -59.79 23.18 27.50
N ASN D 256 -60.55 24.16 27.03
CA ASN D 256 -61.98 24.00 26.84
C ASN D 256 -62.37 24.10 25.37
N ASP D 257 -63.28 23.23 24.95
CA ASP D 257 -63.62 23.08 23.54
C ASP D 257 -64.18 24.37 22.94
N ALA D 258 -65.03 25.06 23.69
CA ALA D 258 -65.64 26.28 23.19
C ALA D 258 -64.57 27.31 22.88
N GLN D 259 -63.59 27.39 23.76
CA GLN D 259 -62.45 28.27 23.57
C GLN D 259 -61.56 27.72 22.47
N TYR D 260 -60.76 28.60 21.87
CA TYR D 260 -59.83 28.28 20.79
C TYR D 260 -60.47 28.49 19.43
N TRP D 261 -59.63 28.73 18.43
CA TRP D 261 -60.12 29.08 17.11
C TRP D 261 -59.18 28.65 16.01
N LEU D 262 -59.70 28.58 14.80
CA LEU D 262 -58.92 28.18 13.65
C LEU D 262 -58.88 29.37 12.68
N ILE D 263 -57.68 29.85 12.38
CA ILE D 263 -57.49 30.95 11.42
C ILE D 263 -57.16 30.35 10.07
N ASN D 264 -57.84 30.83 9.03
CA ASN D 264 -57.68 30.31 7.68
C ASN D 264 -57.75 31.42 6.66
N PRO D 265 -56.70 31.57 5.84
CA PRO D 265 -56.69 32.64 4.85
C PRO D 265 -57.64 32.40 3.70
N VAL D 266 -57.61 33.29 2.71
CA VAL D 266 -58.36 33.13 1.45
C VAL D 266 -57.50 33.57 0.25
N SER D 267 -56.65 32.66 -0.22
CA SER D 267 -55.48 32.99 -1.03
C SER D 267 -55.82 33.78 -2.28
N ASP D 268 -54.95 34.74 -2.56
CA ASP D 268 -55.16 35.80 -3.52
C ASP D 268 -54.13 36.83 -3.10
N ASN D 269 -54.34 38.09 -3.43
CA ASN D 269 -53.48 39.13 -2.89
C ASN D 269 -53.66 39.06 -1.38
N TYR D 270 -54.91 38.82 -0.98
CA TYR D 270 -55.31 38.18 0.28
C TYR D 270 -54.82 38.76 1.61
N ASP D 271 -54.39 37.89 2.52
CA ASP D 271 -54.02 38.25 3.87
C ASP D 271 -55.27 38.60 4.67
N ARG D 272 -56.41 38.12 4.19
CA ARG D 272 -57.68 38.25 4.89
C ARG D 272 -58.07 36.87 5.37
N TYR D 273 -58.41 36.76 6.65
CA TYR D 273 -58.56 35.48 7.30
C TYR D 273 -59.98 35.18 7.80
N THR D 274 -60.19 33.93 8.21
CA THR D 274 -61.51 33.42 8.60
C THR D 274 -61.42 32.72 9.96
N ILE D 275 -61.98 33.36 10.98
CA ILE D 275 -61.85 32.87 12.36
C ILE D 275 -62.96 31.86 12.69
N THR D 276 -62.59 30.58 12.77
CA THR D 276 -63.54 29.46 12.92
C THR D 276 -63.37 28.76 14.26
N ASN D 277 -64.48 28.44 14.94
CA ASN D 277 -64.41 27.84 16.28
C ASN D 277 -64.18 26.33 16.24
N LEU D 278 -63.44 25.82 17.21
CA LEU D 278 -63.06 24.40 17.26
C LEU D 278 -64.20 23.47 17.64
N ARG D 279 -65.02 23.88 18.61
CA ARG D 279 -66.15 23.07 19.11
C ARG D 279 -67.06 22.61 17.96
N ASP D 280 -67.40 23.55 17.08
CA ASP D 280 -68.18 23.28 15.87
C ASP D 280 -67.52 23.96 14.67
N LYS D 281 -66.91 23.15 13.80
CA LYS D 281 -66.16 23.63 12.64
C LYS D 281 -66.99 24.47 11.64
N THR D 282 -68.32 24.33 11.63
CA THR D 282 -69.17 25.17 10.79
C THR D 282 -69.42 26.54 11.40
N LYS D 283 -68.99 26.74 12.66
CA LYS D 283 -69.20 28.03 13.35
C LYS D 283 -68.05 29.03 13.12
N VAL D 284 -68.33 30.04 12.30
CA VAL D 284 -67.38 31.09 11.94
C VAL D 284 -67.77 32.43 12.58
N LEU D 285 -66.75 33.23 12.95
CA LEU D 285 -66.95 34.56 13.54
C LEU D 285 -67.68 35.48 12.57
N ASP D 286 -68.85 35.96 12.99
CA ASP D 286 -69.77 36.64 12.09
C ASP D 286 -70.14 38.05 12.53
N LEU D 287 -70.56 38.85 11.56
CA LEU D 287 -70.84 40.26 11.75
C LEU D 287 -72.29 40.57 12.09
N TYR D 288 -73.11 39.54 12.30
CA TYR D 288 -74.51 39.79 12.59
C TYR D 288 -75.14 40.65 11.49
N GLY D 289 -74.98 40.21 10.25
CA GLY D 289 -75.53 40.95 9.13
C GLY D 289 -74.57 42.02 8.67
N GLY D 290 -73.36 41.98 9.23
CA GLY D 290 -72.33 42.91 8.83
C GLY D 290 -72.73 44.35 9.00
N GLN D 291 -73.39 44.65 10.12
CA GLN D 291 -73.70 46.03 10.43
C GLN D 291 -72.37 46.74 10.60
N THR D 292 -72.28 47.92 10.00
CA THR D 292 -71.03 48.69 9.96
C THR D 292 -70.93 49.87 10.97
N ALA D 293 -71.70 49.81 12.06
CA ALA D 293 -71.76 50.95 13.00
C ALA D 293 -71.42 50.54 14.43
N ASP D 294 -71.06 51.54 15.25
CA ASP D 294 -70.54 51.33 16.61
C ASP D 294 -71.55 50.66 17.57
N GLY D 295 -71.08 49.67 18.34
CA GLY D 295 -71.94 48.93 19.28
C GLY D 295 -72.26 47.51 18.85
N THR D 296 -72.44 47.31 17.53
CA THR D 296 -72.84 46.04 16.92
C THR D 296 -72.32 44.77 17.60
N THR D 297 -73.21 43.80 17.86
CA THR D 297 -72.83 42.50 18.42
C THR D 297 -72.05 41.69 17.37
N ILE D 298 -71.11 40.85 17.82
CA ILE D 298 -70.18 40.14 16.90
C ILE D 298 -70.56 38.68 16.64
N GLN D 299 -71.30 38.05 17.55
CA GLN D 299 -71.99 36.79 17.21
C GLN D 299 -71.09 35.62 16.71
N VAL D 300 -71.71 34.63 16.07
CA VAL D 300 -71.01 33.53 15.37
C VAL D 300 -72.02 32.69 14.55
N PHE D 301 -71.70 32.34 13.30
CA PHE D 301 -72.73 31.76 12.41
C PHE D 301 -72.22 30.58 11.57
N ASN D 302 -73.09 30.00 10.74
CA ASN D 302 -72.67 29.13 9.64
C ASN D 302 -71.91 29.97 8.60
N SER D 303 -71.18 29.26 7.75
CA SER D 303 -70.01 29.74 7.04
C SER D 303 -70.26 30.27 5.64
N ASN D 304 -71.52 30.51 5.30
CA ASN D 304 -71.80 30.95 3.95
C ASN D 304 -71.14 32.30 3.68
N GLY D 305 -71.24 33.19 4.66
CA GLY D 305 -70.63 34.49 4.53
C GLY D 305 -71.11 35.15 3.26
N GLY D 306 -70.21 35.72 2.46
CA GLY D 306 -68.84 35.96 2.87
C GLY D 306 -68.52 37.43 2.92
N ASP D 307 -68.12 37.90 4.09
CA ASP D 307 -67.77 39.28 4.21
C ASP D 307 -67.89 39.88 5.58
N ASN D 308 -68.97 39.56 6.26
CA ASN D 308 -69.10 39.87 7.66
C ASN D 308 -68.26 38.81 8.36
N GLN D 309 -68.31 37.60 7.82
CA GLN D 309 -67.54 36.50 8.36
C GLN D 309 -66.05 36.78 8.23
N ILE D 310 -65.65 37.38 7.11
CA ILE D 310 -64.23 37.69 6.86
C ILE D 310 -63.70 38.80 7.76
N TRP D 311 -62.41 38.72 8.07
CA TRP D 311 -61.72 39.77 8.84
C TRP D 311 -60.22 39.79 8.60
N THR D 312 -59.59 40.92 8.97
CA THR D 312 -58.15 41.12 8.86
C THR D 312 -57.64 41.54 10.22
N MET D 313 -56.34 41.38 10.40
CA MET D 313 -55.71 41.69 11.68
C MET D 313 -54.31 42.27 11.52
N SER D 314 -53.99 43.20 12.41
CA SER D 314 -52.91 44.14 12.19
C SER D 314 -52.35 44.73 13.50
N ASN D 315 -51.25 45.48 13.36
CA ASN D 315 -50.50 46.03 14.49
C ASN D 315 -51.16 47.25 15.08
N PRO D 316 -51.34 47.27 16.42
CA PRO D 316 -51.90 48.44 17.09
C PRO D 316 -51.44 49.78 16.49
N ASN E 31 -36.71 13.21 21.33
CA ASN E 31 -37.51 11.95 21.32
C ASN E 31 -37.70 11.50 19.86
N SER E 32 -38.96 11.27 19.46
CA SER E 32 -39.39 10.76 18.13
C SER E 32 -39.05 9.26 17.89
N LEU E 33 -37.79 8.94 17.62
CA LEU E 33 -37.34 7.54 17.47
C LEU E 33 -36.60 7.04 18.72
N ASN E 34 -36.68 7.77 19.84
CA ASN E 34 -35.88 7.42 21.00
C ASN E 34 -36.29 6.08 21.55
N ASP E 35 -35.29 5.28 21.95
CA ASP E 35 -35.53 3.97 22.53
C ASP E 35 -36.28 3.03 21.58
N LYS E 36 -36.47 3.47 20.34
CA LYS E 36 -37.16 2.67 19.34
C LYS E 36 -36.18 1.70 18.71
N ILE E 37 -36.74 0.74 17.98
CA ILE E 37 -36.04 -0.51 17.65
C ILE E 37 -36.27 -0.95 16.22
N VAL E 38 -35.19 -1.02 15.47
CA VAL E 38 -35.24 -0.58 14.07
C VAL E 38 -34.36 -1.36 13.09
N THR E 39 -34.78 -1.49 11.83
CA THR E 39 -33.87 -2.00 10.77
C THR E 39 -33.48 -0.91 9.79
N ILE E 40 -32.20 -0.93 9.39
CA ILE E 40 -31.69 0.06 8.47
C ILE E 40 -31.31 -0.68 7.20
N SER E 41 -31.89 -0.30 6.06
CA SER E 41 -31.53 -0.88 4.77
C SER E 41 -31.06 0.20 3.79
N CYS E 42 -30.25 -0.19 2.82
CA CYS E 42 -29.65 0.80 1.92
C CYS E 42 -30.64 1.19 0.86
N LYS E 43 -30.73 2.48 0.61
CA LYS E 43 -31.65 3.02 -0.37
C LYS E 43 -31.10 2.63 -1.73
N ALA E 44 -29.78 2.53 -1.83
CA ALA E 44 -29.14 2.10 -3.08
C ALA E 44 -29.45 0.66 -3.47
N ASN E 45 -29.78 -0.18 -2.51
CA ASN E 45 -30.17 -1.57 -2.80
C ASN E 45 -31.02 -2.12 -1.68
N THR E 46 -32.32 -2.09 -1.92
CA THR E 46 -33.34 -2.37 -0.91
C THR E 46 -33.23 -3.71 -0.16
N ASP E 47 -32.58 -4.70 -0.75
CA ASP E 47 -32.57 -6.04 -0.17
C ASP E 47 -31.47 -6.20 0.89
N LEU E 48 -30.53 -5.24 0.98
CA LEU E 48 -29.40 -5.34 1.92
C LEU E 48 -29.67 -4.45 3.11
N PHE E 49 -29.39 -5.00 4.29
CA PHE E 49 -29.65 -4.37 5.56
C PHE E 49 -28.41 -4.33 6.39
N PHE E 50 -28.44 -3.50 7.42
CA PHE E 50 -27.32 -3.39 8.33
C PHE E 50 -27.35 -4.67 9.12
N TYR E 51 -26.18 -5.32 9.23
CA TYR E 51 -26.04 -6.61 9.86
C TYR E 51 -24.82 -6.61 10.76
N GLN E 52 -24.94 -7.20 11.95
CA GLN E 52 -23.83 -7.23 12.93
C GLN E 52 -23.25 -8.63 13.01
N VAL E 53 -22.25 -8.93 12.16
CA VAL E 53 -21.72 -10.30 12.07
C VAL E 53 -21.31 -10.82 13.43
N PRO E 54 -21.86 -11.98 13.82
CA PRO E 54 -21.97 -12.31 15.24
C PRO E 54 -20.65 -12.62 15.94
N GLY E 55 -19.69 -13.21 15.22
CA GLY E 55 -18.36 -13.47 15.80
C GLY E 55 -17.51 -12.22 15.88
N ASN E 56 -17.48 -11.58 17.04
CA ASN E 56 -16.84 -10.25 17.22
C ASN E 56 -17.48 -9.13 16.35
N GLY E 57 -16.98 -7.90 16.48
CA GLY E 57 -17.65 -6.75 15.87
C GLY E 57 -17.21 -6.32 14.48
N ASN E 58 -18.04 -6.64 13.49
CA ASN E 58 -18.06 -5.94 12.19
C ASN E 58 -19.51 -5.76 11.83
N VAL E 59 -19.72 -4.90 10.85
CA VAL E 59 -21.04 -4.61 10.36
C VAL E 59 -20.97 -4.84 8.86
N SER E 60 -21.93 -5.58 8.34
CA SER E 60 -21.96 -5.84 6.91
C SER E 60 -23.34 -5.47 6.37
N LEU E 61 -23.38 -5.21 5.08
CA LEU E 61 -24.63 -5.03 4.42
C LEU E 61 -25.01 -6.42 4.01
N PHE E 62 -26.17 -6.89 4.42
CA PHE E 62 -26.48 -8.29 4.24
C PHE E 62 -27.94 -8.47 3.96
N GLN E 63 -28.27 -9.49 3.18
CA GLN E 63 -29.65 -9.76 2.78
C GLN E 63 -30.58 -9.87 3.99
N GLN E 64 -31.89 -9.76 3.73
CA GLN E 64 -32.88 -9.76 4.80
C GLN E 64 -32.85 -11.06 5.61
N THR E 65 -32.75 -10.91 6.91
CA THR E 65 -32.79 -11.94 7.93
C THR E 65 -34.09 -11.55 8.59
N ARG E 66 -34.54 -12.15 9.68
CA ARG E 66 -35.52 -11.42 10.50
C ARG E 66 -35.04 -11.48 11.92
N ASN E 67 -33.72 -11.44 12.09
CA ASN E 67 -33.12 -11.79 13.36
C ASN E 67 -32.54 -10.59 14.01
N TYR E 68 -32.55 -10.57 15.33
CA TYR E 68 -31.88 -9.53 16.12
C TYR E 68 -30.65 -8.93 15.42
N LEU E 69 -29.88 -9.76 14.72
CA LEU E 69 -28.68 -9.33 13.99
C LEU E 69 -28.85 -8.05 13.16
N GLU E 70 -30.03 -7.92 12.54
CA GLU E 70 -30.35 -6.77 11.66
C GLU E 70 -31.25 -5.71 12.33
N ARG E 71 -31.50 -5.91 13.62
CA ARG E 71 -32.15 -4.93 14.50
C ARG E 71 -31.13 -4.06 15.28
N TRP E 72 -31.52 -2.80 15.42
CA TRP E 72 -30.69 -1.76 16.02
C TRP E 72 -31.59 -0.85 16.87
N ARG E 73 -31.20 -0.65 18.12
CA ARG E 73 -31.89 0.22 19.06
C ARG E 73 -31.33 1.62 18.91
N ILE E 74 -32.24 2.59 18.86
CA ILE E 74 -31.84 3.97 18.61
C ILE E 74 -31.90 4.81 19.88
N ILE E 75 -30.73 5.15 20.42
CA ILE E 75 -30.64 5.90 21.67
C ILE E 75 -30.42 7.37 21.38
N TYR E 76 -31.13 8.23 22.09
CA TYR E 76 -30.95 9.69 21.95
C TYR E 76 -30.14 10.27 23.10
N ASP E 77 -29.30 11.25 22.80
CA ASP E 77 -28.70 12.04 23.86
C ASP E 77 -29.13 13.48 23.67
N SER E 78 -30.18 13.81 24.44
CA SER E 78 -30.91 15.07 24.31
C SER E 78 -29.96 16.24 24.31
N ASN E 79 -28.90 16.19 25.11
CA ASN E 79 -27.96 17.29 25.11
C ASN E 79 -26.84 17.12 24.06
N LYS E 80 -26.43 15.89 23.77
CA LYS E 80 -25.40 15.67 22.73
C LYS E 80 -25.92 16.12 21.38
N ALA E 81 -27.24 16.15 21.25
CA ALA E 81 -27.91 16.68 20.06
C ALA E 81 -28.15 15.61 19.06
N ALA E 82 -27.73 14.39 19.36
CA ALA E 82 -27.62 13.33 18.33
C ALA E 82 -27.77 11.92 18.86
N TYR E 83 -27.97 10.99 17.92
CA TYR E 83 -28.40 9.63 18.26
C TYR E 83 -27.26 8.65 18.15
N LYS E 84 -27.35 7.53 18.87
CA LYS E 84 -26.46 6.40 18.62
C LYS E 84 -27.27 5.15 18.38
N ILE E 85 -26.63 4.20 17.71
CA ILE E 85 -27.30 3.07 17.09
C ILE E 85 -26.67 1.80 17.65
N LYS E 86 -27.44 1.04 18.43
CA LYS E 86 -26.90 -0.05 19.24
C LYS E 86 -27.39 -1.39 18.71
N SER E 87 -26.49 -2.34 18.45
CA SER E 87 -26.92 -3.64 17.85
C SER E 87 -27.55 -4.52 18.90
N MET E 88 -28.53 -5.28 18.44
CA MET E 88 -29.40 -6.04 19.33
C MET E 88 -28.94 -7.47 19.56
N ASN E 89 -27.69 -7.75 19.23
CA ASN E 89 -27.20 -9.11 19.37
C ASN E 89 -27.39 -9.50 20.82
N ILE E 90 -28.00 -10.66 21.03
CA ILE E 90 -28.28 -11.14 22.38
C ILE E 90 -27.00 -11.44 23.13
N TYR E 91 -26.06 -12.06 22.44
CA TYR E 91 -24.80 -12.47 23.06
C TYR E 91 -23.96 -11.30 23.52
N ASN E 92 -23.93 -10.24 22.72
CA ASN E 92 -23.12 -9.07 23.05
C ASN E 92 -23.91 -7.77 22.97
N THR E 93 -24.71 -7.54 23.99
CA THR E 93 -25.52 -6.34 24.08
C THR E 93 -24.64 -5.16 24.41
N ASN E 94 -25.18 -3.97 24.26
CA ASN E 94 -24.43 -2.76 24.59
C ASN E 94 -23.20 -2.56 23.72
N LEU E 95 -23.29 -2.94 22.45
CA LEU E 95 -22.29 -2.58 21.46
C LEU E 95 -22.95 -1.82 20.31
N VAL E 96 -22.34 -0.73 19.89
CA VAL E 96 -22.94 0.21 18.94
C VAL E 96 -22.14 0.45 17.67
N LEU E 97 -22.80 1.14 16.75
CA LEU E 97 -22.29 1.43 15.42
C LEU E 97 -21.38 2.59 15.60
N THR E 98 -20.17 2.48 15.01
CA THR E 98 -19.00 3.27 15.43
C THR E 98 -17.94 3.56 14.32
N TRP E 99 -17.67 4.83 14.07
CA TRP E 99 -16.70 5.24 13.07
C TRP E 99 -15.30 5.07 13.54
N ASN E 100 -14.55 4.25 12.83
CA ASN E 100 -13.19 3.93 13.22
C ASN E 100 -12.20 5.04 12.91
N ALA E 101 -11.74 5.71 13.98
CA ALA E 101 -10.44 6.37 14.01
C ALA E 101 -10.30 7.22 12.76
N PRO E 102 -9.10 7.43 12.21
CA PRO E 102 -9.04 8.31 11.03
C PRO E 102 -9.20 7.60 9.68
N THR E 103 -9.53 6.29 9.73
CA THR E 103 -9.89 5.47 8.56
C THR E 103 -11.29 5.81 8.15
N HIS E 104 -11.78 5.20 7.07
CA HIS E 104 -13.18 5.44 6.70
C HIS E 104 -14.13 4.33 7.09
N ASN E 105 -13.64 3.35 7.87
CA ASN E 105 -14.39 2.11 8.12
C ASN E 105 -15.38 2.26 9.26
N ILE E 106 -16.33 1.35 9.31
CA ILE E 106 -17.38 1.44 10.31
C ILE E 106 -17.66 0.09 10.91
N SER E 107 -17.74 0.03 12.24
CA SER E 107 -17.88 -1.24 12.95
C SER E 107 -18.83 -1.20 14.13
N ALA E 108 -19.09 -2.38 14.68
CA ALA E 108 -19.80 -2.51 15.93
C ALA E 108 -18.75 -2.57 17.02
N GLN E 109 -18.89 -1.77 18.06
CA GLN E 109 -17.87 -1.70 19.11
C GLN E 109 -18.49 -1.37 20.47
N GLN E 110 -17.72 -1.63 21.52
CA GLN E 110 -18.18 -1.36 22.87
C GLN E 110 -18.67 0.06 23.09
N ASP E 111 -19.80 0.23 23.76
CA ASP E 111 -20.39 1.55 23.97
C ASP E 111 -19.74 2.39 25.08
N SER E 112 -19.37 3.61 24.74
CA SER E 112 -18.77 4.49 25.73
C SER E 112 -19.10 5.96 25.45
N ASN E 113 -20.23 6.20 24.79
CA ASN E 113 -20.67 7.54 24.42
C ASN E 113 -19.63 8.41 23.73
N ALA E 114 -18.63 7.77 23.12
CA ALA E 114 -17.57 8.51 22.49
C ALA E 114 -18.12 9.17 21.25
N ASP E 115 -17.48 10.26 20.86
CA ASP E 115 -18.00 11.04 19.76
C ASP E 115 -18.07 10.21 18.48
N ASN E 116 -17.13 9.27 18.27
CA ASN E 116 -17.21 8.37 17.08
C ASN E 116 -18.52 7.66 17.03
N GLN E 117 -19.03 7.33 18.21
CA GLN E 117 -20.22 6.49 18.39
C GLN E 117 -21.59 7.19 18.22
N TYR E 118 -21.60 8.52 17.99
CA TYR E 118 -22.83 9.25 17.69
C TYR E 118 -22.99 9.70 16.23
N TRP E 119 -24.24 10.05 15.92
CA TRP E 119 -24.74 10.22 14.56
C TRP E 119 -25.93 11.17 14.53
N LEU E 120 -25.92 12.04 13.53
CA LEU E 120 -27.05 12.89 13.22
C LEU E 120 -27.96 12.13 12.29
N LEU E 121 -29.24 12.08 12.60
CA LEU E 121 -30.19 11.41 11.72
C LEU E 121 -30.95 12.47 10.93
N LEU E 122 -30.40 12.84 9.80
CA LEU E 122 -30.99 13.87 8.97
C LEU E 122 -31.90 13.17 7.97
N LYS E 123 -33.20 13.48 8.06
CA LYS E 123 -34.22 12.84 7.22
C LYS E 123 -34.47 13.68 5.99
N ASP E 124 -34.30 13.10 4.82
CA ASP E 124 -34.69 13.78 3.59
C ASP E 124 -36.20 13.77 3.62
N ILE E 125 -36.80 14.85 3.16
CA ILE E 125 -38.23 14.99 3.23
C ILE E 125 -38.86 14.59 1.89
N GLY E 126 -38.06 14.53 0.82
CA GLY E 126 -38.54 14.11 -0.53
C GLY E 126 -39.14 12.71 -0.63
N ASN E 127 -38.27 11.70 -0.60
CA ASN E 127 -38.64 10.34 -0.17
C ASN E 127 -38.36 10.35 1.31
N ASN E 128 -38.74 9.32 2.06
CA ASN E 128 -38.60 9.42 3.51
C ASN E 128 -37.28 8.84 4.05
N SER E 129 -36.23 9.02 3.25
CA SER E 129 -34.90 8.49 3.50
C SER E 129 -34.17 9.26 4.57
N PHE E 130 -32.99 8.74 4.90
CA PHE E 130 -32.14 9.28 5.94
C PHE E 130 -30.69 9.35 5.49
N ILE E 131 -30.07 10.53 5.57
CA ILE E 131 -28.60 10.56 5.47
C ILE E 131 -28.11 10.62 6.91
N ILE E 132 -27.16 9.77 7.25
CA ILE E 132 -26.75 9.60 8.63
C ILE E 132 -25.32 10.08 8.72
N ALA E 133 -25.10 11.17 9.47
CA ALA E 133 -23.81 11.89 9.48
C ALA E 133 -23.11 11.71 10.81
N SER E 134 -21.78 11.74 10.83
CA SER E 134 -21.07 11.50 12.10
C SER E 134 -21.16 12.72 12.98
N TYR E 135 -21.50 12.51 14.25
CA TYR E 135 -21.54 13.61 15.20
C TYR E 135 -20.13 14.11 15.40
N LYS E 136 -19.16 13.20 15.45
CA LYS E 136 -17.78 13.61 15.61
C LYS E 136 -17.36 14.51 14.47
N ASN E 137 -17.80 14.15 13.26
CA ASN E 137 -17.48 14.95 12.07
C ASN E 137 -18.55 14.87 11.00
N PRO E 138 -19.53 15.77 11.07
CA PRO E 138 -20.55 15.94 10.05
C PRO E 138 -20.02 16.02 8.63
N ASN E 139 -18.95 16.77 8.39
CA ASN E 139 -18.35 16.83 7.05
C ASN E 139 -18.57 15.57 6.21
N LEU E 140 -18.55 14.41 6.89
CA LEU E 140 -18.81 13.11 6.25
C LEU E 140 -19.83 12.12 6.90
N VAL E 141 -20.57 11.45 6.03
CA VAL E 141 -21.71 10.65 6.36
C VAL E 141 -21.48 9.28 5.82
N LEU E 142 -22.29 8.32 6.31
CA LEU E 142 -22.01 6.93 6.04
C LEU E 142 -22.74 6.50 4.79
N TYR E 143 -22.13 5.48 4.17
CA TYR E 143 -22.22 5.21 2.74
C TYR E 143 -22.18 3.69 2.51
N ALA E 144 -23.17 3.18 1.80
CA ALA E 144 -23.32 1.76 1.64
C ALA E 144 -22.44 1.34 0.50
N ASP E 145 -21.59 0.33 0.69
CA ASP E 145 -20.62 -0.02 -0.34
C ASP E 145 -21.24 -0.94 -1.41
N THR E 146 -21.78 -2.07 -1.00
CA THR E 146 -22.56 -2.96 -1.91
C THR E 146 -21.77 -3.66 -3.03
N VAL E 147 -20.50 -3.33 -3.20
CA VAL E 147 -19.62 -4.22 -3.92
C VAL E 147 -19.06 -5.16 -2.86
N ALA E 148 -18.59 -4.59 -1.75
CA ALA E 148 -18.03 -5.36 -0.65
C ALA E 148 -19.01 -5.49 0.52
N ARG E 149 -20.30 -5.27 0.27
CA ARG E 149 -21.32 -5.53 1.27
C ARG E 149 -20.96 -4.93 2.64
N ASN E 150 -20.69 -3.63 2.64
CA ASN E 150 -19.89 -3.01 3.69
C ASN E 150 -20.28 -1.53 3.96
N LEU E 151 -19.89 -0.96 5.11
CA LEU E 151 -20.19 0.46 5.44
C LEU E 151 -18.97 1.36 5.65
N LYS E 152 -18.93 2.50 4.96
CA LYS E 152 -17.81 3.44 5.05
C LYS E 152 -18.32 4.85 5.24
N LEU E 153 -17.41 5.79 5.48
CA LEU E 153 -17.77 7.23 5.48
C LEU E 153 -17.29 7.99 4.23
N SER E 154 -18.17 8.78 3.62
CA SER E 154 -17.73 9.60 2.49
C SER E 154 -18.37 10.96 2.59
N THR E 155 -17.72 11.95 1.99
CA THR E 155 -18.36 13.22 1.79
C THR E 155 -19.66 13.04 1.00
N LEU E 156 -20.45 14.10 0.90
CA LEU E 156 -21.83 13.98 0.43
C LEU E 156 -21.92 13.97 -1.08
N ASN E 157 -23.12 13.64 -1.56
CA ASN E 157 -23.50 13.73 -2.97
C ASN E 157 -24.99 13.39 -3.14
N ASN E 158 -25.47 13.42 -4.37
CA ASN E 158 -26.85 13.06 -4.61
C ASN E 158 -27.04 11.56 -4.78
N SER E 159 -25.94 10.82 -4.92
CA SER E 159 -26.00 9.35 -5.02
C SER E 159 -26.79 8.73 -3.87
N SER E 160 -27.41 7.59 -4.14
CA SER E 160 -28.25 6.95 -3.16
C SER E 160 -27.47 6.08 -2.18
N TYR E 161 -26.16 6.06 -2.32
CA TYR E 161 -25.34 5.24 -1.47
C TYR E 161 -25.22 5.78 -0.06
N ILE E 162 -25.28 7.11 0.07
CA ILE E 162 -25.28 7.80 1.38
C ILE E 162 -26.62 7.89 2.05
N LYS E 163 -27.71 7.58 1.31
CA LYS E 163 -29.08 7.61 1.84
C LYS E 163 -29.61 6.22 2.25
N PHE E 164 -30.45 6.19 3.30
CA PHE E 164 -30.86 4.93 3.97
C PHE E 164 -32.29 4.91 4.46
N ILE E 165 -32.77 3.69 4.75
CA ILE E 165 -34.18 3.47 5.12
C ILE E 165 -34.26 2.96 6.54
N ILE E 166 -34.91 3.73 7.41
CA ILE E 166 -35.03 3.35 8.84
C ILE E 166 -36.47 2.97 9.12
N GLU E 167 -36.68 1.84 9.80
CA GLU E 167 -38.03 1.31 10.02
C GLU E 167 -38.20 0.48 11.30
N ASP E 168 -39.41 0.54 11.86
CA ASP E 168 -39.78 -0.30 12.99
C ASP E 168 -39.59 -1.72 12.52
N TYR E 169 -38.87 -2.54 13.29
CA TYR E 169 -38.51 -3.89 12.79
C TYR E 169 -39.74 -4.70 12.44
N VAL E 170 -40.76 -4.59 13.28
CA VAL E 170 -42.01 -5.30 13.05
C VAL E 170 -42.63 -4.99 11.67
N ILE E 171 -42.60 -3.72 11.29
CA ILE E 171 -43.12 -3.33 10.01
C ILE E 171 -42.19 -3.88 8.95
N SER E 172 -40.89 -3.95 9.24
CA SER E 172 -39.91 -4.43 8.26
C SER E 172 -40.04 -5.94 8.11
N ASP E 173 -40.27 -6.63 9.23
CA ASP E 173 -40.45 -8.05 9.16
C ASP E 173 -41.78 -8.37 8.50
N PHE E 174 -42.89 -7.79 8.93
CA PHE E 174 -44.18 -8.21 8.33
C PHE E 174 -44.69 -7.29 7.21
N LYS E 175 -43.81 -6.47 6.63
CA LYS E 175 -44.19 -5.60 5.51
C LYS E 175 -44.82 -6.45 4.42
N ASN E 176 -44.06 -7.44 3.98
CA ASN E 176 -44.45 -8.34 2.91
C ASN E 176 -43.69 -9.64 3.14
N PHE E 177 -44.40 -10.65 3.67
CA PHE E 177 -43.73 -11.80 4.30
C PHE E 177 -44.47 -13.08 4.03
N THR E 178 -43.91 -13.88 3.12
CA THR E 178 -44.45 -15.19 2.85
C THR E 178 -43.87 -16.10 3.92
N CYS E 179 -44.77 -16.66 4.73
CA CYS E 179 -44.42 -17.32 5.96
C CYS E 179 -45.45 -18.35 6.41
N ARG E 180 -45.10 -19.09 7.46
CA ARG E 180 -46.00 -20.08 8.07
C ARG E 180 -46.33 -19.55 9.45
N ILE E 181 -47.56 -19.75 9.94
CA ILE E 181 -47.91 -19.29 11.30
C ILE E 181 -48.20 -20.46 12.22
N SER E 182 -47.65 -20.41 13.43
CA SER E 182 -47.74 -21.50 14.40
C SER E 182 -47.98 -20.98 15.81
N PRO E 183 -48.82 -21.65 16.61
CA PRO E 183 -48.97 -21.27 18.02
C PRO E 183 -47.70 -21.60 18.79
N ILE E 184 -47.59 -21.12 20.03
CA ILE E 184 -46.37 -21.42 20.79
C ILE E 184 -46.53 -22.75 21.47
N LEU E 185 -47.78 -23.19 21.60
CA LEU E 185 -48.06 -24.51 22.19
C LEU E 185 -47.81 -25.64 21.20
N ALA E 186 -47.54 -25.36 19.93
CA ALA E 186 -47.24 -26.43 18.96
C ALA E 186 -46.50 -25.96 17.70
N GLY E 187 -45.19 -25.73 17.83
CA GLY E 187 -44.36 -25.14 16.78
C GLY E 187 -44.35 -25.91 15.47
N GLY E 188 -44.50 -27.23 15.59
CA GLY E 188 -44.52 -28.11 14.44
C GLY E 188 -45.87 -28.15 13.75
N LYS E 189 -46.87 -27.54 14.38
CA LYS E 189 -48.21 -27.42 13.81
C LYS E 189 -48.54 -25.98 13.44
N VAL E 190 -49.53 -25.81 12.57
CA VAL E 190 -49.64 -24.61 11.77
C VAL E 190 -51.07 -24.19 11.51
N VAL E 191 -51.30 -22.88 11.56
CA VAL E 191 -52.60 -22.29 11.27
C VAL E 191 -52.79 -22.45 9.80
N GLN E 192 -53.96 -22.90 9.34
CA GLN E 192 -54.18 -23.12 7.88
C GLN E 192 -55.60 -22.86 7.45
N GLN E 193 -55.77 -22.57 6.18
CA GLN E 193 -57.08 -22.71 5.52
C GLN E 193 -57.19 -24.22 5.27
N VAL E 194 -58.39 -24.82 5.32
CA VAL E 194 -58.41 -26.33 5.25
C VAL E 194 -58.20 -26.88 3.83
N SER E 195 -58.78 -26.21 2.84
CA SER E 195 -58.44 -26.46 1.43
C SER E 195 -58.87 -25.28 0.54
N MET E 196 -58.64 -25.43 -0.75
CA MET E 196 -58.99 -24.39 -1.72
C MET E 196 -60.49 -24.11 -1.73
N THR E 197 -61.29 -25.17 -1.55
CA THR E 197 -62.75 -25.06 -1.54
C THR E 197 -63.26 -24.71 -0.15
N ASN E 198 -62.84 -25.48 0.85
CA ASN E 198 -63.30 -25.29 2.25
C ASN E 198 -62.46 -24.23 2.94
N LEU E 199 -63.06 -23.06 3.15
CA LEU E 199 -62.33 -21.84 3.52
C LEU E 199 -62.19 -21.58 5.04
N ALA E 200 -62.45 -22.61 5.84
CA ALA E 200 -62.29 -22.48 7.27
C ALA E 200 -60.83 -22.61 7.66
N VAL E 201 -60.56 -22.14 8.88
CA VAL E 201 -59.21 -22.03 9.40
C VAL E 201 -59.06 -22.84 10.67
N ASN E 202 -58.26 -23.89 10.57
CA ASN E 202 -57.94 -24.74 11.70
C ASN E 202 -56.42 -24.82 11.91
N LEU E 203 -56.04 -25.63 12.88
CA LEU E 203 -54.64 -25.97 13.12
C LEU E 203 -54.36 -27.29 12.44
N TYR E 204 -53.13 -27.47 11.95
CA TYR E 204 -52.76 -28.72 11.31
C TYR E 204 -51.26 -28.92 11.34
N ILE E 205 -50.83 -30.17 11.36
CA ILE E 205 -49.39 -30.46 11.27
C ILE E 205 -48.86 -29.87 9.96
N TRP E 206 -47.61 -29.42 9.96
CA TRP E 206 -47.03 -28.76 8.80
C TRP E 206 -46.66 -29.75 7.73
N ASN E 207 -47.43 -29.75 6.67
CA ASN E 207 -47.04 -30.31 5.39
C ASN E 207 -46.86 -29.08 4.51
N ASN E 208 -45.89 -29.09 3.61
CA ASN E 208 -45.53 -27.83 2.92
C ASN E 208 -46.61 -27.30 1.96
N ASP E 209 -47.86 -27.75 2.15
CA ASP E 209 -48.94 -27.45 1.22
C ASP E 209 -49.38 -25.99 1.33
N LEU E 210 -49.81 -25.43 0.19
CA LEU E 210 -50.11 -23.98 0.06
C LEU E 210 -51.13 -23.50 1.05
N ASN E 211 -52.22 -24.23 1.23
CA ASN E 211 -53.18 -23.85 2.25
C ASN E 211 -52.56 -23.60 3.65
N GLN E 212 -51.30 -23.99 3.84
CA GLN E 212 -50.60 -23.75 5.11
C GLN E 212 -49.66 -22.55 5.12
N LYS E 213 -49.36 -22.00 3.95
CA LYS E 213 -48.46 -20.85 3.83
C LYS E 213 -49.28 -19.55 3.64
N TRP E 214 -48.90 -18.47 4.33
CA TRP E 214 -49.56 -17.17 4.16
C TRP E 214 -48.59 -16.07 3.71
N THR E 215 -49.11 -14.97 3.17
CA THR E 215 -48.29 -13.80 2.83
C THR E 215 -48.84 -12.60 3.58
N ILE E 216 -47.98 -11.97 4.38
CA ILE E 216 -48.41 -10.89 5.25
C ILE E 216 -47.99 -9.56 4.66
N ILE E 217 -48.95 -8.65 4.55
CA ILE E 217 -48.82 -7.38 3.82
C ILE E 217 -49.25 -6.20 4.70
N TYR E 218 -48.46 -5.14 4.73
CA TYR E 218 -48.82 -3.93 5.47
C TYR E 218 -49.54 -2.96 4.55
N ASN E 219 -50.72 -2.54 4.96
CA ASN E 219 -51.35 -1.38 4.34
C ASN E 219 -51.05 -0.23 5.29
N GLU E 220 -50.12 0.64 4.89
CA GLU E 220 -49.61 1.66 5.81
C GLU E 220 -50.64 2.73 6.04
N GLU E 221 -51.34 3.15 4.99
CA GLU E 221 -52.44 4.08 5.15
C GLU E 221 -53.45 3.56 6.21
N LYS E 222 -53.70 2.25 6.24
CA LYS E 222 -54.59 1.65 7.26
C LYS E 222 -53.88 1.42 8.59
N ALA E 223 -52.54 1.38 8.57
CA ALA E 223 -51.70 1.16 9.77
C ALA E 223 -51.90 -0.22 10.39
N ALA E 224 -52.28 -1.18 9.56
CA ALA E 224 -52.54 -2.58 9.96
C ALA E 224 -52.16 -3.53 8.83
N TYR E 225 -51.95 -4.80 9.17
CA TYR E 225 -51.53 -5.79 8.18
C TYR E 225 -52.68 -6.70 7.73
N GLN E 226 -52.68 -7.19 6.47
CA GLN E 226 -53.49 -8.41 6.13
C GLN E 226 -52.75 -9.72 5.76
N PHE E 227 -53.46 -10.84 5.94
CA PHE E 227 -52.90 -12.18 5.82
C PHE E 227 -53.51 -12.87 4.60
N PHE E 228 -52.72 -12.99 3.53
CA PHE E 228 -53.20 -13.54 2.27
C PHE E 228 -52.87 -15.01 2.17
N ASN E 229 -53.87 -15.88 2.00
CA ASN E 229 -53.55 -17.31 1.92
C ASN E 229 -53.09 -17.66 0.53
N LYS E 230 -52.22 -18.65 0.43
CA LYS E 230 -51.45 -18.86 -0.79
C LYS E 230 -52.04 -19.84 -1.80
N ILE E 231 -53.16 -20.51 -1.49
CA ILE E 231 -53.90 -21.28 -2.51
C ILE E 231 -54.97 -20.41 -3.16
N LEU E 232 -55.15 -19.19 -2.63
CA LEU E 232 -56.07 -18.20 -3.19
C LEU E 232 -55.37 -16.88 -3.46
N SER E 233 -55.65 -16.26 -4.60
CA SER E 233 -55.29 -14.86 -4.82
C SER E 233 -56.39 -14.03 -4.16
N ASN E 234 -55.99 -12.93 -3.53
CA ASN E 234 -56.85 -12.13 -2.64
C ASN E 234 -57.92 -12.91 -1.83
N GLY E 235 -57.44 -13.94 -1.13
CA GLY E 235 -58.18 -14.60 -0.06
C GLY E 235 -57.44 -14.27 1.22
N VAL E 236 -58.17 -13.71 2.19
CA VAL E 236 -57.57 -13.02 3.31
C VAL E 236 -58.14 -13.42 4.66
N LEU E 237 -57.27 -13.49 5.68
CA LEU E 237 -57.73 -13.94 7.00
C LEU E 237 -58.70 -12.93 7.53
N THR E 238 -59.91 -13.39 7.88
CA THR E 238 -61.02 -12.50 8.30
C THR E 238 -61.72 -12.93 9.59
N TRP E 239 -61.98 -11.98 10.49
CA TRP E 239 -62.97 -12.17 11.55
C TRP E 239 -64.35 -11.82 10.99
N ILE E 240 -65.08 -12.84 10.57
CA ILE E 240 -66.47 -12.67 10.12
C ILE E 240 -67.34 -12.35 11.34
N PHE E 241 -67.63 -11.05 11.53
CA PHE E 241 -68.14 -10.53 12.81
C PHE E 241 -69.52 -11.04 13.19
N SER E 242 -70.24 -11.60 12.22
CA SER E 242 -71.65 -11.93 12.37
C SER E 242 -71.91 -13.27 13.06
N ASP E 243 -71.18 -14.31 12.65
CA ASP E 243 -71.17 -15.60 13.33
C ASP E 243 -70.04 -15.64 14.38
N GLY E 244 -69.24 -14.56 14.46
CA GLY E 244 -68.11 -14.44 15.39
C GLY E 244 -68.48 -14.88 16.79
N ASN E 245 -67.62 -15.61 17.52
CA ASN E 245 -66.15 -15.57 17.41
C ASN E 245 -65.44 -16.36 16.30
N THR E 246 -66.18 -17.04 15.43
CA THR E 246 -65.57 -17.80 14.34
C THR E 246 -64.83 -16.89 13.33
N VAL E 247 -63.84 -17.47 12.65
CA VAL E 247 -63.00 -16.76 11.68
C VAL E 247 -62.65 -17.69 10.52
N ARG E 248 -62.50 -17.11 9.34
CA ARG E 248 -62.18 -17.86 8.12
C ARG E 248 -61.59 -16.94 7.04
N VAL E 249 -61.46 -17.46 5.83
CA VAL E 249 -60.92 -16.68 4.73
C VAL E 249 -62.05 -16.21 3.82
N SER E 250 -61.91 -15.01 3.29
CA SER E 250 -62.93 -14.39 2.47
C SER E 250 -62.25 -13.60 1.36
N SER E 251 -63.01 -13.29 0.32
CA SER E 251 -62.46 -12.47 -0.75
C SER E 251 -62.14 -11.15 -0.09
N SER E 252 -61.11 -10.47 -0.57
CA SER E 252 -60.57 -9.36 0.17
C SER E 252 -61.61 -8.29 0.38
N ALA E 253 -62.40 -8.01 -0.66
CA ALA E 253 -63.46 -7.03 -0.54
C ALA E 253 -62.81 -5.68 -0.40
N GLN E 254 -63.56 -4.69 0.05
CA GLN E 254 -62.97 -3.38 0.30
C GLN E 254 -63.21 -2.92 1.73
N ASN E 255 -62.13 -2.61 2.43
CA ASN E 255 -62.20 -1.92 3.71
C ASN E 255 -63.12 -2.57 4.75
N ASN E 256 -63.08 -3.89 4.86
CA ASN E 256 -63.96 -4.56 5.79
C ASN E 256 -63.65 -4.13 7.21
N ASP E 257 -62.36 -4.04 7.52
CA ASP E 257 -61.90 -3.50 8.79
C ASP E 257 -61.96 -4.54 9.91
N ALA E 258 -62.45 -5.72 9.56
CA ALA E 258 -62.30 -6.89 10.42
C ALA E 258 -61.16 -7.74 9.88
N GLN E 259 -60.97 -7.71 8.56
CA GLN E 259 -59.69 -8.06 7.92
C GLN E 259 -58.76 -6.95 8.34
N TYR E 260 -57.45 -7.13 8.25
CA TYR E 260 -56.49 -6.19 8.89
C TYR E 260 -56.32 -6.44 10.41
N TRP E 261 -55.06 -6.48 10.84
CA TRP E 261 -54.68 -6.94 12.15
C TRP E 261 -53.39 -6.25 12.53
N LEU E 262 -53.17 -6.08 13.82
CA LEU E 262 -51.93 -5.53 14.34
C LEU E 262 -51.05 -6.64 14.87
N ILE E 263 -49.75 -6.50 14.69
CA ILE E 263 -48.83 -7.51 15.14
C ILE E 263 -47.93 -6.91 16.21
N ASN E 264 -48.21 -7.21 17.48
CA ASN E 264 -47.43 -6.64 18.57
C ASN E 264 -46.63 -7.76 19.19
N PRO E 265 -45.33 -7.53 19.44
CA PRO E 265 -44.60 -8.55 20.19
C PRO E 265 -44.99 -8.58 21.66
N VAL E 266 -44.54 -9.60 22.37
CA VAL E 266 -44.39 -9.51 23.82
C VAL E 266 -42.95 -9.01 24.07
N SER E 267 -42.85 -7.68 24.13
CA SER E 267 -41.66 -6.85 23.73
C SER E 267 -40.27 -7.15 24.31
N ASP E 268 -40.23 -7.53 25.58
CA ASP E 268 -38.96 -7.85 26.21
C ASP E 268 -38.27 -9.05 25.56
N ASN E 269 -39.04 -10.08 25.21
CA ASN E 269 -38.41 -11.29 24.69
C ASN E 269 -39.12 -12.11 23.61
N TYR E 270 -38.31 -12.83 22.84
CA TYR E 270 -38.68 -14.03 22.09
C TYR E 270 -39.36 -13.93 20.72
N ASP E 271 -39.50 -12.73 20.18
CA ASP E 271 -40.05 -12.62 18.83
C ASP E 271 -41.39 -13.35 18.73
N ARG E 272 -42.22 -13.19 19.74
CA ARG E 272 -43.55 -13.80 19.74
C ARG E 272 -44.58 -12.70 19.71
N TYR E 273 -45.56 -12.83 18.83
CA TYR E 273 -46.49 -11.75 18.56
C TYR E 273 -47.94 -12.09 18.81
N THR E 274 -48.64 -11.20 19.51
CA THR E 274 -50.11 -11.25 19.59
C THR E 274 -50.69 -10.68 18.30
N ILE E 275 -51.65 -11.38 17.71
CA ILE E 275 -52.33 -10.87 16.53
C ILE E 275 -53.70 -10.32 16.92
N THR E 276 -53.77 -8.99 17.05
CA THR E 276 -54.98 -8.24 17.46
C THR E 276 -55.75 -7.80 16.22
N ASN E 277 -57.07 -7.72 16.32
CA ASN E 277 -57.93 -7.35 15.17
C ASN E 277 -58.24 -5.87 15.19
N LEU E 278 -58.46 -5.30 14.00
CA LEU E 278 -58.66 -3.85 13.86
C LEU E 278 -60.03 -3.40 14.37
N ARG E 279 -61.09 -4.04 13.89
CA ARG E 279 -62.44 -3.68 14.28
C ARG E 279 -62.56 -3.62 15.79
N ASP E 280 -62.10 -4.66 16.49
CA ASP E 280 -62.14 -4.71 17.96
C ASP E 280 -60.75 -4.92 18.57
N LYS E 281 -60.31 -3.88 19.28
CA LYS E 281 -59.04 -3.86 19.99
C LYS E 281 -58.82 -5.09 20.89
N THR E 282 -59.87 -5.53 21.61
CA THR E 282 -59.74 -6.62 22.60
C THR E 282 -60.18 -7.97 22.07
N LYS E 283 -60.22 -8.12 20.75
CA LYS E 283 -60.46 -9.40 20.13
C LYS E 283 -59.22 -9.79 19.33
N VAL E 284 -58.50 -10.81 19.80
CA VAL E 284 -57.26 -11.27 19.13
C VAL E 284 -57.40 -12.71 18.62
N LEU E 285 -56.41 -13.14 17.84
CA LEU E 285 -56.40 -14.50 17.31
C LEU E 285 -56.19 -15.51 18.43
N ASP E 286 -57.00 -16.59 18.42
CA ASP E 286 -57.21 -17.48 19.57
C ASP E 286 -57.14 -18.93 19.12
N LEU E 287 -56.58 -19.80 19.96
CA LEU E 287 -56.49 -21.23 19.64
C LEU E 287 -57.66 -22.09 20.21
N TYR E 288 -58.42 -21.59 21.19
CA TYR E 288 -59.63 -22.30 21.69
C TYR E 288 -59.21 -23.46 22.59
N GLY E 289 -58.77 -23.14 23.81
CA GLY E 289 -58.14 -24.11 24.69
C GLY E 289 -56.78 -24.46 24.12
N GLY E 290 -55.81 -24.77 24.95
CA GLY E 290 -54.46 -25.12 24.46
C GLY E 290 -54.50 -26.42 23.68
N GLN E 291 -55.33 -26.47 22.65
CA GLN E 291 -55.92 -27.72 22.19
C GLN E 291 -55.02 -28.53 21.29
N THR E 292 -54.17 -27.86 20.50
CA THR E 292 -52.96 -28.50 19.96
C THR E 292 -53.16 -29.59 18.89
N ALA E 293 -54.38 -30.06 18.68
CA ALA E 293 -54.60 -31.27 17.90
C ALA E 293 -55.17 -30.97 16.52
N ASP E 294 -54.78 -31.78 15.54
CA ASP E 294 -55.16 -31.57 14.15
C ASP E 294 -56.65 -31.26 13.99
N GLY E 295 -56.96 -30.19 13.27
CA GLY E 295 -58.36 -29.78 13.10
C GLY E 295 -58.87 -28.81 14.18
N THR E 296 -58.12 -28.62 15.28
CA THR E 296 -58.49 -27.64 16.33
C THR E 296 -58.81 -26.30 15.68
N THR E 297 -59.83 -25.62 16.18
CA THR E 297 -60.26 -24.37 15.56
C THR E 297 -59.33 -23.23 15.91
N ILE E 298 -59.17 -22.30 14.96
CA ILE E 298 -58.59 -21.01 15.23
C ILE E 298 -59.78 -20.06 15.16
N GLN E 299 -60.03 -19.35 16.26
CA GLN E 299 -61.12 -18.39 16.38
C GLN E 299 -60.55 -17.01 16.67
N VAL E 300 -61.33 -16.16 17.31
CA VAL E 300 -60.85 -14.89 17.81
C VAL E 300 -61.53 -14.58 19.13
N PHE E 301 -60.76 -14.19 20.15
CA PHE E 301 -61.28 -14.23 21.53
C PHE E 301 -60.83 -13.04 22.38
N ASN E 302 -61.50 -12.85 23.52
CA ASN E 302 -61.09 -11.85 24.50
C ASN E 302 -59.60 -11.95 24.85
N SER E 303 -58.96 -10.79 24.96
CA SER E 303 -57.52 -10.74 25.15
C SER E 303 -57.11 -11.05 26.59
N ASN E 304 -56.77 -12.31 26.85
CA ASN E 304 -56.30 -12.76 28.17
C ASN E 304 -54.79 -12.95 28.16
N GLY E 305 -54.23 -13.22 29.33
CA GLY E 305 -52.81 -13.52 29.51
C GLY E 305 -52.08 -14.06 28.29
N GLY E 306 -52.33 -15.31 27.91
CA GLY E 306 -51.79 -15.82 26.66
C GLY E 306 -51.51 -17.31 26.55
N ASP E 307 -50.41 -17.60 25.86
CA ASP E 307 -50.07 -18.92 25.31
C ASP E 307 -51.11 -19.33 24.24
N ASN E 308 -52.34 -19.50 24.71
CA ASN E 308 -53.53 -19.48 23.85
C ASN E 308 -53.50 -18.38 22.76
N GLN E 309 -53.12 -17.17 23.17
CA GLN E 309 -53.20 -15.95 22.36
C GLN E 309 -51.92 -15.63 21.56
N ILE E 310 -50.79 -16.17 22.01
CA ILE E 310 -49.50 -15.92 21.34
C ILE E 310 -49.28 -16.84 20.13
N TRP E 311 -48.59 -16.29 19.12
CA TRP E 311 -48.26 -16.97 17.87
C TRP E 311 -46.81 -16.71 17.48
N THR E 312 -46.36 -17.38 16.42
CA THR E 312 -44.98 -17.23 15.95
C THR E 312 -44.87 -17.35 14.43
N MET E 313 -44.34 -16.32 13.77
CA MET E 313 -44.24 -16.32 12.31
C MET E 313 -42.80 -16.56 11.88
N SER E 314 -42.65 -17.26 10.76
CA SER E 314 -41.37 -17.87 10.36
C SER E 314 -41.41 -18.41 8.93
N ASN E 315 -40.24 -18.53 8.32
CA ASN E 315 -40.11 -18.86 6.89
C ASN E 315 -40.60 -20.27 6.58
N PRO E 316 -41.12 -20.49 5.37
CA PRO E 316 -41.44 -21.87 5.00
C PRO E 316 -40.19 -22.67 4.67
#